data_2AHQ
#
_entry.id   2AHQ
#
_cell.length_a   1.000
_cell.length_b   1.000
_cell.length_c   1.000
_cell.angle_alpha   90.00
_cell.angle_beta   90.00
_cell.angle_gamma   90.00
#
_symmetry.space_group_name_H-M   'P 1'
#
_entity_poly.entity_id   1
_entity_poly.type   'polypeptide(L)'
_entity_poly.pdbx_seq_one_letter_code
;TYSLRTFFVRESAEGLTQGELMKLIKEIVENEDKRKPYSDQEIANILKEKGFKVARRTVAKYREMLGIPSSRERRI
;
_entity_poly.pdbx_strand_id   A
#
# COMPACT_ATOMS: atom_id res chain seq x y z
N THR A 1 7.38 11.87 13.23
CA THR A 1 6.07 11.82 13.87
C THR A 1 5.13 10.89 13.11
N TYR A 2 5.62 9.69 12.84
CA TYR A 2 4.84 8.70 12.11
C TYR A 2 5.62 7.40 11.95
N SER A 3 6.89 7.54 11.62
CA SER A 3 7.75 6.38 11.43
C SER A 3 7.86 5.60 12.74
N LEU A 4 7.97 4.28 12.60
CA LEU A 4 8.08 3.41 13.75
C LEU A 4 8.32 1.97 13.29
N ARG A 5 8.83 1.16 14.20
CA ARG A 5 9.11 -0.22 13.89
C ARG A 5 10.05 -0.33 12.70
N THR A 6 10.53 -1.55 12.46
CA THR A 6 11.43 -1.80 11.35
C THR A 6 10.65 -1.98 10.05
N PHE A 7 11.37 -2.34 9.01
CA PHE A 7 10.76 -2.54 7.70
C PHE A 7 11.13 -3.91 7.13
N PHE A 8 10.17 -4.81 7.15
CA PHE A 8 10.38 -6.15 6.65
C PHE A 8 9.09 -6.97 6.68
N VAL A 9 8.24 -6.71 5.70
CA VAL A 9 6.97 -7.42 5.61
C VAL A 9 6.61 -7.63 4.13
N ARG A 10 7.47 -8.37 3.45
CA ARG A 10 7.25 -8.66 2.04
C ARG A 10 6.19 -9.75 1.88
N GLU A 11 6.50 -10.92 2.40
CA GLU A 11 5.57 -12.04 2.31
C GLU A 11 4.23 -11.68 2.96
N SER A 12 3.31 -11.25 2.12
CA SER A 12 1.99 -10.87 2.59
C SER A 12 2.10 -9.73 3.61
N ALA A 13 1.03 -8.96 3.72
CA ALA A 13 1.00 -7.84 4.65
C ALA A 13 0.82 -8.36 6.08
N GLU A 14 1.16 -7.52 7.03
CA GLU A 14 1.04 -7.89 8.43
C GLU A 14 -0.41 -7.71 8.91
N GLY A 15 -1.31 -8.26 8.11
CA GLY A 15 -2.73 -8.17 8.43
C GLY A 15 -3.15 -6.73 8.70
N LEU A 16 -2.32 -5.81 8.22
CA LEU A 16 -2.58 -4.39 8.39
C LEU A 16 -4.07 -4.13 8.20
N THR A 17 -4.52 -2.99 8.72
CA THR A 17 -5.92 -2.61 8.61
C THR A 17 -6.16 -1.85 7.30
N GLN A 18 -7.41 -1.88 6.86
CA GLN A 18 -7.78 -1.21 5.63
C GLN A 18 -7.37 0.27 5.68
N GLY A 19 -7.40 0.81 6.89
CA GLY A 19 -7.01 2.20 7.09
C GLY A 19 -5.50 2.39 6.92
N GLU A 20 -4.76 1.40 7.38
CA GLU A 20 -3.31 1.45 7.28
C GLU A 20 -2.88 1.39 5.83
N LEU A 21 -3.58 0.57 5.06
CA LEU A 21 -3.28 0.42 3.64
C LEU A 21 -3.50 1.76 2.93
N MET A 22 -4.56 2.44 3.33
CA MET A 22 -4.89 3.72 2.75
C MET A 22 -3.69 4.67 2.79
N LYS A 23 -3.25 4.98 4.01
CA LYS A 23 -2.12 5.87 4.19
C LYS A 23 -0.90 5.29 3.48
N LEU A 24 -0.89 3.97 3.36
CA LEU A 24 0.21 3.28 2.71
C LEU A 24 0.21 3.65 1.22
N ILE A 25 -0.98 3.63 0.64
CA ILE A 25 -1.12 3.94 -0.77
C ILE A 25 -0.78 5.42 -0.99
N LYS A 26 -1.31 6.26 -0.11
CA LYS A 26 -1.07 7.69 -0.19
C LYS A 26 0.42 7.96 0.02
N GLU A 27 1.00 7.22 0.95
CA GLU A 27 2.42 7.38 1.26
C GLU A 27 3.26 7.14 0.00
N ILE A 28 2.81 6.19 -0.79
CA ILE A 28 3.51 5.85 -2.02
C ILE A 28 3.40 7.02 -3.00
N VAL A 29 2.33 7.79 -2.84
CA VAL A 29 2.10 8.94 -3.70
C VAL A 29 2.70 10.19 -3.06
N GLU A 30 3.48 9.95 -2.01
CA GLU A 30 4.12 11.05 -1.30
C GLU A 30 5.22 11.67 -2.16
N ASN A 31 5.80 10.83 -3.01
CA ASN A 31 6.87 11.28 -3.89
C ASN A 31 6.67 10.66 -5.28
N GLU A 32 5.46 10.79 -5.79
CA GLU A 32 5.13 10.25 -7.10
C GLU A 32 5.98 10.93 -8.18
N ASP A 33 5.41 10.99 -9.37
CA ASP A 33 6.11 11.60 -10.49
C ASP A 33 5.07 12.02 -11.54
N LYS A 34 5.46 13.02 -12.33
CA LYS A 34 4.59 13.54 -13.36
C LYS A 34 4.61 12.58 -14.56
N ARG A 35 5.82 12.21 -14.96
CA ARG A 35 5.99 11.31 -16.08
C ARG A 35 5.93 9.86 -15.61
N LYS A 36 5.60 9.70 -14.33
CA LYS A 36 5.50 8.37 -13.75
C LYS A 36 4.81 8.48 -12.39
N PRO A 37 3.53 8.92 -12.42
CA PRO A 37 2.76 9.06 -11.20
C PRO A 37 2.31 7.70 -10.67
N TYR A 38 2.05 7.66 -9.37
CA TYR A 38 1.61 6.44 -8.72
C TYR A 38 0.10 6.26 -8.83
N SER A 39 -0.38 6.23 -10.07
CA SER A 39 -1.79 6.07 -10.32
C SER A 39 -2.26 4.70 -9.86
N ASP A 40 -3.58 4.52 -9.82
CA ASP A 40 -4.15 3.26 -9.40
C ASP A 40 -3.40 2.11 -10.06
N GLN A 41 -2.97 2.34 -11.29
CA GLN A 41 -2.24 1.34 -12.04
C GLN A 41 -0.89 1.07 -11.37
N GLU A 42 -0.20 2.14 -11.05
CA GLU A 42 1.10 2.03 -10.41
C GLU A 42 0.97 1.33 -9.06
N ILE A 43 0.37 2.05 -8.12
CA ILE A 43 0.18 1.51 -6.78
C ILE A 43 -0.28 0.06 -6.88
N ALA A 44 -1.24 -0.17 -7.76
CA ALA A 44 -1.77 -1.51 -7.96
C ALA A 44 -0.63 -2.45 -8.37
N ASN A 45 0.21 -1.95 -9.24
CA ASN A 45 1.35 -2.72 -9.72
C ASN A 45 2.30 -3.00 -8.56
N ILE A 46 2.46 -1.98 -7.72
CA ILE A 46 3.34 -2.09 -6.56
C ILE A 46 2.99 -3.36 -5.78
N LEU A 47 1.70 -3.58 -5.61
CA LEU A 47 1.22 -4.75 -4.89
C LEU A 47 1.87 -6.01 -5.49
N LYS A 48 2.05 -5.97 -6.79
CA LYS A 48 2.65 -7.10 -7.49
C LYS A 48 4.03 -7.38 -6.89
N GLU A 49 4.54 -6.40 -6.16
CA GLU A 49 5.84 -6.53 -5.52
C GLU A 49 5.81 -7.64 -4.48
N LYS A 50 4.64 -8.26 -4.35
CA LYS A 50 4.47 -9.34 -3.38
C LYS A 50 4.52 -8.77 -1.97
N GLY A 51 3.82 -7.65 -1.78
CA GLY A 51 3.77 -7.01 -0.49
C GLY A 51 2.36 -7.04 0.10
N PHE A 52 1.60 -6.01 -0.24
CA PHE A 52 0.22 -5.90 0.24
C PHE A 52 -0.73 -6.66 -0.68
N LYS A 53 -1.98 -6.75 -0.23
CA LYS A 53 -3.00 -7.43 -1.00
C LYS A 53 -4.02 -6.41 -1.51
N VAL A 54 -3.67 -5.77 -2.63
CA VAL A 54 -4.53 -4.78 -3.23
C VAL A 54 -5.08 -5.33 -4.55
N ALA A 55 -5.36 -4.41 -5.47
CA ALA A 55 -5.89 -4.79 -6.76
C ALA A 55 -6.55 -3.57 -7.41
N ARG A 56 -6.39 -3.47 -8.72
CA ARG A 56 -6.96 -2.36 -9.47
C ARG A 56 -8.28 -1.92 -8.84
N ARG A 57 -9.11 -2.91 -8.52
CA ARG A 57 -10.40 -2.64 -7.91
C ARG A 57 -10.22 -1.92 -6.57
N THR A 58 -9.44 -2.54 -5.70
CA THR A 58 -9.17 -1.97 -4.39
C THR A 58 -8.49 -0.61 -4.53
N VAL A 59 -7.53 -0.55 -5.44
CA VAL A 59 -6.81 0.68 -5.68
C VAL A 59 -7.77 1.75 -6.18
N ALA A 60 -8.65 1.35 -7.09
CA ALA A 60 -9.63 2.25 -7.66
C ALA A 60 -10.43 2.89 -6.52
N LYS A 61 -10.79 2.06 -5.56
CA LYS A 61 -11.57 2.53 -4.41
C LYS A 61 -10.74 3.55 -3.64
N TYR A 62 -9.48 3.22 -3.42
CA TYR A 62 -8.58 4.09 -2.69
C TYR A 62 -8.30 5.37 -3.48
N ARG A 63 -8.10 5.19 -4.78
CA ARG A 63 -7.82 6.31 -5.66
C ARG A 63 -8.80 7.46 -5.39
N GLU A 64 -10.06 7.07 -5.20
CA GLU A 64 -11.10 8.05 -4.94
C GLU A 64 -10.94 8.63 -3.54
N MET A 65 -10.55 7.77 -2.61
CA MET A 65 -10.35 8.19 -1.23
C MET A 65 -9.17 9.15 -1.11
N LEU A 66 -8.31 9.11 -2.13
CA LEU A 66 -7.15 9.96 -2.15
C LEU A 66 -6.76 10.27 -3.60
N GLY A 67 -6.32 9.23 -4.29
CA GLY A 67 -5.93 9.38 -5.68
C GLY A 67 -4.61 10.14 -5.80
N THR A 1 20.07 29.18 19.78
CA THR A 1 20.98 28.64 20.77
C THR A 1 20.90 27.12 20.82
N TYR A 2 21.99 26.49 20.44
CA TYR A 2 22.06 25.03 20.42
C TYR A 2 21.15 24.46 19.33
N SER A 3 21.68 23.48 18.61
CA SER A 3 20.91 22.84 17.55
C SER A 3 20.49 21.44 17.99
N LEU A 4 19.68 20.82 17.14
CA LEU A 4 19.19 19.48 17.44
C LEU A 4 19.49 18.56 16.25
N ARG A 5 18.84 17.41 16.26
CA ARG A 5 19.02 16.44 15.19
C ARG A 5 17.75 15.61 14.99
N THR A 6 17.38 15.45 13.73
CA THR A 6 16.19 14.68 13.40
C THR A 6 16.54 13.21 13.20
N PHE A 7 15.51 12.38 13.17
CA PHE A 7 15.69 10.95 12.98
C PHE A 7 15.11 10.50 11.64
N PHE A 8 15.22 9.19 11.40
CA PHE A 8 14.71 8.62 10.16
C PHE A 8 13.41 7.87 10.42
N VAL A 9 12.70 7.59 9.33
CA VAL A 9 11.44 6.87 9.42
C VAL A 9 11.70 5.37 9.30
N ARG A 10 11.39 4.84 8.12
CA ARG A 10 11.58 3.42 7.87
C ARG A 10 11.22 3.09 6.42
N GLU A 11 9.97 3.39 6.07
CA GLU A 11 9.48 3.13 4.73
C GLU A 11 9.20 1.64 4.55
N SER A 12 8.59 1.32 3.42
CA SER A 12 8.26 -0.06 3.12
C SER A 12 7.25 -0.59 4.14
N ALA A 13 6.43 -1.54 3.68
CA ALA A 13 5.43 -2.13 4.55
C ALA A 13 5.94 -3.47 5.06
N GLU A 14 5.29 -3.95 6.11
CA GLU A 14 5.65 -5.22 6.72
C GLU A 14 4.47 -5.81 7.49
N GLY A 15 3.50 -6.28 6.72
CA GLY A 15 2.30 -6.87 7.32
C GLY A 15 1.35 -5.79 7.84
N LEU A 16 1.51 -4.60 7.28
CA LEU A 16 0.68 -3.48 7.68
C LEU A 16 -0.78 -3.94 7.77
N THR A 17 -1.61 -3.08 8.34
CA THR A 17 -3.03 -3.38 8.49
C THR A 17 -3.80 -2.96 7.24
N GLN A 18 -4.96 -3.58 7.05
CA GLN A 18 -5.79 -3.28 5.91
C GLN A 18 -6.13 -1.79 5.87
N GLY A 19 -6.28 -1.22 7.06
CA GLY A 19 -6.60 0.19 7.17
C GLY A 19 -5.39 1.06 6.80
N GLU A 20 -4.23 0.59 7.19
CA GLU A 20 -2.99 1.31 6.91
C GLU A 20 -2.72 1.33 5.40
N LEU A 21 -3.08 0.22 4.76
CA LEU A 21 -2.88 0.11 3.32
C LEU A 21 -3.19 1.43 2.65
N MET A 22 -4.25 2.08 3.13
CA MET A 22 -4.67 3.35 2.59
C MET A 22 -3.50 4.35 2.60
N LYS A 23 -2.93 4.53 3.78
CA LYS A 23 -1.80 5.44 3.94
C LYS A 23 -0.59 4.91 3.18
N LEU A 24 -0.57 3.59 3.02
CA LEU A 24 0.52 2.95 2.31
C LEU A 24 0.49 3.35 0.85
N ILE A 25 -0.72 3.36 0.29
CA ILE A 25 -0.89 3.73 -1.10
C ILE A 25 -0.58 5.22 -1.27
N LYS A 26 -1.10 6.02 -0.34
CA LYS A 26 -0.89 7.44 -0.38
C LYS A 26 0.61 7.74 -0.22
N GLU A 27 1.27 6.90 0.56
CA GLU A 27 2.69 7.06 0.80
C GLU A 27 3.45 7.09 -0.53
N ILE A 28 3.02 6.24 -1.45
CA ILE A 28 3.64 6.16 -2.75
C ILE A 28 3.36 7.45 -3.53
N VAL A 29 2.14 7.94 -3.37
CA VAL A 29 1.74 9.16 -4.05
C VAL A 29 2.24 10.37 -3.26
N GLU A 30 2.88 10.07 -2.13
CA GLU A 30 3.42 11.12 -1.28
C GLU A 30 4.62 11.78 -1.95
N ASN A 31 5.09 11.14 -3.01
CA ASN A 31 6.23 11.66 -3.76
C ASN A 31 6.22 11.07 -5.17
N GLU A 32 5.09 11.22 -5.83
CA GLU A 32 4.93 10.71 -7.18
C GLU A 32 5.92 11.41 -8.13
N ASP A 33 5.57 11.40 -9.41
CA ASP A 33 6.42 12.03 -10.41
C ASP A 33 5.57 12.34 -11.65
N LYS A 34 6.11 13.22 -12.48
CA LYS A 34 5.41 13.61 -13.70
C LYS A 34 5.39 12.43 -14.67
N ARG A 35 6.57 12.08 -15.16
CA ARG A 35 6.70 10.98 -16.10
C ARG A 35 6.55 9.64 -15.35
N LYS A 36 6.43 9.74 -14.05
CA LYS A 36 6.28 8.55 -13.21
C LYS A 36 5.25 8.83 -12.12
N PRO A 37 3.96 8.75 -12.52
CA PRO A 37 2.87 8.98 -11.58
C PRO A 37 2.69 7.79 -10.64
N TYR A 38 1.50 7.72 -10.05
CA TYR A 38 1.19 6.63 -9.13
C TYR A 38 -0.31 6.37 -9.08
N SER A 39 -0.88 6.18 -10.27
CA SER A 39 -2.31 5.92 -10.38
C SER A 39 -2.61 4.51 -9.86
N ASP A 40 -3.90 4.25 -9.71
CA ASP A 40 -4.35 2.95 -9.22
C ASP A 40 -3.59 1.85 -9.96
N GLN A 41 -3.28 2.12 -11.22
CA GLN A 41 -2.57 1.16 -12.04
C GLN A 41 -1.15 0.94 -11.48
N GLU A 42 -0.43 2.04 -11.35
CA GLU A 42 0.94 1.97 -10.84
C GLU A 42 0.93 1.45 -9.40
N ILE A 43 0.32 2.23 -8.52
CA ILE A 43 0.24 1.86 -7.12
C ILE A 43 -0.09 0.37 -7.00
N ALA A 44 -1.08 -0.04 -7.78
CA ALA A 44 -1.50 -1.43 -7.77
C ALA A 44 -0.31 -2.32 -8.13
N ASN A 45 0.42 -1.89 -9.14
CA ASN A 45 1.58 -2.63 -9.60
C ASN A 45 2.68 -2.57 -8.54
N ILE A 46 2.60 -1.51 -7.73
CA ILE A 46 3.58 -1.31 -6.67
C ILE A 46 3.33 -2.34 -5.56
N LEU A 47 2.07 -2.44 -5.16
CA LEU A 47 1.68 -3.35 -4.11
C LEU A 47 2.09 -4.78 -4.51
N LYS A 48 2.12 -5.00 -5.81
CA LYS A 48 2.49 -6.31 -6.35
C LYS A 48 3.88 -6.68 -5.83
N GLU A 49 4.72 -5.67 -5.70
CA GLU A 49 6.08 -5.88 -5.22
C GLU A 49 6.08 -6.90 -4.08
N LYS A 50 4.97 -6.96 -3.38
CA LYS A 50 4.83 -7.89 -2.26
C LYS A 50 3.55 -8.69 -2.43
N GLY A 51 2.52 -8.01 -2.93
CA GLY A 51 1.23 -8.66 -3.13
C GLY A 51 0.22 -8.23 -2.05
N PHE A 52 0.77 -7.72 -0.95
CA PHE A 52 -0.07 -7.28 0.15
C PHE A 52 -1.46 -7.90 0.07
N LYS A 53 -2.45 -7.04 -0.15
CA LYS A 53 -3.83 -7.48 -0.25
C LYS A 53 -4.65 -6.41 -0.96
N VAL A 54 -4.09 -5.89 -2.04
CA VAL A 54 -4.77 -4.86 -2.80
C VAL A 54 -5.23 -5.45 -4.15
N ALA A 55 -5.48 -4.56 -5.09
CA ALA A 55 -5.93 -4.97 -6.41
C ALA A 55 -6.58 -3.79 -7.13
N ARG A 56 -6.40 -3.76 -8.43
CA ARG A 56 -6.97 -2.70 -9.25
C ARG A 56 -8.27 -2.19 -8.63
N ARG A 57 -9.12 -3.15 -8.27
CA ARG A 57 -10.40 -2.82 -7.67
C ARG A 57 -10.20 -2.06 -6.36
N THR A 58 -9.40 -2.65 -5.49
CA THR A 58 -9.11 -2.03 -4.20
C THR A 58 -8.45 -0.67 -4.39
N VAL A 59 -7.43 -0.66 -5.24
CA VAL A 59 -6.70 0.57 -5.52
C VAL A 59 -7.68 1.63 -6.02
N ALA A 60 -8.53 1.20 -6.95
CA ALA A 60 -9.52 2.10 -7.53
C ALA A 60 -10.30 2.79 -6.40
N LYS A 61 -10.67 1.98 -5.41
CA LYS A 61 -11.41 2.50 -4.28
C LYS A 61 -10.55 3.51 -3.51
N TYR A 62 -9.29 3.15 -3.34
CA TYR A 62 -8.36 4.01 -2.63
C TYR A 62 -8.10 5.30 -3.42
N ARG A 63 -7.98 5.14 -4.74
CA ARG A 63 -7.73 6.28 -5.61
C ARG A 63 -8.74 7.39 -5.32
N GLU A 64 -9.99 6.99 -5.13
CA GLU A 64 -11.05 7.94 -4.85
C GLU A 64 -10.87 8.53 -3.45
N MET A 65 -10.47 7.68 -2.53
CA MET A 65 -10.26 8.11 -1.15
C MET A 65 -9.07 9.06 -1.05
N LEU A 66 -8.06 8.77 -1.85
CA LEU A 66 -6.86 9.61 -1.86
C LEU A 66 -7.11 10.83 -2.74
N GLY A 67 -7.11 10.60 -4.04
CA GLY A 67 -7.34 11.68 -5.00
C GLY A 67 -8.80 12.12 -5.00
N THR A 1 19.74 -28.78 25.39
CA THR A 1 20.83 -29.00 26.32
C THR A 1 22.11 -28.33 25.81
N TYR A 2 21.94 -27.14 25.25
CA TYR A 2 23.06 -26.39 24.72
C TYR A 2 22.60 -25.06 24.11
N SER A 3 21.78 -25.17 23.08
CA SER A 3 21.26 -24.00 22.40
C SER A 3 20.15 -24.39 21.44
N LEU A 4 19.48 -23.38 20.90
CA LEU A 4 18.39 -23.61 19.97
C LEU A 4 18.34 -22.46 18.96
N ARG A 5 18.10 -22.82 17.71
CA ARG A 5 18.02 -21.84 16.65
C ARG A 5 16.60 -21.29 16.53
N THR A 6 16.50 -20.11 15.91
CA THR A 6 15.20 -19.48 15.74
C THR A 6 14.60 -19.86 14.38
N PHE A 7 13.50 -19.20 14.05
CA PHE A 7 12.82 -19.46 12.79
C PHE A 7 12.26 -18.18 12.20
N PHE A 8 11.72 -18.31 10.99
CA PHE A 8 11.14 -17.16 10.30
C PHE A 8 10.63 -17.56 8.92
N VAL A 9 9.73 -16.73 8.40
CA VAL A 9 9.15 -16.99 7.10
C VAL A 9 8.91 -15.66 6.38
N ARG A 10 7.63 -15.29 6.29
CA ARG A 10 7.26 -14.04 5.64
C ARG A 10 5.75 -13.83 5.75
N GLU A 11 5.01 -14.64 4.99
CA GLU A 11 3.56 -14.55 4.99
C GLU A 11 3.11 -13.38 4.13
N SER A 12 1.83 -13.39 3.79
CA SER A 12 1.26 -12.33 2.96
C SER A 12 1.54 -10.97 3.59
N ALA A 13 0.99 -9.94 2.97
CA ALA A 13 1.17 -8.58 3.45
C ALA A 13 1.07 -8.57 4.98
N GLU A 14 1.59 -7.50 5.57
CA GLU A 14 1.56 -7.36 7.02
C GLU A 14 0.12 -7.41 7.53
N GLY A 15 0.00 -7.39 8.84
CA GLY A 15 -1.31 -7.45 9.48
C GLY A 15 -1.96 -6.06 9.50
N LEU A 16 -1.27 -5.11 8.89
CA LEU A 16 -1.76 -3.74 8.84
C LEU A 16 -3.27 -3.76 8.58
N THR A 17 -3.93 -2.70 9.03
CA THR A 17 -5.36 -2.58 8.85
C THR A 17 -5.68 -1.96 7.49
N GLN A 18 -6.91 -2.16 7.06
CA GLN A 18 -7.37 -1.63 5.79
C GLN A 18 -7.13 -0.12 5.73
N GLY A 19 -7.25 0.50 6.89
CA GLY A 19 -7.05 1.95 7.00
C GLY A 19 -5.58 2.31 6.81
N GLU A 20 -4.72 1.45 7.34
CA GLU A 20 -3.28 1.67 7.24
C GLU A 20 -2.83 1.57 5.79
N LEU A 21 -3.42 0.61 5.08
CA LEU A 21 -3.08 0.39 3.69
C LEU A 21 -3.39 1.66 2.89
N MET A 22 -4.50 2.29 3.24
CA MET A 22 -4.91 3.50 2.57
C MET A 22 -3.79 4.55 2.57
N LYS A 23 -3.35 4.89 3.77
CA LYS A 23 -2.29 5.87 3.93
C LYS A 23 -1.04 5.36 3.23
N LEU A 24 -0.92 4.05 3.17
CA LEU A 24 0.23 3.42 2.53
C LEU A 24 0.21 3.74 1.03
N ILE A 25 -0.99 3.65 0.46
CA ILE A 25 -1.15 3.92 -0.96
C ILE A 25 -0.84 5.39 -1.23
N LYS A 26 -1.37 6.25 -0.38
CA LYS A 26 -1.16 7.68 -0.52
C LYS A 26 0.32 8.00 -0.29
N GLU A 27 0.95 7.18 0.54
CA GLU A 27 2.35 7.35 0.84
C GLU A 27 3.19 7.25 -0.43
N ILE A 28 2.79 6.33 -1.29
CA ILE A 28 3.49 6.11 -2.54
C ILE A 28 3.34 7.36 -3.43
N VAL A 29 2.16 7.95 -3.35
CA VAL A 29 1.87 9.14 -4.14
C VAL A 29 2.47 10.36 -3.43
N GLU A 30 3.06 10.10 -2.28
CA GLU A 30 3.68 11.17 -1.50
C GLU A 30 4.96 11.66 -2.20
N ASN A 31 5.58 10.74 -2.93
CA ASN A 31 6.81 11.07 -3.64
C ASN A 31 6.75 10.48 -5.04
N GLU A 32 5.65 10.78 -5.73
CA GLU A 32 5.46 10.29 -7.08
C GLU A 32 6.55 10.83 -8.01
N ASP A 33 6.24 10.85 -9.30
CA ASP A 33 7.18 11.34 -10.29
C ASP A 33 6.42 11.75 -11.54
N LYS A 34 6.93 12.79 -12.20
CA LYS A 34 6.31 13.30 -13.41
C LYS A 34 6.06 12.13 -14.38
N ARG A 35 7.15 11.71 -15.01
CA ARG A 35 7.07 10.60 -15.97
C ARG A 35 6.77 9.29 -15.23
N LYS A 36 6.79 9.37 -13.90
CA LYS A 36 6.53 8.20 -13.09
C LYS A 36 5.53 8.57 -12.00
N PRO A 37 4.22 8.59 -12.41
CA PRO A 37 3.15 8.92 -11.47
C PRO A 37 2.88 7.75 -10.53
N TYR A 38 1.69 7.79 -9.94
CA TYR A 38 1.28 6.74 -9.01
C TYR A 38 -0.24 6.61 -8.96
N SER A 39 -0.82 6.42 -10.15
CA SER A 39 -2.26 6.28 -10.25
C SER A 39 -2.68 4.88 -9.79
N ASP A 40 -3.99 4.66 -9.81
CA ASP A 40 -4.53 3.38 -9.40
C ASP A 40 -3.72 2.25 -10.05
N GLN A 41 -3.25 2.53 -11.26
CA GLN A 41 -2.46 1.55 -11.99
C GLN A 41 -1.15 1.28 -11.27
N GLU A 42 -0.24 2.24 -11.35
CA GLU A 42 1.06 2.11 -10.72
C GLU A 42 0.91 1.49 -9.32
N ILE A 43 0.26 2.23 -8.45
CA ILE A 43 0.04 1.77 -7.09
C ILE A 43 -0.40 0.30 -7.12
N ALA A 44 -1.38 0.03 -7.96
CA ALA A 44 -1.90 -1.32 -8.09
C ALA A 44 -0.77 -2.26 -8.52
N ASN A 45 0.04 -1.78 -9.46
CA ASN A 45 1.16 -2.56 -9.95
C ASN A 45 2.14 -2.81 -8.81
N ILE A 46 2.31 -1.80 -7.98
CA ILE A 46 3.22 -1.89 -6.84
C ILE A 46 2.90 -3.15 -6.05
N LEU A 47 1.60 -3.36 -5.83
CA LEU A 47 1.16 -4.52 -5.09
C LEU A 47 1.78 -5.78 -5.68
N LYS A 48 1.93 -5.77 -6.99
CA LYS A 48 2.52 -6.89 -7.69
C LYS A 48 3.91 -7.18 -7.13
N GLU A 49 4.45 -6.18 -6.44
CA GLU A 49 5.77 -6.31 -5.84
C GLU A 49 5.75 -7.39 -4.76
N LYS A 50 4.59 -7.98 -4.57
CA LYS A 50 4.42 -9.03 -3.58
C LYS A 50 4.55 -8.42 -2.18
N GLY A 51 3.88 -7.29 -1.99
CA GLY A 51 3.91 -6.61 -0.71
C GLY A 51 2.52 -6.61 -0.05
N PHE A 52 1.76 -5.58 -0.35
CA PHE A 52 0.41 -5.46 0.21
C PHE A 52 -0.59 -6.24 -0.63
N LYS A 53 -1.75 -6.49 -0.03
CA LYS A 53 -2.81 -7.22 -0.70
C LYS A 53 -3.82 -6.23 -1.28
N VAL A 54 -3.47 -5.68 -2.43
CA VAL A 54 -4.33 -4.72 -3.09
C VAL A 54 -4.78 -5.29 -4.44
N ALA A 55 -5.36 -4.42 -5.26
CA ALA A 55 -5.83 -4.82 -6.57
C ALA A 55 -6.57 -3.65 -7.22
N ARG A 56 -6.48 -3.60 -8.54
CA ARG A 56 -7.15 -2.54 -9.29
C ARG A 56 -8.43 -2.11 -8.59
N ARG A 57 -9.22 -3.11 -8.21
CA ARG A 57 -10.48 -2.86 -7.53
C ARG A 57 -10.23 -2.13 -6.22
N THR A 58 -9.39 -2.73 -5.39
CA THR A 58 -9.06 -2.14 -4.10
C THR A 58 -8.43 -0.75 -4.28
N VAL A 59 -7.53 -0.68 -5.25
CA VAL A 59 -6.85 0.58 -5.55
C VAL A 59 -7.89 1.62 -5.99
N ALA A 60 -8.83 1.17 -6.80
CA ALA A 60 -9.87 2.04 -7.30
C ALA A 60 -10.65 2.63 -6.12
N LYS A 61 -10.93 1.77 -5.15
CA LYS A 61 -11.66 2.19 -3.97
C LYS A 61 -10.84 3.24 -3.21
N TYR A 62 -9.56 2.94 -3.07
CA TYR A 62 -8.66 3.85 -2.37
C TYR A 62 -8.48 5.16 -3.15
N ARG A 63 -8.38 5.02 -4.47
CA ARG A 63 -8.21 6.17 -5.33
C ARG A 63 -9.33 7.19 -5.08
N GLU A 64 -10.53 6.66 -4.94
CA GLU A 64 -11.70 7.51 -4.70
C GLU A 64 -11.62 8.13 -3.31
N MET A 65 -11.15 7.33 -2.36
CA MET A 65 -11.04 7.79 -0.99
C MET A 65 -9.95 8.87 -0.86
N LEU A 66 -8.89 8.68 -1.63
CA LEU A 66 -7.77 9.62 -1.61
C LEU A 66 -8.09 10.79 -2.55
N GLY A 67 -8.06 10.49 -3.84
CA GLY A 67 -8.34 11.50 -4.84
C GLY A 67 -7.35 11.41 -6.01
N THR A 1 -8.95 -22.41 35.85
CA THR A 1 -8.99 -22.12 37.27
C THR A 1 -8.89 -20.61 37.50
N TYR A 2 -7.89 -20.01 36.89
CA TYR A 2 -7.67 -18.58 37.02
C TYR A 2 -8.25 -17.82 35.82
N SER A 3 -7.79 -18.21 34.65
CA SER A 3 -8.25 -17.59 33.42
C SER A 3 -7.46 -18.14 32.23
N LEU A 4 -7.89 -17.73 31.04
CA LEU A 4 -7.24 -18.17 29.81
C LEU A 4 -7.78 -17.36 28.64
N ARG A 5 -7.05 -17.42 27.54
CA ARG A 5 -7.44 -16.69 26.34
C ARG A 5 -6.48 -17.01 25.19
N THR A 6 -6.85 -16.56 24.00
CA THR A 6 -6.03 -16.78 22.82
C THR A 6 -6.24 -15.65 21.81
N PHE A 7 -5.21 -15.42 21.00
CA PHE A 7 -5.26 -14.38 20.00
C PHE A 7 -5.91 -14.90 18.70
N PHE A 8 -6.62 -14.01 18.05
CA PHE A 8 -7.29 -14.36 16.80
C PHE A 8 -8.01 -13.14 16.21
N VAL A 9 -8.70 -13.39 15.10
CA VAL A 9 -9.43 -12.33 14.43
C VAL A 9 -8.46 -11.23 14.01
N ARG A 10 -7.94 -11.35 12.80
CA ARG A 10 -7.01 -10.37 12.28
C ARG A 10 -7.05 -10.35 10.75
N GLU A 11 -6.64 -11.47 10.16
CA GLU A 11 -6.63 -11.60 8.72
C GLU A 11 -6.11 -10.31 8.08
N SER A 12 -6.58 -10.06 6.87
CA SER A 12 -6.17 -8.87 6.14
C SER A 12 -4.81 -9.09 5.49
N ALA A 13 -4.25 -8.01 4.96
CA ALA A 13 -2.96 -8.07 4.32
C ALA A 13 -1.90 -8.50 5.34
N GLU A 14 -0.87 -7.68 5.47
CA GLU A 14 0.20 -7.96 6.40
C GLU A 14 -0.21 -7.56 7.82
N GLY A 15 -1.40 -7.99 8.20
CA GLY A 15 -1.92 -7.69 9.52
C GLY A 15 -2.27 -6.21 9.65
N LEU A 16 -2.12 -5.50 8.54
CA LEU A 16 -2.41 -4.08 8.51
C LEU A 16 -3.91 -3.88 8.36
N THR A 17 -4.37 -2.72 8.85
CA THR A 17 -5.79 -2.39 8.77
C THR A 17 -6.11 -1.71 7.45
N GLN A 18 -7.38 -1.82 7.06
CA GLN A 18 -7.83 -1.22 5.82
C GLN A 18 -7.39 0.25 5.74
N GLY A 19 -7.35 0.89 6.90
CA GLY A 19 -6.96 2.27 6.97
C GLY A 19 -5.46 2.43 6.75
N GLU A 20 -4.70 1.52 7.34
CA GLU A 20 -3.25 1.55 7.20
C GLU A 20 -2.86 1.47 5.72
N LEU A 21 -3.57 0.62 4.99
CA LEU A 21 -3.31 0.45 3.58
C LEU A 21 -3.46 1.78 2.86
N MET A 22 -4.49 2.52 3.27
CA MET A 22 -4.76 3.82 2.67
C MET A 22 -3.52 4.73 2.75
N LYS A 23 -3.08 4.97 3.98
CA LYS A 23 -1.92 5.81 4.20
C LYS A 23 -0.70 5.19 3.50
N LEU A 24 -0.74 3.87 3.39
CA LEU A 24 0.35 3.16 2.75
C LEU A 24 0.38 3.50 1.26
N ILE A 25 -0.80 3.52 0.67
CA ILE A 25 -0.92 3.82 -0.74
C ILE A 25 -0.53 5.29 -0.98
N LYS A 26 -1.07 6.15 -0.13
CA LYS A 26 -0.79 7.58 -0.22
C LYS A 26 0.69 7.81 0.06
N GLU A 27 1.29 6.87 0.77
CA GLU A 27 2.70 6.97 1.12
C GLU A 27 3.56 6.86 -0.14
N ILE A 28 3.15 5.96 -1.02
CA ILE A 28 3.87 5.75 -2.26
C ILE A 28 3.74 6.98 -3.15
N VAL A 29 2.65 7.71 -2.93
CA VAL A 29 2.39 8.92 -3.70
C VAL A 29 2.98 10.12 -2.96
N GLU A 30 3.92 9.83 -2.08
CA GLU A 30 4.56 10.87 -1.30
C GLU A 30 5.45 11.74 -2.20
N ASN A 31 5.94 11.12 -3.26
CA ASN A 31 6.79 11.82 -4.21
C ASN A 31 6.58 11.24 -5.61
N GLU A 32 5.32 11.23 -6.02
CA GLU A 32 4.96 10.71 -7.33
C GLU A 32 5.62 11.54 -8.42
N ASP A 33 5.02 11.47 -9.61
CA ASP A 33 5.55 12.22 -10.74
C ASP A 33 4.44 12.38 -11.79
N LYS A 34 4.48 13.51 -12.49
CA LYS A 34 3.51 13.80 -13.51
C LYS A 34 3.69 12.83 -14.68
N ARG A 35 4.95 12.57 -15.01
CA ARG A 35 5.27 11.68 -16.10
C ARG A 35 4.87 10.24 -15.75
N LYS A 36 5.33 9.81 -14.58
CA LYS A 36 5.03 8.47 -14.10
C LYS A 36 4.52 8.54 -12.65
N PRO A 37 3.25 8.99 -12.52
CA PRO A 37 2.64 9.11 -11.20
C PRO A 37 2.26 7.73 -10.64
N TYR A 38 2.13 7.68 -9.32
CA TYR A 38 1.77 6.43 -8.66
C TYR A 38 0.25 6.25 -8.63
N SER A 39 -0.32 6.15 -9.81
CA SER A 39 -1.76 5.97 -9.94
C SER A 39 -2.15 4.59 -9.41
N ASP A 40 -3.44 4.28 -9.57
CA ASP A 40 -3.96 3.00 -9.12
C ASP A 40 -3.18 1.87 -9.79
N GLN A 41 -2.79 2.12 -11.03
CA GLN A 41 -2.04 1.14 -11.79
C GLN A 41 -0.67 0.91 -11.15
N GLU A 42 0.01 2.00 -10.87
CA GLU A 42 1.33 1.93 -10.26
C GLU A 42 1.24 1.26 -8.90
N ILE A 43 0.65 1.97 -7.95
CA ILE A 43 0.50 1.45 -6.60
C ILE A 43 0.10 -0.03 -6.67
N ALA A 44 -0.88 -0.30 -7.52
CA ALA A 44 -1.37 -1.65 -7.69
C ALA A 44 -0.20 -2.56 -8.10
N ASN A 45 0.61 -2.06 -9.02
CA ASN A 45 1.75 -2.81 -9.50
C ASN A 45 2.76 -2.99 -8.36
N ILE A 46 2.78 -1.99 -7.49
CA ILE A 46 3.70 -2.02 -6.35
C ILE A 46 3.30 -3.16 -5.41
N LEU A 47 2.01 -3.17 -5.07
CA LEU A 47 1.49 -4.20 -4.18
C LEU A 47 1.77 -5.57 -4.78
N LYS A 48 1.72 -5.64 -6.10
CA LYS A 48 1.97 -6.89 -6.79
C LYS A 48 3.35 -7.42 -6.41
N GLU A 49 4.14 -6.53 -5.82
CA GLU A 49 5.48 -6.90 -5.39
C GLU A 49 5.43 -7.97 -4.31
N LYS A 50 4.26 -8.60 -4.20
CA LYS A 50 4.06 -9.64 -3.20
C LYS A 50 4.06 -9.01 -1.80
N GLY A 51 3.28 -7.95 -1.67
CA GLY A 51 3.18 -7.26 -0.39
C GLY A 51 1.76 -7.31 0.15
N PHE A 52 1.02 -6.23 -0.11
CA PHE A 52 -0.36 -6.14 0.34
C PHE A 52 -1.31 -6.77 -0.68
N LYS A 53 -2.51 -7.09 -0.19
CA LYS A 53 -3.51 -7.70 -1.04
C LYS A 53 -4.47 -6.61 -1.56
N VAL A 54 -4.14 -6.11 -2.74
CA VAL A 54 -4.95 -5.07 -3.36
C VAL A 54 -5.43 -5.54 -4.73
N ALA A 55 -5.60 -4.58 -5.63
CA ALA A 55 -6.04 -4.88 -6.98
C ALA A 55 -6.53 -3.60 -7.65
N ARG A 56 -6.21 -3.48 -8.93
CA ARG A 56 -6.61 -2.31 -9.70
C ARG A 56 -7.95 -1.77 -9.18
N ARG A 57 -8.89 -2.69 -9.00
CA ARG A 57 -10.21 -2.33 -8.51
C ARG A 57 -10.10 -1.67 -7.13
N THR A 58 -9.47 -2.40 -6.22
CA THR A 58 -9.30 -1.90 -4.86
C THR A 58 -8.51 -0.60 -4.86
N VAL A 59 -7.43 -0.59 -5.63
CA VAL A 59 -6.58 0.59 -5.73
C VAL A 59 -7.41 1.75 -6.26
N ALA A 60 -8.16 1.47 -7.31
CA ALA A 60 -9.00 2.49 -7.93
C ALA A 60 -9.89 3.12 -6.87
N LYS A 61 -10.42 2.27 -5.99
CA LYS A 61 -11.29 2.73 -4.92
C LYS A 61 -10.50 3.66 -4.00
N TYR A 62 -9.27 3.24 -3.70
CA TYR A 62 -8.41 4.02 -2.82
C TYR A 62 -8.06 5.36 -3.46
N ARG A 63 -7.76 5.31 -4.75
CA ARG A 63 -7.40 6.51 -5.48
C ARG A 63 -8.46 7.59 -5.27
N GLU A 64 -9.72 7.17 -5.32
CA GLU A 64 -10.83 8.08 -5.13
C GLU A 64 -10.90 8.54 -3.68
N MET A 65 -10.59 7.63 -2.78
CA MET A 65 -10.62 7.93 -1.36
C MET A 65 -9.51 8.92 -0.99
N LEU A 66 -8.47 8.92 -1.80
CA LEU A 66 -7.34 9.81 -1.58
C LEU A 66 -6.67 10.14 -2.91
N GLY A 67 -6.20 9.08 -3.57
CA GLY A 67 -5.54 9.25 -4.86
C GLY A 67 -4.08 8.82 -4.78
N THR A 1 1.36 -26.92 34.02
CA THR A 1 0.23 -27.84 34.03
C THR A 1 -0.35 -27.99 32.63
N TYR A 2 -0.59 -26.85 32.00
CA TYR A 2 -1.14 -26.85 30.65
C TYR A 2 -1.30 -25.41 30.13
N SER A 3 -1.11 -25.28 28.83
CA SER A 3 -1.23 -23.97 28.19
C SER A 3 -0.54 -24.00 26.82
N LEU A 4 -1.37 -24.04 25.79
CA LEU A 4 -0.87 -24.06 24.43
C LEU A 4 -2.03 -23.87 23.45
N ARG A 5 -1.76 -24.19 22.19
CA ARG A 5 -2.77 -24.06 21.15
C ARG A 5 -3.19 -22.60 21.00
N THR A 6 -4.22 -22.38 20.18
CA THR A 6 -4.72 -21.05 19.94
C THR A 6 -3.63 -20.18 19.29
N PHE A 7 -3.57 -20.26 17.97
CA PHE A 7 -2.60 -19.49 17.22
C PHE A 7 -2.82 -19.65 15.71
N PHE A 8 -3.35 -18.61 15.11
CA PHE A 8 -3.61 -18.61 13.68
C PHE A 8 -4.22 -17.28 13.22
N VAL A 9 -4.39 -17.17 11.91
CA VAL A 9 -4.95 -15.96 11.33
C VAL A 9 -5.82 -16.32 10.13
N ARG A 10 -5.27 -16.10 8.95
CA ARG A 10 -5.99 -16.41 7.72
C ARG A 10 -5.11 -16.08 6.51
N GLU A 11 -5.15 -14.82 6.11
CA GLU A 11 -4.37 -14.37 4.96
C GLU A 11 -4.52 -12.85 4.78
N SER A 12 -3.39 -12.21 4.52
CA SER A 12 -3.39 -10.77 4.32
C SER A 12 -1.96 -10.29 4.02
N ALA A 13 -1.85 -8.98 3.82
CA ALA A 13 -0.55 -8.40 3.52
C ALA A 13 0.40 -8.62 4.69
N GLU A 14 1.28 -7.65 4.89
CA GLU A 14 2.24 -7.73 5.98
C GLU A 14 1.60 -7.31 7.31
N GLY A 15 0.42 -7.88 7.54
CA GLY A 15 -0.32 -7.58 8.76
C GLY A 15 -0.82 -6.13 8.75
N LEU A 16 -0.61 -5.47 7.64
CA LEU A 16 -1.03 -4.09 7.49
C LEU A 16 -2.55 -4.01 7.61
N THR A 17 -3.01 -2.87 8.12
CA THR A 17 -4.45 -2.66 8.30
C THR A 17 -5.04 -2.01 7.04
N GLN A 18 -6.34 -2.23 6.87
CA GLN A 18 -7.03 -1.67 5.72
C GLN A 18 -6.78 -0.16 5.63
N GLY A 19 -6.65 0.46 6.79
CA GLY A 19 -6.40 1.89 6.84
C GLY A 19 -4.96 2.21 6.46
N GLU A 20 -4.06 1.33 6.87
CA GLU A 20 -2.65 1.50 6.58
C GLU A 20 -2.42 1.57 5.07
N LEU A 21 -3.13 0.70 4.36
CA LEU A 21 -3.03 0.65 2.91
C LEU A 21 -3.21 2.06 2.34
N MET A 22 -4.18 2.77 2.90
CA MET A 22 -4.47 4.12 2.46
C MET A 22 -3.21 5.00 2.52
N LYS A 23 -2.68 5.13 3.73
CA LYS A 23 -1.49 5.93 3.94
C LYS A 23 -0.32 5.32 3.16
N LEU A 24 -0.36 4.01 3.04
CA LEU A 24 0.69 3.30 2.31
C LEU A 24 0.62 3.67 0.83
N ILE A 25 -0.60 3.69 0.31
CA ILE A 25 -0.81 4.02 -1.08
C ILE A 25 -0.46 5.49 -1.31
N LYS A 26 -0.94 6.33 -0.40
CA LYS A 26 -0.69 7.76 -0.48
C LYS A 26 0.81 8.02 -0.31
N GLU A 27 1.43 7.19 0.53
CA GLU A 27 2.85 7.32 0.79
C GLU A 27 3.64 7.31 -0.52
N ILE A 28 3.20 6.44 -1.42
CA ILE A 28 3.85 6.32 -2.72
C ILE A 28 3.62 7.60 -3.52
N VAL A 29 2.41 8.12 -3.42
CA VAL A 29 2.04 9.33 -4.14
C VAL A 29 2.50 10.54 -3.33
N GLU A 30 3.07 10.26 -2.16
CA GLU A 30 3.54 11.31 -1.29
C GLU A 30 4.39 12.31 -2.09
N ASN A 31 5.04 11.80 -3.12
CA ASN A 31 5.89 12.63 -3.96
C ASN A 31 6.07 11.95 -5.32
N GLU A 32 4.96 11.45 -5.85
CA GLU A 32 4.98 10.78 -7.14
C GLU A 32 5.91 11.53 -8.11
N ASP A 33 6.38 10.79 -9.10
CA ASP A 33 7.27 11.37 -10.10
C ASP A 33 6.44 12.05 -11.19
N LYS A 34 7.08 12.98 -11.88
CA LYS A 34 6.42 13.71 -12.94
C LYS A 34 6.01 12.73 -14.05
N ARG A 35 7.02 12.26 -14.77
CA ARG A 35 6.80 11.33 -15.86
C ARG A 35 6.49 9.94 -15.31
N LYS A 36 6.61 9.81 -13.99
CA LYS A 36 6.34 8.55 -13.33
C LYS A 36 5.46 8.79 -12.11
N PRO A 37 4.13 8.91 -12.38
CA PRO A 37 3.17 9.13 -11.32
C PRO A 37 2.93 7.86 -10.51
N TYR A 38 1.80 7.82 -9.84
CA TYR A 38 1.43 6.67 -9.03
C TYR A 38 -0.09 6.53 -8.91
N SER A 39 -0.72 6.34 -10.05
CA SER A 39 -2.17 6.20 -10.10
C SER A 39 -2.56 4.81 -9.59
N ASP A 40 -3.84 4.50 -9.75
CA ASP A 40 -4.36 3.22 -9.32
C ASP A 40 -3.61 2.10 -10.04
N GLN A 41 -3.25 2.38 -11.29
CA GLN A 41 -2.52 1.41 -12.09
C GLN A 41 -1.15 1.12 -11.47
N GLU A 42 -0.43 2.21 -11.18
CA GLU A 42 0.89 2.09 -10.59
C GLU A 42 0.80 1.43 -9.22
N ILE A 43 0.15 2.12 -8.30
CA ILE A 43 -0.01 1.61 -6.94
C ILE A 43 -0.39 0.13 -7.01
N ALA A 44 -1.35 -0.16 -7.87
CA ALA A 44 -1.82 -1.52 -8.04
C ALA A 44 -0.65 -2.42 -8.42
N ASN A 45 0.17 -1.91 -9.33
CA ASN A 45 1.33 -2.65 -9.80
C ASN A 45 2.34 -2.77 -8.66
N ILE A 46 2.31 -1.78 -7.78
CA ILE A 46 3.23 -1.76 -6.65
C ILE A 46 2.89 -2.93 -5.71
N LEU A 47 1.59 -3.19 -5.59
CA LEU A 47 1.13 -4.26 -4.73
C LEU A 47 1.79 -5.57 -5.15
N LYS A 48 1.98 -5.70 -6.46
CA LYS A 48 2.61 -6.89 -7.01
C LYS A 48 3.98 -7.09 -6.36
N GLU A 49 4.55 -5.98 -5.90
CA GLU A 49 5.85 -6.02 -5.26
C GLU A 49 5.94 -7.23 -4.31
N LYS A 50 4.78 -7.63 -3.81
CA LYS A 50 4.72 -8.76 -2.89
C LYS A 50 3.26 -9.20 -2.73
N GLY A 51 2.38 -8.20 -2.69
CA GLY A 51 0.97 -8.47 -2.54
C GLY A 51 0.23 -7.26 -1.95
N PHE A 52 0.57 -6.97 -0.70
CA PHE A 52 -0.05 -5.84 -0.01
C PHE A 52 -1.56 -6.00 0.05
N LYS A 53 -2.01 -7.20 -0.27
CA LYS A 53 -3.44 -7.50 -0.25
C LYS A 53 -4.20 -6.35 -0.93
N VAL A 54 -3.91 -6.17 -2.21
CA VAL A 54 -4.56 -5.12 -2.98
C VAL A 54 -5.10 -5.71 -4.28
N ALA A 55 -5.40 -4.82 -5.21
CA ALA A 55 -5.92 -5.24 -6.50
C ALA A 55 -6.64 -4.05 -7.16
N ARG A 56 -6.60 -4.04 -8.48
CA ARG A 56 -7.24 -2.97 -9.23
C ARG A 56 -8.51 -2.51 -8.53
N ARG A 57 -9.30 -3.49 -8.10
CA ARG A 57 -10.55 -3.20 -7.41
C ARG A 57 -10.27 -2.42 -6.12
N THR A 58 -9.39 -2.99 -5.30
CA THR A 58 -9.03 -2.38 -4.04
C THR A 58 -8.41 -1.00 -4.28
N VAL A 59 -7.51 -0.96 -5.25
CA VAL A 59 -6.83 0.29 -5.59
C VAL A 59 -7.88 1.32 -6.01
N ALA A 60 -8.79 0.88 -6.86
CA ALA A 60 -9.84 1.76 -7.35
C ALA A 60 -10.55 2.42 -6.17
N LYS A 61 -10.81 1.61 -5.15
CA LYS A 61 -11.47 2.10 -3.96
C LYS A 61 -10.57 3.14 -3.27
N TYR A 62 -9.29 2.81 -3.19
CA TYR A 62 -8.33 3.70 -2.57
C TYR A 62 -8.18 5.00 -3.36
N ARG A 63 -8.17 4.85 -4.68
CA ARG A 63 -8.03 6.00 -5.55
C ARG A 63 -9.13 7.02 -5.25
N GLU A 64 -10.32 6.52 -5.02
CA GLU A 64 -11.46 7.37 -4.72
C GLU A 64 -11.30 8.00 -3.34
N MET A 65 -10.70 7.24 -2.44
CA MET A 65 -10.47 7.71 -1.08
C MET A 65 -9.46 8.85 -1.06
N LEU A 66 -8.45 8.73 -1.93
CA LEU A 66 -7.41 9.74 -2.02
C LEU A 66 -7.89 10.87 -2.92
N GLY A 67 -8.10 10.54 -4.18
CA GLY A 67 -8.55 11.51 -5.16
C GLY A 67 -9.72 10.97 -5.99
N THR A 1 -12.80 -25.96 15.16
CA THR A 1 -13.37 -27.29 15.00
C THR A 1 -12.70 -28.28 15.95
N TYR A 2 -11.39 -28.12 16.09
CA TYR A 2 -10.63 -28.99 16.96
C TYR A 2 -9.16 -28.55 17.01
N SER A 3 -8.63 -28.19 15.86
CA SER A 3 -7.26 -27.76 15.77
C SER A 3 -7.18 -26.23 15.91
N LEU A 4 -7.70 -25.75 17.03
CA LEU A 4 -7.70 -24.31 17.29
C LEU A 4 -6.27 -23.87 17.64
N ARG A 5 -6.20 -22.72 18.30
CA ARG A 5 -4.91 -22.16 18.69
C ARG A 5 -4.07 -21.83 17.45
N THR A 6 -4.09 -20.55 17.10
CA THR A 6 -3.34 -20.08 15.95
C THR A 6 -3.85 -20.77 14.67
N PHE A 7 -4.93 -20.22 14.13
CA PHE A 7 -5.52 -20.76 12.92
C PHE A 7 -5.32 -19.80 11.75
N PHE A 8 -4.15 -19.17 11.72
CA PHE A 8 -3.83 -18.24 10.66
C PHE A 8 -2.42 -18.49 10.12
N VAL A 9 -2.17 -17.93 8.95
CA VAL A 9 -0.86 -18.09 8.32
C VAL A 9 -0.51 -16.81 7.55
N ARG A 10 -0.58 -15.69 8.26
CA ARG A 10 -0.28 -14.41 7.66
C ARG A 10 -0.88 -14.32 6.26
N GLU A 11 -2.20 -14.25 6.22
CA GLU A 11 -2.91 -14.15 4.95
C GLU A 11 -2.72 -12.76 4.34
N SER A 12 -2.59 -12.75 3.02
CA SER A 12 -2.41 -11.51 2.30
C SER A 12 -1.01 -10.95 2.57
N ALA A 13 -0.89 -9.63 2.45
CA ALA A 13 0.37 -8.96 2.68
C ALA A 13 0.82 -9.21 4.12
N GLU A 14 1.44 -8.18 4.69
CA GLU A 14 1.92 -8.26 6.06
C GLU A 14 0.77 -8.03 7.04
N GLY A 15 -0.31 -8.77 6.83
CA GLY A 15 -1.49 -8.66 7.68
C GLY A 15 -1.82 -7.18 7.94
N LEU A 16 -1.39 -6.33 7.02
CA LEU A 16 -1.64 -4.91 7.14
C LEU A 16 -3.14 -4.67 7.32
N THR A 17 -3.46 -3.57 7.99
CA THR A 17 -4.85 -3.22 8.23
C THR A 17 -5.40 -2.39 7.06
N GLN A 18 -6.72 -2.43 6.93
CA GLN A 18 -7.38 -1.70 5.86
C GLN A 18 -6.98 -0.23 5.90
N GLY A 19 -6.78 0.27 7.12
CA GLY A 19 -6.39 1.65 7.31
C GLY A 19 -4.93 1.88 6.91
N GLU A 20 -4.13 0.84 7.11
CA GLU A 20 -2.72 0.91 6.79
C GLU A 20 -2.53 1.01 5.27
N LEU A 21 -3.34 0.25 4.55
CA LEU A 21 -3.27 0.26 3.10
C LEU A 21 -3.49 1.68 2.59
N MET A 22 -4.43 2.38 3.22
CA MET A 22 -4.72 3.74 2.84
C MET A 22 -3.47 4.61 2.86
N LYS A 23 -2.93 4.78 4.05
CA LYS A 23 -1.73 5.58 4.23
C LYS A 23 -0.58 4.98 3.42
N LEU A 24 -0.67 3.66 3.23
CA LEU A 24 0.34 2.95 2.48
C LEU A 24 0.29 3.40 1.02
N ILE A 25 -0.92 3.49 0.50
CA ILE A 25 -1.11 3.91 -0.89
C ILE A 25 -0.66 5.36 -1.04
N LYS A 26 -1.04 6.17 -0.06
CA LYS A 26 -0.67 7.58 -0.08
C LYS A 26 0.84 7.71 0.03
N GLU A 27 1.42 6.90 0.89
CA GLU A 27 2.86 6.91 1.09
C GLU A 27 3.58 6.76 -0.24
N ILE A 28 3.01 5.92 -1.11
CA ILE A 28 3.60 5.68 -2.41
C ILE A 28 3.49 6.95 -3.25
N VAL A 29 2.44 7.72 -3.00
CA VAL A 29 2.22 8.95 -3.72
C VAL A 29 2.88 10.11 -2.97
N GLU A 30 3.79 9.74 -2.08
CA GLU A 30 4.51 10.73 -1.29
C GLU A 30 5.47 11.53 -2.18
N ASN A 31 5.93 10.87 -3.22
CA ASN A 31 6.85 11.50 -4.16
C ASN A 31 6.63 10.93 -5.56
N GLU A 32 5.39 11.04 -6.02
CA GLU A 32 5.04 10.55 -7.33
C GLU A 32 5.82 11.28 -8.42
N ASP A 33 5.28 11.28 -9.62
CA ASP A 33 5.91 11.93 -10.74
C ASP A 33 4.86 12.25 -11.80
N LYS A 34 5.12 13.33 -12.55
CA LYS A 34 4.21 13.75 -13.60
C LYS A 34 4.40 12.85 -14.82
N ARG A 35 5.63 12.39 -14.99
CA ARG A 35 5.96 11.52 -16.11
C ARG A 35 5.76 10.05 -15.72
N LYS A 36 5.48 9.84 -14.44
CA LYS A 36 5.27 8.50 -13.93
C LYS A 36 4.65 8.58 -12.54
N PRO A 37 3.37 9.03 -12.49
CA PRO A 37 2.66 9.17 -11.24
C PRO A 37 2.22 7.79 -10.71
N TYR A 38 1.98 7.75 -9.41
CA TYR A 38 1.56 6.51 -8.78
C TYR A 38 0.05 6.33 -8.87
N SER A 39 -0.42 6.19 -10.09
CA SER A 39 -1.85 6.01 -10.32
C SER A 39 -2.29 4.63 -9.85
N ASP A 40 -3.60 4.44 -9.79
CA ASP A 40 -4.17 3.18 -9.36
C ASP A 40 -3.37 2.03 -9.99
N GLN A 41 -2.91 2.27 -11.21
CA GLN A 41 -2.14 1.28 -11.93
C GLN A 41 -0.81 1.01 -11.22
N GLU A 42 -0.15 2.11 -10.87
CA GLU A 42 1.13 2.01 -10.19
C GLU A 42 0.97 1.31 -8.83
N ILE A 43 0.31 2.02 -7.92
CA ILE A 43 0.08 1.48 -6.59
C ILE A 43 -0.34 0.01 -6.71
N ALA A 44 -1.25 -0.25 -7.63
CA ALA A 44 -1.74 -1.59 -7.85
C ALA A 44 -0.57 -2.51 -8.18
N ASN A 45 0.31 -2.00 -9.04
CA ASN A 45 1.48 -2.76 -9.45
C ASN A 45 2.38 -3.00 -8.24
N ILE A 46 2.48 -1.97 -7.40
CA ILE A 46 3.30 -2.05 -6.22
C ILE A 46 2.88 -3.26 -5.38
N LEU A 47 1.58 -3.51 -5.39
CA LEU A 47 1.03 -4.63 -4.64
C LEU A 47 1.71 -5.92 -5.11
N LYS A 48 2.12 -5.93 -6.36
CA LYS A 48 2.78 -7.08 -6.93
C LYS A 48 4.01 -7.44 -6.09
N GLU A 49 4.54 -6.41 -5.43
CA GLU A 49 5.70 -6.59 -4.59
C GLU A 49 5.38 -7.52 -3.42
N LYS A 50 4.16 -8.03 -3.42
CA LYS A 50 3.72 -8.93 -2.37
C LYS A 50 3.88 -8.25 -1.02
N GLY A 51 3.37 -7.03 -0.94
CA GLY A 51 3.45 -6.25 0.29
C GLY A 51 2.17 -5.46 0.53
N PHE A 52 1.09 -5.95 -0.05
CA PHE A 52 -0.20 -5.30 0.08
C PHE A 52 -1.34 -6.23 -0.34
N LYS A 53 -1.26 -6.67 -1.58
CA LYS A 53 -2.28 -7.57 -2.12
C LYS A 53 -3.56 -6.78 -2.36
N VAL A 54 -3.51 -5.93 -3.37
CA VAL A 54 -4.67 -5.12 -3.72
C VAL A 54 -5.24 -5.59 -5.06
N ALA A 55 -5.63 -4.61 -5.87
CA ALA A 55 -6.19 -4.92 -7.18
C ALA A 55 -6.76 -3.64 -7.79
N ARG A 56 -6.51 -3.47 -9.09
CA ARG A 56 -6.98 -2.30 -9.80
C ARG A 56 -8.33 -1.85 -9.24
N ARG A 57 -9.20 -2.83 -9.02
CA ARG A 57 -10.53 -2.54 -8.49
C ARG A 57 -10.42 -1.88 -7.11
N THR A 58 -9.74 -2.59 -6.21
CA THR A 58 -9.56 -2.09 -4.86
C THR A 58 -8.77 -0.78 -4.88
N VAL A 59 -7.77 -0.74 -5.75
CA VAL A 59 -6.93 0.44 -5.87
C VAL A 59 -7.79 1.61 -6.36
N ALA A 60 -8.67 1.31 -7.31
CA ALA A 60 -9.55 2.31 -7.86
C ALA A 60 -10.32 2.99 -6.73
N LYS A 61 -10.80 2.17 -5.80
CA LYS A 61 -11.55 2.67 -4.68
C LYS A 61 -10.66 3.58 -3.82
N TYR A 62 -9.43 3.12 -3.63
CA TYR A 62 -8.47 3.87 -2.84
C TYR A 62 -8.16 5.22 -3.49
N ARG A 63 -8.06 5.20 -4.81
CA ARG A 63 -7.78 6.40 -5.56
C ARG A 63 -8.71 7.53 -5.14
N GLU A 64 -9.97 7.18 -4.95
CA GLU A 64 -10.98 8.15 -4.54
C GLU A 64 -10.73 8.57 -3.09
N MET A 65 -10.36 7.60 -2.28
CA MET A 65 -10.10 7.86 -0.87
C MET A 65 -8.85 8.74 -0.70
N LEU A 66 -7.86 8.49 -1.55
CA LEU A 66 -6.63 9.26 -1.50
C LEU A 66 -6.93 10.73 -1.79
N GLY A 67 -7.39 10.98 -3.00
CA GLY A 67 -7.73 12.34 -3.41
C GLY A 67 -6.53 13.00 -4.10
N THR A 1 21.29 -17.84 35.62
CA THR A 1 19.87 -17.65 35.84
C THR A 1 19.09 -18.02 34.58
N TYR A 2 19.39 -17.32 33.49
CA TYR A 2 18.72 -17.57 32.23
C TYR A 2 19.27 -16.65 31.13
N SER A 3 18.79 -16.88 29.92
CA SER A 3 19.23 -16.10 28.78
C SER A 3 18.32 -16.36 27.58
N LEU A 4 17.79 -15.28 27.02
CA LEU A 4 16.90 -15.38 25.88
C LEU A 4 16.91 -14.05 25.12
N ARG A 5 16.29 -14.08 23.94
CA ARG A 5 16.21 -12.89 23.11
C ARG A 5 15.45 -13.19 21.82
N THR A 6 14.70 -12.20 21.38
CA THR A 6 13.91 -12.34 20.16
C THR A 6 13.67 -10.98 19.52
N PHE A 7 13.64 -10.98 18.20
CA PHE A 7 13.42 -9.75 17.45
C PHE A 7 12.84 -10.04 16.06
N PHE A 8 12.42 -8.98 15.39
CA PHE A 8 11.85 -9.11 14.06
C PHE A 8 12.58 -10.18 13.25
N VAL A 9 11.81 -10.95 12.51
CA VAL A 9 12.36 -12.01 11.69
C VAL A 9 11.37 -12.37 10.58
N ARG A 10 11.42 -11.59 9.51
CA ARG A 10 10.53 -11.81 8.39
C ARG A 10 9.09 -11.52 8.78
N GLU A 11 8.67 -10.29 8.53
CA GLU A 11 7.32 -9.87 8.85
C GLU A 11 6.86 -8.78 7.89
N SER A 12 5.91 -9.13 7.02
CA SER A 12 5.38 -8.19 6.06
C SER A 12 4.83 -6.96 6.77
N ALA A 13 4.16 -6.12 5.99
CA ALA A 13 3.59 -4.90 6.53
C ALA A 13 2.94 -5.21 7.89
N GLU A 14 2.79 -4.16 8.69
CA GLU A 14 2.19 -4.30 10.01
C GLU A 14 0.72 -4.70 9.88
N GLY A 15 -0.09 -4.10 10.75
CA GLY A 15 -1.52 -4.37 10.75
C GLY A 15 -2.06 -4.43 9.32
N LEU A 16 -1.33 -3.79 8.42
CA LEU A 16 -1.72 -3.76 7.02
C LEU A 16 -3.25 -3.77 6.92
N THR A 17 -3.88 -3.16 7.92
CA THR A 17 -5.32 -3.09 7.97
C THR A 17 -5.85 -2.20 6.84
N GLN A 18 -7.08 -2.46 6.45
CA GLN A 18 -7.71 -1.70 5.38
C GLN A 18 -7.38 -0.21 5.52
N GLY A 19 -7.28 0.23 6.77
CA GLY A 19 -6.97 1.61 7.06
C GLY A 19 -5.48 1.90 6.85
N GLU A 20 -4.66 0.93 7.25
CA GLU A 20 -3.23 1.06 7.11
C GLU A 20 -2.83 1.05 5.64
N LEU A 21 -3.43 0.13 4.90
CA LEU A 21 -3.15 0.02 3.48
C LEU A 21 -3.34 1.38 2.81
N MET A 22 -4.38 2.08 3.25
CA MET A 22 -4.68 3.39 2.70
C MET A 22 -3.46 4.30 2.74
N LYS A 23 -2.96 4.52 3.95
CA LYS A 23 -1.80 5.37 4.14
C LYS A 23 -0.63 4.80 3.34
N LEU A 24 -0.66 3.49 3.15
CA LEU A 24 0.39 2.81 2.41
C LEU A 24 0.35 3.27 0.95
N ILE A 25 -0.86 3.32 0.40
CA ILE A 25 -1.04 3.74 -0.98
C ILE A 25 -0.70 5.23 -1.10
N LYS A 26 -1.20 6.01 -0.15
CA LYS A 26 -0.96 7.43 -0.14
C LYS A 26 0.54 7.69 0.05
N GLU A 27 1.14 6.89 0.91
CA GLU A 27 2.55 7.02 1.19
C GLU A 27 3.37 6.88 -0.09
N ILE A 28 2.89 5.99 -0.96
CA ILE A 28 3.55 5.75 -2.23
C ILE A 28 3.44 6.99 -3.11
N VAL A 29 2.34 7.71 -2.91
CA VAL A 29 2.09 8.92 -3.68
C VAL A 29 2.71 10.11 -2.95
N GLU A 30 3.59 9.81 -2.01
CA GLU A 30 4.25 10.85 -1.25
C GLU A 30 5.25 11.61 -2.12
N ASN A 31 5.77 10.91 -3.12
CA ASN A 31 6.73 11.51 -4.04
C ASN A 31 6.53 10.90 -5.44
N GLU A 32 5.29 10.99 -5.92
CA GLU A 32 4.96 10.47 -7.23
C GLU A 32 5.76 11.19 -8.31
N ASP A 33 5.24 11.15 -9.53
CA ASP A 33 5.89 11.79 -10.66
C ASP A 33 4.88 11.99 -11.78
N LYS A 34 5.11 13.03 -12.57
CA LYS A 34 4.23 13.34 -13.68
C LYS A 34 4.52 12.38 -14.84
N ARG A 35 5.80 12.12 -15.04
CA ARG A 35 6.22 11.23 -16.11
C ARG A 35 6.03 9.77 -15.68
N LYS A 36 5.72 9.59 -14.41
CA LYS A 36 5.50 8.26 -13.87
C LYS A 36 4.83 8.37 -12.50
N PRO A 37 3.55 8.82 -12.52
CA PRO A 37 2.79 8.97 -11.29
C PRO A 37 2.34 7.61 -10.74
N TYR A 38 2.05 7.60 -9.46
CA TYR A 38 1.62 6.37 -8.80
C TYR A 38 0.10 6.18 -8.95
N SER A 39 -0.33 6.12 -10.21
CA SER A 39 -1.74 5.94 -10.50
C SER A 39 -2.21 4.57 -10.01
N ASP A 40 -3.52 4.39 -9.99
CA ASP A 40 -4.10 3.13 -9.56
C ASP A 40 -3.38 1.97 -10.25
N GLN A 41 -2.99 2.21 -11.49
CA GLN A 41 -2.30 1.19 -12.26
C GLN A 41 -0.92 0.92 -11.66
N GLU A 42 -0.18 1.99 -11.41
CA GLU A 42 1.14 1.87 -10.84
C GLU A 42 1.06 1.31 -9.42
N ILE A 43 0.50 2.11 -8.53
CA ILE A 43 0.36 1.69 -7.14
C ILE A 43 -0.08 0.23 -7.09
N ALA A 44 -1.04 -0.10 -7.94
CA ALA A 44 -1.56 -1.45 -8.00
C ALA A 44 -0.40 -2.41 -8.30
N ASN A 45 0.41 -2.03 -9.26
CA ASN A 45 1.56 -2.85 -9.65
C ASN A 45 2.57 -2.88 -8.50
N ILE A 46 2.50 -1.84 -7.67
CA ILE A 46 3.41 -1.74 -6.53
C ILE A 46 3.05 -2.80 -5.50
N LEU A 47 1.75 -3.08 -5.41
CA LEU A 47 1.27 -4.08 -4.47
C LEU A 47 1.97 -5.40 -4.72
N LYS A 48 2.18 -5.69 -6.00
CA LYS A 48 2.84 -6.92 -6.40
C LYS A 48 4.21 -7.00 -5.73
N GLU A 49 4.89 -5.86 -5.73
CA GLU A 49 6.21 -5.78 -5.12
C GLU A 49 6.13 -6.03 -3.62
N LYS A 50 5.03 -5.56 -3.03
CA LYS A 50 4.82 -5.73 -1.61
C LYS A 50 4.26 -7.12 -1.33
N GLY A 51 3.14 -7.42 -2.00
CA GLY A 51 2.50 -8.71 -1.83
C GLY A 51 1.19 -8.58 -1.05
N PHE A 52 0.86 -7.34 -0.72
CA PHE A 52 -0.35 -7.07 0.02
C PHE A 52 -1.58 -7.63 -0.71
N LYS A 53 -2.75 -7.22 -0.22
CA LYS A 53 -4.00 -7.67 -0.81
C LYS A 53 -4.70 -6.50 -1.49
N VAL A 54 -4.08 -6.00 -2.55
CA VAL A 54 -4.63 -4.89 -3.30
C VAL A 54 -5.04 -5.35 -4.69
N ALA A 55 -5.50 -4.40 -5.48
CA ALA A 55 -5.93 -4.71 -6.84
C ALA A 55 -6.56 -3.45 -7.46
N ARG A 56 -6.51 -3.39 -8.78
CA ARG A 56 -7.07 -2.26 -9.51
C ARG A 56 -8.36 -1.79 -8.84
N ARG A 57 -9.22 -2.76 -8.53
CA ARG A 57 -10.49 -2.46 -7.90
C ARG A 57 -10.25 -1.78 -6.54
N THR A 58 -9.34 -2.36 -5.78
CA THR A 58 -9.01 -1.83 -4.47
C THR A 58 -8.31 -0.47 -4.60
N VAL A 59 -7.39 -0.40 -5.54
CA VAL A 59 -6.65 0.83 -5.78
C VAL A 59 -7.61 1.91 -6.26
N ALA A 60 -8.54 1.51 -7.12
CA ALA A 60 -9.52 2.43 -7.66
C ALA A 60 -10.34 3.02 -6.52
N LYS A 61 -10.71 2.15 -5.59
CA LYS A 61 -11.49 2.57 -4.44
C LYS A 61 -10.68 3.55 -3.60
N TYR A 62 -9.42 3.20 -3.39
CA TYR A 62 -8.53 4.04 -2.61
C TYR A 62 -8.26 5.37 -3.33
N ARG A 63 -8.05 5.26 -4.64
CA ARG A 63 -7.77 6.44 -5.45
C ARG A 63 -8.77 7.55 -5.12
N GLU A 64 -10.03 7.15 -4.95
CA GLU A 64 -11.07 8.10 -4.63
C GLU A 64 -10.90 8.63 -3.21
N MET A 65 -10.51 7.73 -2.32
CA MET A 65 -10.30 8.09 -0.93
C MET A 65 -9.11 9.04 -0.78
N LEU A 66 -8.27 9.06 -1.81
CA LEU A 66 -7.10 9.91 -1.80
C LEU A 66 -6.73 10.28 -3.23
N GLY A 67 -6.29 9.26 -3.98
CA GLY A 67 -5.90 9.47 -5.37
C GLY A 67 -4.39 9.65 -5.50
N THR A 1 -1.86 -40.57 24.79
CA THR A 1 -2.18 -39.91 23.53
C THR A 1 -1.48 -38.55 23.44
N TYR A 2 -1.54 -37.97 22.25
CA TYR A 2 -0.92 -36.67 22.02
C TYR A 2 -1.49 -36.02 20.75
N SER A 3 -1.06 -34.79 20.52
CA SER A 3 -1.50 -34.05 19.36
C SER A 3 -0.30 -33.53 18.56
N LEU A 4 -0.59 -32.73 17.56
CA LEU A 4 0.46 -32.17 16.71
C LEU A 4 -0.17 -31.50 15.50
N ARG A 5 0.68 -31.12 14.56
CA ARG A 5 0.22 -30.48 13.34
C ARG A 5 0.03 -28.97 13.58
N THR A 6 -0.01 -28.23 12.48
CA THR A 6 -0.19 -26.79 12.56
C THR A 6 -0.89 -26.27 11.31
N PHE A 7 -1.77 -25.31 11.52
CA PHE A 7 -2.51 -24.72 10.42
C PHE A 7 -1.58 -23.92 9.50
N PHE A 8 -2.16 -23.43 8.41
CA PHE A 8 -1.40 -22.64 7.45
C PHE A 8 -2.33 -21.77 6.60
N VAL A 9 -1.72 -21.10 5.63
CA VAL A 9 -2.48 -20.23 4.74
C VAL A 9 -1.87 -20.29 3.34
N ARG A 10 -1.15 -19.23 3.00
CA ARG A 10 -0.50 -19.13 1.70
C ARG A 10 0.46 -17.95 1.67
N GLU A 11 -0.12 -16.75 1.60
CA GLU A 11 0.67 -15.54 1.56
C GLU A 11 -0.25 -14.32 1.53
N SER A 12 -0.50 -13.78 2.71
CA SER A 12 -1.35 -12.61 2.84
C SER A 12 -0.50 -11.34 2.81
N ALA A 13 -1.17 -10.22 3.09
CA ALA A 13 -0.48 -8.94 3.09
C ALA A 13 0.70 -8.99 4.06
N GLU A 14 0.53 -8.32 5.19
CA GLU A 14 1.58 -8.29 6.20
C GLU A 14 0.97 -7.98 7.58
N GLY A 15 -0.26 -8.41 7.75
CA GLY A 15 -0.97 -8.19 9.01
C GLY A 15 -1.37 -6.72 9.16
N LEU A 16 -1.04 -5.94 8.14
CA LEU A 16 -1.36 -4.53 8.15
C LEU A 16 -2.89 -4.35 8.19
N THR A 17 -3.31 -3.23 8.74
CA THR A 17 -4.73 -2.93 8.85
C THR A 17 -5.22 -2.23 7.58
N GLN A 18 -6.51 -2.36 7.34
CA GLN A 18 -7.12 -1.75 6.17
C GLN A 18 -6.71 -0.29 6.05
N GLY A 19 -6.53 0.33 7.21
CA GLY A 19 -6.12 1.73 7.26
C GLY A 19 -4.66 1.90 6.84
N GLU A 20 -3.84 0.98 7.32
CA GLU A 20 -2.41 1.01 7.02
C GLU A 20 -2.20 0.98 5.49
N LEU A 21 -3.01 0.16 4.84
CA LEU A 21 -2.92 0.02 3.39
C LEU A 21 -3.19 1.38 2.74
N MET A 22 -4.16 2.09 3.30
CA MET A 22 -4.51 3.40 2.78
C MET A 22 -3.31 4.33 2.76
N LYS A 23 -2.77 4.57 3.96
CA LYS A 23 -1.61 5.43 4.09
C LYS A 23 -0.45 4.87 3.28
N LEU A 24 -0.48 3.55 3.10
CA LEU A 24 0.56 2.87 2.34
C LEU A 24 0.50 3.32 0.88
N ILE A 25 -0.73 3.37 0.37
CA ILE A 25 -0.94 3.77 -1.02
C ILE A 25 -0.59 5.25 -1.17
N LYS A 26 -1.04 6.04 -0.21
CA LYS A 26 -0.78 7.47 -0.23
C LYS A 26 0.74 7.71 -0.12
N GLU A 27 1.39 6.80 0.59
CA GLU A 27 2.83 6.89 0.79
C GLU A 27 3.54 6.94 -0.56
N ILE A 28 3.04 6.14 -1.49
CA ILE A 28 3.61 6.08 -2.83
C ILE A 28 3.39 7.41 -3.54
N VAL A 29 2.18 7.93 -3.38
CA VAL A 29 1.81 9.19 -4.00
C VAL A 29 2.41 10.34 -3.20
N GLU A 30 3.16 9.98 -2.17
CA GLU A 30 3.80 10.97 -1.31
C GLU A 30 4.90 11.70 -2.08
N ASN A 31 5.38 11.05 -3.13
CA ASN A 31 6.43 11.63 -3.95
C ASN A 31 6.39 11.00 -5.34
N GLU A 32 5.24 11.13 -5.99
CA GLU A 32 5.06 10.58 -7.32
C GLU A 32 6.04 11.23 -8.31
N ASP A 33 5.69 11.16 -9.58
CA ASP A 33 6.52 11.74 -10.62
C ASP A 33 5.67 11.99 -11.87
N LYS A 34 6.21 12.80 -12.76
CA LYS A 34 5.51 13.14 -13.99
C LYS A 34 5.46 11.90 -14.89
N ARG A 35 6.63 11.51 -15.37
CA ARG A 35 6.73 10.35 -16.23
C ARG A 35 6.55 9.06 -15.44
N LYS A 36 6.41 9.23 -14.13
CA LYS A 36 6.21 8.09 -13.24
C LYS A 36 5.24 8.48 -12.12
N PRO A 37 3.93 8.48 -12.48
CA PRO A 37 2.89 8.82 -11.53
C PRO A 37 2.66 7.68 -10.53
N TYR A 38 1.50 7.72 -9.89
CA TYR A 38 1.14 6.70 -8.92
C TYR A 38 -0.37 6.55 -8.82
N SER A 39 -0.99 6.34 -9.97
CA SER A 39 -2.44 6.17 -10.02
C SER A 39 -2.81 4.78 -9.49
N ASP A 40 -4.12 4.61 -9.28
CA ASP A 40 -4.63 3.34 -8.78
C ASP A 40 -4.04 2.20 -9.61
N GLN A 41 -3.71 2.52 -10.85
CA GLN A 41 -3.14 1.53 -11.76
C GLN A 41 -1.74 1.14 -11.28
N GLU A 42 -0.85 2.11 -11.30
CA GLU A 42 0.52 1.89 -10.87
C GLU A 42 0.56 1.30 -9.47
N ILE A 43 0.18 2.13 -8.50
CA ILE A 43 0.17 1.71 -7.11
C ILE A 43 -0.22 0.23 -7.04
N ALA A 44 -1.16 -0.15 -7.90
CA ALA A 44 -1.63 -1.52 -7.95
C ALA A 44 -0.44 -2.45 -8.20
N ASN A 45 0.29 -2.16 -9.27
CA ASN A 45 1.44 -2.96 -9.63
C ASN A 45 2.55 -2.76 -8.59
N ILE A 46 2.35 -1.75 -7.75
CA ILE A 46 3.31 -1.44 -6.71
C ILE A 46 3.08 -2.36 -5.52
N LEU A 47 1.81 -2.47 -5.13
CA LEU A 47 1.44 -3.31 -4.00
C LEU A 47 1.92 -4.75 -4.27
N LYS A 48 1.85 -5.13 -5.53
CA LYS A 48 2.28 -6.47 -5.93
C LYS A 48 3.72 -6.69 -5.49
N GLU A 49 4.52 -5.63 -5.63
CA GLU A 49 5.92 -5.71 -5.24
C GLU A 49 6.06 -5.95 -3.74
N LYS A 50 5.02 -5.54 -3.02
CA LYS A 50 5.01 -5.71 -1.57
C LYS A 50 4.44 -7.09 -1.22
N GLY A 51 3.30 -7.39 -1.83
CA GLY A 51 2.64 -8.66 -1.60
C GLY A 51 1.24 -8.45 -1.01
N PHE A 52 0.91 -7.19 -0.79
CA PHE A 52 -0.39 -6.84 -0.23
C PHE A 52 -1.52 -7.38 -1.11
N LYS A 53 -2.69 -7.51 -0.50
CA LYS A 53 -3.85 -8.00 -1.21
C LYS A 53 -4.65 -6.82 -1.78
N VAL A 54 -4.19 -6.33 -2.91
CA VAL A 54 -4.84 -5.21 -3.57
C VAL A 54 -5.19 -5.58 -5.01
N ALA A 55 -5.37 -4.56 -5.83
CA ALA A 55 -5.70 -4.78 -7.23
C ALA A 55 -6.34 -3.51 -7.80
N ARG A 56 -6.06 -3.26 -9.07
CA ARG A 56 -6.60 -2.09 -9.74
C ARG A 56 -7.98 -1.74 -9.17
N ARG A 57 -8.79 -2.77 -9.00
CA ARG A 57 -10.14 -2.59 -8.48
C ARG A 57 -10.07 -1.99 -7.07
N THR A 58 -9.34 -2.68 -6.20
CA THR A 58 -9.20 -2.24 -4.83
C THR A 58 -8.55 -0.84 -4.79
N VAL A 59 -7.47 -0.71 -5.54
CA VAL A 59 -6.75 0.55 -5.59
C VAL A 59 -7.70 1.66 -6.05
N ALA A 60 -8.49 1.33 -7.05
CA ALA A 60 -9.46 2.28 -7.59
C ALA A 60 -10.29 2.86 -6.44
N LYS A 61 -10.67 1.98 -5.52
CA LYS A 61 -11.47 2.40 -4.37
C LYS A 61 -10.65 3.37 -3.53
N TYR A 62 -9.39 3.02 -3.33
CA TYR A 62 -8.50 3.86 -2.54
C TYR A 62 -8.26 5.20 -3.22
N ARG A 63 -8.10 5.15 -4.54
CA ARG A 63 -7.87 6.36 -5.31
C ARG A 63 -8.91 7.42 -4.96
N GLU A 64 -10.14 6.97 -4.80
CA GLU A 64 -11.23 7.88 -4.47
C GLU A 64 -11.07 8.40 -3.03
N MET A 65 -10.62 7.51 -2.16
CA MET A 65 -10.41 7.87 -0.77
C MET A 65 -9.25 8.87 -0.62
N LEU A 66 -8.23 8.66 -1.44
CA LEU A 66 -7.06 9.51 -1.42
C LEU A 66 -7.34 10.77 -2.25
N GLY A 67 -7.53 10.54 -3.55
CA GLY A 67 -7.80 11.64 -4.46
C GLY A 67 -9.00 12.45 -4.00
N THR A 1 32.27 -13.90 32.20
CA THR A 1 31.54 -13.89 33.46
C THR A 1 30.25 -13.07 33.33
N TYR A 2 29.54 -13.32 32.24
CA TYR A 2 28.30 -12.63 31.97
C TYR A 2 27.61 -13.17 30.72
N SER A 3 26.47 -12.57 30.40
CA SER A 3 25.72 -12.98 29.22
C SER A 3 25.11 -11.76 28.54
N LEU A 4 24.43 -12.01 27.44
CA LEU A 4 23.80 -10.94 26.69
C LEU A 4 22.85 -11.55 25.64
N ARG A 5 21.57 -11.26 25.80
CA ARG A 5 20.57 -11.77 24.89
C ARG A 5 20.41 -10.83 23.69
N THR A 6 19.43 -11.13 22.87
CA THR A 6 19.16 -10.33 21.68
C THR A 6 17.67 -10.35 21.35
N PHE A 7 17.35 -9.74 20.21
CA PHE A 7 15.97 -9.69 19.76
C PHE A 7 15.88 -9.72 18.23
N PHE A 8 14.65 -9.61 17.74
CA PHE A 8 14.43 -9.63 16.30
C PHE A 8 13.12 -8.92 15.95
N VAL A 9 12.74 -9.04 14.69
CA VAL A 9 11.52 -8.42 14.20
C VAL A 9 10.87 -9.32 13.15
N ARG A 10 10.99 -8.90 11.91
CA ARG A 10 10.42 -9.66 10.81
C ARG A 10 8.90 -9.45 10.75
N GLU A 11 8.51 -8.45 9.98
CA GLU A 11 7.08 -8.14 9.83
C GLU A 11 6.85 -7.38 8.53
N SER A 12 5.60 -7.44 8.07
CA SER A 12 5.23 -6.77 6.84
C SER A 12 3.70 -6.67 6.74
N ALA A 13 3.23 -6.38 5.54
CA ALA A 13 1.81 -6.26 5.29
C ALA A 13 1.11 -7.57 5.69
N GLU A 14 0.67 -8.28 4.66
CA GLU A 14 -0.01 -9.55 4.89
C GLU A 14 -0.79 -9.52 6.21
N GLY A 15 -1.87 -8.75 6.19
CA GLY A 15 -2.71 -8.62 7.37
C GLY A 15 -3.02 -7.15 7.66
N LEU A 16 -2.37 -6.28 6.90
CA LEU A 16 -2.57 -4.85 7.07
C LEU A 16 -4.06 -4.53 7.00
N THR A 17 -4.43 -3.44 7.66
CA THR A 17 -5.82 -3.01 7.68
C THR A 17 -6.13 -2.13 6.47
N GLN A 18 -7.41 -2.07 6.14
CA GLN A 18 -7.84 -1.28 5.00
C GLN A 18 -7.34 0.17 5.14
N GLY A 19 -7.29 0.62 6.39
CA GLY A 19 -6.82 1.96 6.67
C GLY A 19 -5.31 2.08 6.46
N GLU A 20 -4.61 1.00 6.79
CA GLU A 20 -3.17 0.98 6.65
C GLU A 20 -2.78 1.03 5.17
N LEU A 21 -3.54 0.30 4.37
CA LEU A 21 -3.29 0.25 2.94
C LEU A 21 -3.37 1.66 2.36
N MET A 22 -4.37 2.41 2.84
CA MET A 22 -4.57 3.77 2.38
C MET A 22 -3.29 4.60 2.54
N LYS A 23 -2.83 4.68 3.78
CA LYS A 23 -1.63 5.44 4.08
C LYS A 23 -0.46 4.87 3.28
N LEU A 24 -0.49 3.56 3.11
CA LEU A 24 0.56 2.88 2.36
C LEU A 24 0.50 3.31 0.90
N ILE A 25 -0.72 3.39 0.39
CA ILE A 25 -0.92 3.79 -0.99
C ILE A 25 -0.52 5.26 -1.16
N LYS A 26 -0.95 6.08 -0.22
CA LYS A 26 -0.63 7.49 -0.25
C LYS A 26 0.88 7.68 -0.13
N GLU A 27 1.49 6.78 0.63
CA GLU A 27 2.93 6.83 0.85
C GLU A 27 3.66 6.82 -0.50
N ILE A 28 3.17 6.00 -1.40
CA ILE A 28 3.77 5.88 -2.72
C ILE A 28 3.54 7.19 -3.49
N VAL A 29 2.34 7.72 -3.35
CA VAL A 29 1.99 8.96 -4.02
C VAL A 29 2.47 10.15 -3.19
N GLU A 30 3.23 9.82 -2.14
CA GLU A 30 3.77 10.86 -1.27
C GLU A 30 4.57 11.88 -2.07
N ASN A 31 5.15 11.40 -3.17
CA ASN A 31 5.94 12.26 -4.02
C ASN A 31 6.04 11.63 -5.41
N GLU A 32 4.89 11.18 -5.91
CA GLU A 32 4.83 10.56 -7.22
C GLU A 32 5.67 11.35 -8.22
N ASP A 33 6.09 10.67 -9.27
CA ASP A 33 6.89 11.30 -10.31
C ASP A 33 5.97 11.99 -11.31
N LYS A 34 6.54 12.94 -12.03
CA LYS A 34 5.78 13.68 -13.03
C LYS A 34 5.32 12.72 -14.13
N ARG A 35 6.29 12.30 -14.94
CA ARG A 35 6.00 11.39 -16.03
C ARG A 35 5.74 9.97 -15.49
N LYS A 36 5.94 9.84 -14.19
CA LYS A 36 5.74 8.55 -13.54
C LYS A 36 4.94 8.76 -12.25
N PRO A 37 3.60 8.85 -12.41
CA PRO A 37 2.72 9.05 -11.27
C PRO A 37 2.56 7.76 -10.47
N TYR A 38 1.47 7.70 -9.71
CA TYR A 38 1.20 6.53 -8.89
C TYR A 38 -0.30 6.35 -8.66
N SER A 39 -1.01 6.15 -9.77
CA SER A 39 -2.45 5.97 -9.70
C SER A 39 -2.79 4.57 -9.18
N ASP A 40 -4.07 4.24 -9.23
CA ASP A 40 -4.52 2.95 -8.76
C ASP A 40 -3.83 1.84 -9.55
N GLN A 41 -3.56 2.15 -10.81
CA GLN A 41 -2.90 1.20 -11.70
C GLN A 41 -1.48 0.92 -11.21
N GLU A 42 -0.72 2.00 -11.03
CA GLU A 42 0.65 1.89 -10.56
C GLU A 42 0.69 1.22 -9.19
N ILE A 43 0.17 1.95 -8.20
CA ILE A 43 0.14 1.45 -6.84
C ILE A 43 -0.26 -0.02 -6.84
N ALA A 44 -1.32 -0.31 -7.59
CA ALA A 44 -1.82 -1.68 -7.69
C ALA A 44 -0.67 -2.59 -8.15
N ASN A 45 0.07 -2.11 -9.14
CA ASN A 45 1.18 -2.87 -9.68
C ASN A 45 2.27 -2.99 -8.63
N ILE A 46 2.41 -1.94 -7.84
CA ILE A 46 3.41 -1.91 -6.77
C ILE A 46 3.08 -2.99 -5.75
N LEU A 47 1.82 -3.01 -5.33
CA LEU A 47 1.37 -3.98 -4.34
C LEU A 47 1.64 -5.39 -4.86
N LYS A 48 1.67 -5.50 -6.18
CA LYS A 48 1.92 -6.79 -6.82
C LYS A 48 3.27 -7.34 -6.32
N GLU A 49 4.09 -6.44 -5.81
CA GLU A 49 5.40 -6.82 -5.30
C GLU A 49 5.24 -7.74 -4.10
N LYS A 50 3.99 -8.00 -3.75
CA LYS A 50 3.70 -8.87 -2.61
C LYS A 50 4.06 -8.14 -1.32
N GLY A 51 3.61 -6.89 -1.24
CA GLY A 51 3.89 -6.08 -0.06
C GLY A 51 2.59 -5.60 0.60
N PHE A 52 1.48 -6.04 0.01
CA PHE A 52 0.17 -5.67 0.52
C PHE A 52 -0.91 -6.62 -0.01
N LYS A 53 -0.95 -6.74 -1.32
CA LYS A 53 -1.93 -7.62 -1.96
C LYS A 53 -3.24 -6.84 -2.15
N VAL A 54 -3.31 -6.13 -3.26
CA VAL A 54 -4.51 -5.35 -3.56
C VAL A 54 -5.03 -5.76 -4.93
N ALA A 55 -5.51 -4.76 -5.67
CA ALA A 55 -6.04 -5.01 -7.00
C ALA A 55 -6.59 -3.69 -7.57
N ARG A 56 -6.24 -3.43 -8.82
CA ARG A 56 -6.68 -2.22 -9.49
C ARG A 56 -8.08 -1.83 -9.00
N ARG A 57 -8.91 -2.84 -8.82
CA ARG A 57 -10.28 -2.61 -8.34
C ARG A 57 -10.25 -1.93 -6.98
N THR A 58 -9.65 -2.62 -6.03
CA THR A 58 -9.56 -2.08 -4.67
C THR A 58 -8.79 -0.75 -4.67
N VAL A 59 -7.71 -0.74 -5.43
CA VAL A 59 -6.88 0.45 -5.52
C VAL A 59 -7.71 1.60 -6.09
N ALA A 60 -8.54 1.26 -7.07
CA ALA A 60 -9.40 2.25 -7.70
C ALA A 60 -10.23 2.97 -6.64
N LYS A 61 -10.72 2.19 -5.70
CA LYS A 61 -11.53 2.73 -4.62
C LYS A 61 -10.68 3.69 -3.78
N TYR A 62 -9.46 3.25 -3.51
CA TYR A 62 -8.54 4.06 -2.72
C TYR A 62 -8.19 5.36 -3.45
N ARG A 63 -8.11 5.27 -4.77
CA ARG A 63 -7.78 6.43 -5.59
C ARG A 63 -8.75 7.57 -5.27
N GLU A 64 -10.02 7.22 -5.13
CA GLU A 64 -11.04 8.21 -4.83
C GLU A 64 -10.89 8.71 -3.40
N MET A 65 -10.58 7.78 -2.51
CA MET A 65 -10.41 8.11 -1.10
C MET A 65 -9.16 8.96 -0.89
N LEU A 66 -8.24 8.85 -1.84
CA LEU A 66 -6.99 9.60 -1.77
C LEU A 66 -6.47 9.85 -3.19
N GLY A 67 -7.23 10.63 -3.93
CA GLY A 67 -6.86 10.96 -5.30
C GLY A 67 -6.61 12.46 -5.46
N THR A 1 11.82 21.93 3.35
CA THR A 1 10.73 21.23 3.98
C THR A 1 11.22 20.48 5.23
N TYR A 2 10.33 20.36 6.20
CA TYR A 2 10.67 19.67 7.43
C TYR A 2 10.08 18.25 7.44
N SER A 3 10.41 17.52 8.51
CA SER A 3 9.94 16.16 8.65
C SER A 3 10.55 15.27 7.56
N LEU A 4 11.78 14.86 7.81
CA LEU A 4 12.49 14.01 6.87
C LEU A 4 13.71 13.41 7.56
N ARG A 5 13.45 12.51 8.50
CA ARG A 5 14.51 11.85 9.23
C ARG A 5 13.99 10.59 9.92
N THR A 6 13.35 9.74 9.12
CA THR A 6 12.81 8.50 9.64
C THR A 6 13.84 7.38 9.56
N PHE A 7 13.73 6.45 10.50
CA PHE A 7 14.65 5.32 10.55
C PHE A 7 13.90 4.00 10.43
N PHE A 8 14.10 3.34 9.30
CA PHE A 8 13.44 2.07 9.05
C PHE A 8 13.90 1.47 7.71
N VAL A 9 14.08 0.16 7.72
CA VAL A 9 14.51 -0.55 6.51
C VAL A 9 13.85 -1.92 6.47
N ARG A 10 12.53 -1.91 6.52
CA ARG A 10 11.76 -3.15 6.48
C ARG A 10 10.26 -2.85 6.52
N GLU A 11 9.72 -2.53 5.36
CA GLU A 11 8.31 -2.22 5.25
C GLU A 11 7.46 -3.44 5.60
N SER A 12 7.51 -4.42 4.71
CA SER A 12 6.76 -5.64 4.91
C SER A 12 5.25 -5.34 4.97
N ALA A 13 4.46 -6.39 4.77
CA ALA A 13 3.01 -6.24 4.79
C ALA A 13 2.38 -7.59 5.13
N GLU A 14 1.91 -8.27 4.09
CA GLU A 14 1.28 -9.57 4.28
C GLU A 14 0.56 -9.63 5.64
N GLY A 15 -0.44 -8.77 5.79
CA GLY A 15 -1.20 -8.73 7.02
C GLY A 15 -1.64 -7.30 7.33
N LEU A 16 -1.02 -6.35 6.65
CA LEU A 16 -1.34 -4.95 6.83
C LEU A 16 -2.86 -4.78 6.91
N THR A 17 -3.28 -3.73 7.61
CA THR A 17 -4.69 -3.45 7.77
C THR A 17 -5.20 -2.61 6.60
N GLN A 18 -6.50 -2.69 6.37
CA GLN A 18 -7.12 -1.94 5.29
C GLN A 18 -6.80 -0.46 5.42
N GLY A 19 -6.72 -0.01 6.68
CA GLY A 19 -6.41 1.39 6.96
C GLY A 19 -4.93 1.69 6.68
N GLU A 20 -4.09 0.70 6.95
CA GLU A 20 -2.67 0.86 6.74
C GLU A 20 -2.37 0.99 5.25
N LEU A 21 -3.07 0.20 4.45
CA LEU A 21 -2.90 0.23 3.01
C LEU A 21 -3.19 1.64 2.49
N MET A 22 -4.22 2.24 3.08
CA MET A 22 -4.62 3.58 2.69
C MET A 22 -3.43 4.54 2.69
N LYS A 23 -2.84 4.68 3.87
CA LYS A 23 -1.69 5.56 4.03
C LYS A 23 -0.52 5.02 3.19
N LEU A 24 -0.52 3.71 3.02
CA LEU A 24 0.53 3.06 2.25
C LEU A 24 0.41 3.47 0.78
N ILE A 25 -0.83 3.50 0.29
CA ILE A 25 -1.09 3.88 -1.08
C ILE A 25 -0.72 5.35 -1.27
N LYS A 26 -1.16 6.17 -0.33
CA LYS A 26 -0.88 7.60 -0.38
C LYS A 26 0.62 7.83 -0.24
N GLU A 27 1.26 6.97 0.54
CA GLU A 27 2.69 7.07 0.77
C GLU A 27 3.44 6.99 -0.57
N ILE A 28 2.94 6.12 -1.44
CA ILE A 28 3.55 5.95 -2.74
C ILE A 28 3.36 7.22 -3.57
N VAL A 29 2.18 7.81 -3.42
CA VAL A 29 1.86 9.03 -4.14
C VAL A 29 2.44 10.23 -3.40
N GLU A 30 2.95 9.96 -2.21
CA GLU A 30 3.55 11.01 -1.39
C GLU A 30 4.88 11.46 -2.00
N ASN A 31 5.28 10.77 -3.05
CA ASN A 31 6.52 11.08 -3.72
C ASN A 31 6.47 10.57 -5.16
N GLU A 32 5.34 10.82 -5.81
CA GLU A 32 5.16 10.38 -7.18
C GLU A 32 6.19 11.05 -8.09
N ASP A 33 5.84 11.13 -9.37
CA ASP A 33 6.72 11.73 -10.35
C ASP A 33 5.90 12.16 -11.57
N LYS A 34 6.49 13.04 -12.37
CA LYS A 34 5.83 13.54 -13.56
C LYS A 34 5.68 12.40 -14.56
N ARG A 35 6.81 11.98 -15.10
CA ARG A 35 6.82 10.90 -16.08
C ARG A 35 6.59 9.55 -15.38
N LYS A 36 6.53 9.60 -14.06
CA LYS A 36 6.31 8.41 -13.26
C LYS A 36 5.31 8.70 -12.16
N PRO A 37 4.01 8.69 -12.55
CA PRO A 37 2.94 8.95 -11.60
C PRO A 37 2.72 7.75 -10.68
N TYR A 38 1.54 7.74 -10.06
CA TYR A 38 1.19 6.65 -9.15
C TYR A 38 -0.33 6.46 -9.09
N SER A 39 -0.91 6.24 -10.26
CA SER A 39 -2.35 6.03 -10.34
C SER A 39 -2.72 4.64 -9.83
N ASP A 40 -4.01 4.35 -9.87
CA ASP A 40 -4.50 3.06 -9.42
C ASP A 40 -3.63 1.95 -10.02
N GLN A 41 -3.14 2.20 -11.22
CA GLN A 41 -2.30 1.24 -11.91
C GLN A 41 -0.99 1.03 -11.15
N GLU A 42 -0.13 2.04 -11.25
CA GLU A 42 1.16 1.99 -10.58
C GLU A 42 1.01 1.39 -9.18
N ILE A 43 0.34 2.14 -8.32
CA ILE A 43 0.11 1.70 -6.96
C ILE A 43 -0.27 0.22 -6.95
N ALA A 44 -1.23 -0.10 -7.81
CA ALA A 44 -1.70 -1.48 -7.92
C ALA A 44 -0.52 -2.38 -8.28
N ASN A 45 0.28 -1.90 -9.22
CA ASN A 45 1.43 -2.65 -9.68
C ASN A 45 2.38 -2.88 -8.51
N ILE A 46 2.50 -1.85 -7.68
CA ILE A 46 3.38 -1.91 -6.53
C ILE A 46 2.97 -3.10 -5.65
N LEU A 47 1.67 -3.30 -5.56
CA LEU A 47 1.13 -4.39 -4.76
C LEU A 47 1.78 -5.70 -5.19
N LYS A 48 2.04 -5.80 -6.50
CA LYS A 48 2.67 -6.99 -7.05
C LYS A 48 4.00 -7.25 -6.34
N GLU A 49 4.49 -6.20 -5.67
CA GLU A 49 5.74 -6.31 -4.94
C GLU A 49 5.64 -7.39 -3.87
N LYS A 50 4.44 -7.91 -3.71
CA LYS A 50 4.20 -8.96 -2.72
C LYS A 50 4.34 -8.37 -1.32
N GLY A 51 3.72 -7.21 -1.12
CA GLY A 51 3.76 -6.55 0.16
C GLY A 51 2.51 -5.70 0.38
N PHE A 52 1.42 -6.15 -0.21
CA PHE A 52 0.15 -5.44 -0.09
C PHE A 52 -1.03 -6.38 -0.35
N LYS A 53 -1.18 -6.75 -1.61
CA LYS A 53 -2.25 -7.63 -2.02
C LYS A 53 -3.51 -6.82 -2.26
N VAL A 54 -3.38 -5.82 -3.13
CA VAL A 54 -4.50 -4.96 -3.46
C VAL A 54 -5.17 -5.46 -4.74
N ALA A 55 -5.54 -4.51 -5.59
CA ALA A 55 -6.17 -4.84 -6.86
C ALA A 55 -6.78 -3.57 -7.46
N ARG A 56 -6.61 -3.44 -8.77
CA ARG A 56 -7.13 -2.29 -9.47
C ARG A 56 -8.45 -1.83 -8.86
N ARG A 57 -9.30 -2.80 -8.57
CA ARG A 57 -10.60 -2.51 -7.98
C ARG A 57 -10.42 -1.84 -6.62
N THR A 58 -9.67 -2.51 -5.75
CA THR A 58 -9.41 -1.98 -4.42
C THR A 58 -8.66 -0.65 -4.51
N VAL A 59 -7.72 -0.60 -5.44
CA VAL A 59 -6.92 0.60 -5.63
C VAL A 59 -7.82 1.73 -6.11
N ALA A 60 -8.78 1.37 -6.97
CA ALA A 60 -9.71 2.34 -7.50
C ALA A 60 -10.55 2.92 -6.35
N LYS A 61 -10.96 2.05 -5.46
CA LYS A 61 -11.76 2.45 -4.31
C LYS A 61 -10.95 3.44 -3.46
N TYR A 62 -9.68 3.12 -3.27
CA TYR A 62 -8.80 3.95 -2.48
C TYR A 62 -8.59 5.31 -3.15
N ARG A 63 -8.45 5.27 -4.47
CA ARG A 63 -8.24 6.47 -5.25
C ARG A 63 -9.29 7.52 -4.89
N GLU A 64 -10.52 7.05 -4.75
CA GLU A 64 -11.63 7.93 -4.41
C GLU A 64 -11.49 8.43 -2.97
N MET A 65 -11.03 7.53 -2.10
CA MET A 65 -10.85 7.86 -0.70
C MET A 65 -9.72 8.88 -0.52
N LEU A 66 -8.68 8.71 -1.33
CA LEU A 66 -7.53 9.61 -1.26
C LEU A 66 -7.83 10.86 -2.10
N GLY A 67 -8.00 10.65 -3.40
CA GLY A 67 -8.27 11.74 -4.31
C GLY A 67 -7.62 11.51 -5.67
N THR A 1 -18.41 -21.20 21.30
CA THR A 1 -18.15 -21.12 19.87
C THR A 1 -16.66 -20.86 19.61
N TYR A 2 -16.18 -21.43 18.52
CA TYR A 2 -14.79 -21.26 18.14
C TYR A 2 -14.65 -20.73 16.72
N SER A 3 -14.32 -19.45 16.62
CA SER A 3 -14.16 -18.80 15.33
C SER A 3 -12.80 -18.13 15.25
N LEU A 4 -12.41 -17.79 14.02
CA LEU A 4 -11.13 -17.15 13.79
C LEU A 4 -11.33 -15.62 13.85
N ARG A 5 -10.29 -14.95 14.35
CA ARG A 5 -10.33 -13.50 14.47
C ARG A 5 -8.91 -12.93 14.56
N THR A 6 -8.42 -12.47 13.42
CA THR A 6 -7.09 -11.91 13.37
C THR A 6 -6.04 -12.97 13.72
N PHE A 7 -5.51 -13.60 12.69
CA PHE A 7 -4.51 -14.63 12.88
C PHE A 7 -3.16 -14.20 12.30
N PHE A 8 -2.32 -13.64 13.18
CA PHE A 8 -1.01 -13.18 12.77
C PHE A 8 -0.20 -14.32 12.14
N VAL A 9 0.15 -14.12 10.87
CA VAL A 9 0.92 -15.12 10.15
C VAL A 9 1.88 -14.41 9.19
N ARG A 10 1.55 -14.49 7.91
CA ARG A 10 2.37 -13.87 6.88
C ARG A 10 1.69 -13.96 5.52
N GLU A 11 1.86 -15.10 4.87
CA GLU A 11 1.26 -15.32 3.57
C GLU A 11 1.33 -14.03 2.73
N SER A 12 0.22 -13.32 2.72
CA SER A 12 0.12 -12.08 1.97
C SER A 12 0.30 -10.88 2.91
N ALA A 13 0.89 -9.82 2.37
CA ALA A 13 1.10 -8.61 3.14
C ALA A 13 1.58 -9.00 4.55
N GLU A 14 0.87 -8.47 5.55
CA GLU A 14 1.20 -8.75 6.93
C GLU A 14 -0.03 -8.54 7.82
N GLY A 15 -1.19 -8.76 7.22
CA GLY A 15 -2.45 -8.60 7.95
C GLY A 15 -2.81 -7.12 8.10
N LEU A 16 -2.03 -6.28 7.43
CA LEU A 16 -2.26 -4.85 7.48
C LEU A 16 -3.76 -4.58 7.49
N THR A 17 -4.12 -3.44 8.10
CA THR A 17 -5.51 -3.06 8.20
C THR A 17 -5.92 -2.24 6.96
N GLN A 18 -7.22 -2.24 6.69
CA GLN A 18 -7.75 -1.52 5.56
C GLN A 18 -7.28 -0.06 5.58
N GLY A 19 -7.14 0.45 6.80
CA GLY A 19 -6.69 1.83 6.98
C GLY A 19 -5.19 1.96 6.67
N GLU A 20 -4.44 0.95 7.10
CA GLU A 20 -3.00 0.94 6.88
C GLU A 20 -2.70 0.94 5.38
N LEU A 21 -3.52 0.19 4.65
CA LEU A 21 -3.35 0.09 3.21
C LEU A 21 -3.53 1.47 2.58
N MET A 22 -4.51 2.20 3.10
CA MET A 22 -4.81 3.53 2.60
C MET A 22 -3.58 4.43 2.68
N LYS A 23 -3.11 4.63 3.91
CA LYS A 23 -1.95 5.47 4.14
C LYS A 23 -0.75 4.88 3.39
N LEU A 24 -0.79 3.57 3.21
CA LEU A 24 0.29 2.88 2.52
C LEU A 24 0.31 3.31 1.05
N ILE A 25 -0.88 3.38 0.47
CA ILE A 25 -1.02 3.78 -0.92
C ILE A 25 -0.61 5.24 -1.06
N LYS A 26 -1.14 6.06 -0.15
CA LYS A 26 -0.84 7.49 -0.16
C LYS A 26 0.65 7.70 0.10
N GLU A 27 1.20 6.82 0.93
CA GLU A 27 2.61 6.90 1.28
C GLU A 27 3.48 6.77 0.02
N ILE A 28 3.01 5.93 -0.90
CA ILE A 28 3.73 5.71 -2.13
C ILE A 28 3.68 6.97 -2.99
N VAL A 29 2.58 7.70 -2.84
CA VAL A 29 2.40 8.94 -3.58
C VAL A 29 3.04 10.09 -2.80
N GLU A 30 3.92 9.73 -1.89
CA GLU A 30 4.60 10.73 -1.07
C GLU A 30 5.57 11.55 -1.93
N ASN A 31 6.05 10.92 -2.99
CA ASN A 31 6.97 11.58 -3.90
C ASN A 31 6.67 11.14 -5.34
N GLU A 32 5.41 11.35 -5.73
CA GLU A 32 4.99 10.98 -7.07
C GLU A 32 5.77 11.78 -8.12
N ASP A 33 5.08 12.12 -9.19
CA ASP A 33 5.70 12.88 -10.27
C ASP A 33 4.62 13.60 -11.07
N LYS A 34 4.85 13.68 -12.37
CA LYS A 34 3.90 14.34 -13.25
C LYS A 34 4.07 13.80 -14.67
N ARG A 35 4.14 12.48 -14.75
CA ARG A 35 4.30 11.81 -16.04
C ARG A 35 4.20 10.30 -15.87
N LYS A 36 4.70 9.82 -14.75
CA LYS A 36 4.67 8.39 -14.45
C LYS A 36 4.59 8.20 -12.94
N PRO A 37 3.53 8.79 -12.34
CA PRO A 37 3.31 8.69 -10.90
C PRO A 37 2.78 7.31 -10.54
N TYR A 38 2.46 7.14 -9.26
CA TYR A 38 1.95 5.88 -8.76
C TYR A 38 0.43 5.79 -8.97
N SER A 39 0.03 5.88 -10.23
CA SER A 39 -1.38 5.80 -10.57
C SER A 39 -1.97 4.49 -10.06
N ASP A 40 -3.29 4.42 -10.10
CA ASP A 40 -3.99 3.23 -9.65
C ASP A 40 -3.30 1.99 -10.21
N GLN A 41 -2.90 2.11 -11.47
CA GLN A 41 -2.22 1.01 -12.14
C GLN A 41 -0.87 0.73 -11.49
N GLU A 42 -0.15 1.83 -11.22
CA GLU A 42 1.16 1.71 -10.59
C GLU A 42 1.03 1.11 -9.19
N ILE A 43 0.48 1.90 -8.29
CA ILE A 43 0.29 1.46 -6.92
C ILE A 43 -0.17 0.00 -6.91
N ALA A 44 -1.12 -0.29 -7.79
CA ALA A 44 -1.66 -1.64 -7.90
C ALA A 44 -0.51 -2.61 -8.19
N ASN A 45 0.34 -2.21 -9.11
CA ASN A 45 1.48 -3.04 -9.50
C ASN A 45 2.47 -3.10 -8.33
N ILE A 46 2.61 -1.97 -7.65
CA ILE A 46 3.51 -1.88 -6.51
C ILE A 46 3.20 -3.02 -5.54
N LEU A 47 1.91 -3.21 -5.29
CA LEU A 47 1.47 -4.25 -4.38
C LEU A 47 2.14 -5.57 -4.76
N LYS A 48 2.33 -5.74 -6.06
CA LYS A 48 2.96 -6.96 -6.58
C LYS A 48 4.32 -7.14 -5.90
N GLU A 49 4.89 -6.02 -5.48
CA GLU A 49 6.19 -6.06 -4.82
C GLU A 49 6.28 -7.24 -3.87
N LYS A 50 5.12 -7.63 -3.35
CA LYS A 50 5.06 -8.74 -2.42
C LYS A 50 3.60 -9.17 -2.23
N GLY A 51 2.73 -8.17 -2.20
CA GLY A 51 1.31 -8.41 -2.02
C GLY A 51 0.80 -7.78 -0.73
N PHE A 52 0.37 -6.54 -0.85
CA PHE A 52 -0.15 -5.81 0.30
C PHE A 52 -1.63 -6.08 0.49
N LYS A 53 -2.18 -6.89 -0.40
CA LYS A 53 -3.59 -7.23 -0.35
C LYS A 53 -4.41 -6.14 -1.04
N VAL A 54 -4.00 -5.82 -2.25
CA VAL A 54 -4.68 -4.79 -3.03
C VAL A 54 -5.05 -5.35 -4.40
N ALA A 55 -5.67 -4.50 -5.21
CA ALA A 55 -6.09 -4.91 -6.54
C ALA A 55 -6.70 -3.70 -7.26
N ARG A 56 -6.57 -3.72 -8.58
CA ARG A 56 -7.10 -2.65 -9.41
C ARG A 56 -8.38 -2.08 -8.77
N ARG A 57 -9.26 -2.99 -8.37
CA ARG A 57 -10.51 -2.59 -7.77
C ARG A 57 -10.25 -1.82 -6.48
N THR A 58 -9.47 -2.42 -5.60
CA THR A 58 -9.14 -1.80 -4.33
C THR A 58 -8.41 -0.47 -4.56
N VAL A 59 -7.48 -0.51 -5.50
CA VAL A 59 -6.71 0.68 -5.83
C VAL A 59 -7.65 1.76 -6.38
N ALA A 60 -8.51 1.33 -7.30
CA ALA A 60 -9.46 2.24 -7.91
C ALA A 60 -10.29 2.93 -6.81
N LYS A 61 -10.69 2.13 -5.84
CA LYS A 61 -11.47 2.65 -4.73
C LYS A 61 -10.64 3.67 -3.95
N TYR A 62 -9.40 3.29 -3.70
CA TYR A 62 -8.48 4.15 -2.96
C TYR A 62 -8.15 5.41 -3.76
N ARG A 63 -7.95 5.20 -5.06
CA ARG A 63 -7.61 6.31 -5.95
C ARG A 63 -8.52 7.51 -5.65
N GLU A 64 -9.79 7.22 -5.42
CA GLU A 64 -10.76 8.26 -5.14
C GLU A 64 -10.48 8.87 -3.77
N MET A 65 -10.11 8.01 -2.82
CA MET A 65 -9.81 8.46 -1.48
C MET A 65 -8.54 9.30 -1.45
N LEU A 66 -7.58 8.91 -2.27
CA LEU A 66 -6.31 9.62 -2.34
C LEU A 66 -6.46 10.82 -3.28
N GLY A 67 -6.80 10.50 -4.53
CA GLY A 67 -6.98 11.54 -5.53
C GLY A 67 -8.41 11.56 -6.06
N THR A 1 6.14 -40.31 23.59
CA THR A 1 5.14 -39.54 24.31
C THR A 1 5.35 -38.04 24.09
N TYR A 2 5.22 -37.64 22.84
CA TYR A 2 5.40 -36.24 22.49
C TYR A 2 5.08 -35.99 21.00
N SER A 3 4.84 -34.74 20.68
CA SER A 3 4.52 -34.36 19.31
C SER A 3 4.48 -32.84 19.18
N LEU A 4 4.55 -32.39 17.94
CA LEU A 4 4.52 -30.96 17.67
C LEU A 4 4.43 -30.74 16.15
N ARG A 5 4.21 -29.48 15.78
CA ARG A 5 4.11 -29.12 14.38
C ARG A 5 3.84 -27.62 14.24
N THR A 6 3.97 -27.15 13.00
CA THR A 6 3.76 -25.74 12.72
C THR A 6 3.39 -25.55 11.25
N PHE A 7 2.89 -24.36 10.94
CA PHE A 7 2.50 -24.04 9.58
C PHE A 7 2.54 -22.53 9.35
N PHE A 8 3.23 -22.14 8.28
CA PHE A 8 3.35 -20.73 7.93
C PHE A 8 4.22 -20.55 6.68
N VAL A 9 3.99 -19.43 6.01
CA VAL A 9 4.74 -19.12 4.81
C VAL A 9 4.98 -17.61 4.73
N ARG A 10 4.25 -16.98 3.82
CA ARG A 10 4.37 -15.54 3.64
C ARG A 10 3.50 -15.07 2.46
N GLU A 11 2.30 -14.64 2.80
CA GLU A 11 1.37 -14.17 1.79
C GLU A 11 0.44 -13.11 2.39
N SER A 12 -0.02 -12.22 1.53
CA SER A 12 -0.92 -11.16 1.95
C SER A 12 -0.17 -10.15 2.83
N ALA A 13 -0.74 -8.96 2.94
CA ALA A 13 -0.13 -7.91 3.74
C ALA A 13 -0.10 -8.36 5.21
N GLU A 14 0.44 -7.48 6.04
CA GLU A 14 0.55 -7.77 7.46
C GLU A 14 -0.78 -7.50 8.15
N GLY A 15 -1.83 -8.05 7.58
CA GLY A 15 -3.17 -7.88 8.13
C GLY A 15 -3.43 -6.42 8.49
N LEU A 16 -2.68 -5.54 7.84
CA LEU A 16 -2.81 -4.11 8.08
C LEU A 16 -4.29 -3.73 8.02
N THR A 17 -4.60 -2.58 8.63
CA THR A 17 -5.97 -2.10 8.64
C THR A 17 -6.26 -1.28 7.38
N GLN A 18 -7.53 -1.18 7.05
CA GLN A 18 -7.95 -0.43 5.89
C GLN A 18 -7.42 1.01 5.97
N GLY A 19 -7.33 1.50 7.19
CA GLY A 19 -6.84 2.85 7.42
C GLY A 19 -5.34 2.95 7.13
N GLU A 20 -4.63 1.89 7.49
CA GLU A 20 -3.19 1.85 7.28
C GLU A 20 -2.88 1.81 5.78
N LEU A 21 -3.69 1.07 5.05
CA LEU A 21 -3.52 0.94 3.62
C LEU A 21 -3.66 2.33 2.97
N MET A 22 -4.61 3.09 3.48
CA MET A 22 -4.86 4.43 2.97
C MET A 22 -3.56 5.24 2.91
N LYS A 23 -2.98 5.44 4.09
CA LYS A 23 -1.75 6.20 4.19
C LYS A 23 -0.65 5.49 3.40
N LEU A 24 -0.79 4.17 3.31
CA LEU A 24 0.18 3.35 2.59
C LEU A 24 0.13 3.71 1.11
N ILE A 25 -1.09 3.81 0.59
CA ILE A 25 -1.29 4.14 -0.81
C ILE A 25 -0.85 5.58 -1.06
N LYS A 26 -1.28 6.46 -0.17
CA LYS A 26 -0.95 7.87 -0.28
C LYS A 26 0.57 8.04 -0.11
N GLU A 27 1.14 7.18 0.72
CA GLU A 27 2.57 7.22 0.97
C GLU A 27 3.34 7.09 -0.34
N ILE A 28 2.84 6.21 -1.20
CA ILE A 28 3.48 5.98 -2.48
C ILE A 28 3.33 7.24 -3.35
N VAL A 29 2.17 7.86 -3.24
CA VAL A 29 1.90 9.06 -4.00
C VAL A 29 2.49 10.27 -3.28
N GLU A 30 3.11 10.00 -2.14
CA GLU A 30 3.73 11.04 -1.35
C GLU A 30 4.99 11.57 -2.06
N ASN A 31 5.61 10.69 -2.82
CA ASN A 31 6.81 11.06 -3.54
C ASN A 31 6.71 10.54 -4.98
N GLU A 32 5.57 10.82 -5.60
CA GLU A 32 5.34 10.40 -6.98
C GLU A 32 6.36 11.04 -7.91
N ASP A 33 5.98 11.13 -9.18
CA ASP A 33 6.85 11.72 -10.18
C ASP A 33 6.00 12.14 -11.39
N LYS A 34 6.55 13.09 -12.15
CA LYS A 34 5.86 13.58 -13.33
C LYS A 34 5.70 12.44 -14.34
N ARG A 35 6.83 12.04 -14.91
CA ARG A 35 6.82 10.97 -15.89
C ARG A 35 6.61 9.62 -15.20
N LYS A 36 6.60 9.67 -13.87
CA LYS A 36 6.41 8.46 -13.08
C LYS A 36 5.42 8.75 -11.95
N PRO A 37 4.11 8.75 -12.32
CA PRO A 37 3.06 9.02 -11.35
C PRO A 37 2.84 7.80 -10.45
N TYR A 38 1.66 7.76 -9.84
CA TYR A 38 1.31 6.67 -8.96
C TYR A 38 -0.21 6.48 -8.90
N SER A 39 -0.79 6.34 -10.08
CA SER A 39 -2.23 6.14 -10.18
C SER A 39 -2.60 4.72 -9.75
N ASP A 40 -3.90 4.50 -9.59
CA ASP A 40 -4.39 3.20 -9.17
C ASP A 40 -3.64 2.12 -9.94
N GLN A 41 -3.33 2.41 -11.19
CA GLN A 41 -2.61 1.47 -12.03
C GLN A 41 -1.26 1.13 -11.41
N GLU A 42 -0.46 2.18 -11.23
CA GLU A 42 0.88 2.01 -10.66
C GLU A 42 0.78 1.39 -9.26
N ILE A 43 0.15 2.13 -8.37
CA ILE A 43 -0.02 1.67 -7.00
C ILE A 43 -0.44 0.20 -7.01
N ALA A 44 -1.45 -0.09 -7.82
CA ALA A 44 -1.95 -1.45 -7.94
C ALA A 44 -0.83 -2.37 -8.38
N ASN A 45 0.00 -1.87 -9.29
CA ASN A 45 1.12 -2.63 -9.80
C ASN A 45 2.16 -2.80 -8.70
N ILE A 46 2.10 -1.91 -7.73
CA ILE A 46 3.04 -1.95 -6.62
C ILE A 46 2.78 -3.21 -5.80
N LEU A 47 1.51 -3.48 -5.54
CA LEU A 47 1.12 -4.65 -4.78
C LEU A 47 1.70 -5.90 -5.44
N LYS A 48 1.71 -5.87 -6.77
CA LYS A 48 2.21 -7.00 -7.53
C LYS A 48 3.66 -7.28 -7.11
N GLU A 49 4.28 -6.26 -6.53
CA GLU A 49 5.65 -6.39 -6.07
C GLU A 49 5.75 -7.43 -4.95
N LYS A 50 4.60 -7.98 -4.59
CA LYS A 50 4.54 -8.98 -3.55
C LYS A 50 4.84 -8.32 -2.20
N GLY A 51 4.30 -7.12 -2.03
CA GLY A 51 4.50 -6.38 -0.80
C GLY A 51 3.17 -6.20 -0.05
N PHE A 52 2.09 -6.38 -0.78
CA PHE A 52 0.76 -6.24 -0.20
C PHE A 52 -0.30 -6.84 -1.12
N LYS A 53 -1.50 -6.98 -0.56
CA LYS A 53 -2.61 -7.54 -1.31
C LYS A 53 -3.15 -6.50 -2.28
N VAL A 54 -4.30 -5.94 -1.93
CA VAL A 54 -4.94 -4.93 -2.76
C VAL A 54 -5.28 -5.53 -4.13
N ALA A 55 -5.78 -4.69 -5.00
CA ALA A 55 -6.15 -5.12 -6.34
C ALA A 55 -6.79 -3.95 -7.08
N ARG A 56 -6.65 -3.98 -8.40
CA ARG A 56 -7.20 -2.94 -9.25
C ARG A 56 -8.51 -2.41 -8.64
N ARG A 57 -9.37 -3.35 -8.27
CA ARG A 57 -10.65 -2.99 -7.67
C ARG A 57 -10.43 -2.21 -6.37
N THR A 58 -9.63 -2.78 -5.50
CA THR A 58 -9.34 -2.15 -4.22
C THR A 58 -8.68 -0.78 -4.43
N VAL A 59 -7.67 -0.78 -5.30
CA VAL A 59 -6.95 0.44 -5.60
C VAL A 59 -7.94 1.49 -6.14
N ALA A 60 -8.77 1.04 -7.06
CA ALA A 60 -9.75 1.92 -7.67
C ALA A 60 -10.58 2.58 -6.57
N LYS A 61 -10.96 1.79 -5.59
CA LYS A 61 -11.74 2.29 -4.47
C LYS A 61 -10.92 3.31 -3.68
N TYR A 62 -9.65 2.97 -3.49
CA TYR A 62 -8.74 3.85 -2.77
C TYR A 62 -8.52 5.16 -3.53
N ARG A 63 -8.39 5.03 -4.84
CA ARG A 63 -8.18 6.19 -5.69
C ARG A 63 -9.17 7.30 -5.33
N GLU A 64 -10.40 6.89 -5.08
CA GLU A 64 -11.45 7.83 -4.74
C GLU A 64 -11.18 8.44 -3.36
N MET A 65 -10.71 7.60 -2.46
CA MET A 65 -10.40 8.05 -1.10
C MET A 65 -9.19 8.98 -1.10
N LEU A 66 -8.27 8.71 -2.01
CA LEU A 66 -7.06 9.52 -2.12
C LEU A 66 -6.56 9.48 -3.57
N GLY A 67 -6.92 10.53 -4.31
CA GLY A 67 -6.52 10.63 -5.70
C GLY A 67 -6.90 11.99 -6.27
N THR A 1 2.48 -23.51 35.82
CA THR A 1 2.48 -22.13 36.28
C THR A 1 3.04 -21.21 35.18
N TYR A 2 2.42 -21.28 34.02
CA TYR A 2 2.84 -20.47 32.89
C TYR A 2 1.86 -20.58 31.74
N SER A 3 1.82 -19.52 30.93
CA SER A 3 0.93 -19.50 29.78
C SER A 3 1.74 -19.55 28.48
N LEU A 4 1.02 -19.65 27.38
CA LEU A 4 1.66 -19.71 26.07
C LEU A 4 0.70 -19.18 25.01
N ARG A 5 1.17 -19.17 23.78
CA ARG A 5 0.37 -18.69 22.66
C ARG A 5 1.01 -19.07 21.34
N THR A 6 0.15 -19.36 20.36
CA THR A 6 0.62 -19.75 19.04
C THR A 6 -0.43 -19.42 17.99
N PHE A 7 0.03 -18.75 16.94
CA PHE A 7 -0.85 -18.36 15.85
C PHE A 7 -0.09 -17.56 14.78
N PHE A 8 0.04 -18.17 13.61
CA PHE A 8 0.73 -17.53 12.51
C PHE A 8 0.66 -18.38 11.24
N VAL A 9 0.67 -17.70 10.11
CA VAL A 9 0.60 -18.38 8.83
C VAL A 9 1.45 -17.62 7.80
N ARG A 10 0.77 -16.94 6.90
CA ARG A 10 1.44 -16.17 5.87
C ARG A 10 0.45 -15.26 5.15
N GLU A 11 -0.18 -15.81 4.13
CA GLU A 11 -1.15 -15.06 3.35
C GLU A 11 -0.48 -13.86 2.68
N SER A 12 -1.32 -12.99 2.13
CA SER A 12 -0.82 -11.80 1.46
C SER A 12 -0.10 -10.90 2.47
N ALA A 13 -0.17 -9.60 2.21
CA ALA A 13 0.46 -8.63 3.08
C ALA A 13 0.11 -8.94 4.53
N GLU A 14 0.79 -8.25 5.44
CA GLU A 14 0.56 -8.44 6.86
C GLU A 14 -0.88 -8.07 7.22
N GLY A 15 -1.26 -8.40 8.44
CA GLY A 15 -2.60 -8.10 8.92
C GLY A 15 -2.80 -6.60 9.09
N LEU A 16 -2.65 -5.88 7.98
CA LEU A 16 -2.81 -4.45 7.99
C LEU A 16 -4.30 -4.10 7.93
N THR A 17 -4.63 -2.95 8.50
CA THR A 17 -6.02 -2.50 8.52
C THR A 17 -6.34 -1.71 7.25
N GLN A 18 -7.62 -1.67 6.92
CA GLN A 18 -8.07 -0.96 5.74
C GLN A 18 -7.54 0.48 5.75
N GLY A 19 -7.44 1.03 6.95
CA GLY A 19 -6.94 2.38 7.12
C GLY A 19 -5.44 2.45 6.88
N GLU A 20 -4.76 1.38 7.25
CA GLU A 20 -3.32 1.30 7.07
C GLU A 20 -2.96 1.24 5.58
N LEU A 21 -3.78 0.50 4.84
CA LEU A 21 -3.55 0.35 3.41
C LEU A 21 -3.62 1.73 2.75
N MET A 22 -4.59 2.53 3.20
CA MET A 22 -4.77 3.87 2.67
C MET A 22 -3.47 4.67 2.76
N LYS A 23 -2.97 4.79 3.98
CA LYS A 23 -1.75 5.54 4.21
C LYS A 23 -0.60 4.87 3.44
N LEU A 24 -0.73 3.57 3.26
CA LEU A 24 0.29 2.81 2.55
C LEU A 24 0.31 3.24 1.09
N ILE A 25 -0.89 3.37 0.52
CA ILE A 25 -1.02 3.77 -0.87
C ILE A 25 -0.58 5.22 -1.01
N LYS A 26 -1.04 6.06 -0.09
CA LYS A 26 -0.70 7.46 -0.10
C LYS A 26 0.81 7.62 0.14
N GLU A 27 1.32 6.81 1.06
CA GLU A 27 2.73 6.85 1.39
C GLU A 27 3.58 6.70 0.13
N ILE A 28 3.09 5.87 -0.78
CA ILE A 28 3.79 5.63 -2.03
C ILE A 28 3.77 6.91 -2.87
N VAL A 29 2.62 7.59 -2.84
CA VAL A 29 2.46 8.82 -3.59
C VAL A 29 3.13 9.97 -2.84
N GLU A 30 4.03 9.59 -1.93
CA GLU A 30 4.74 10.58 -1.14
C GLU A 30 5.67 11.40 -2.03
N ASN A 31 6.10 10.78 -3.12
CA ASN A 31 7.00 11.45 -4.05
C ASN A 31 6.76 10.88 -5.45
N GLU A 32 5.51 10.91 -5.88
CA GLU A 32 5.14 10.40 -7.18
C GLU A 32 5.90 11.16 -8.28
N ASP A 33 5.27 11.22 -9.45
CA ASP A 33 5.87 11.92 -10.57
C ASP A 33 4.77 12.32 -11.56
N LYS A 34 5.02 13.41 -12.26
CA LYS A 34 4.07 13.91 -13.24
C LYS A 34 4.15 13.06 -14.50
N ARG A 35 5.36 12.89 -15.00
CA ARG A 35 5.59 12.10 -16.19
C ARG A 35 5.43 10.61 -15.89
N LYS A 36 5.21 10.32 -14.61
CA LYS A 36 5.04 8.94 -14.17
C LYS A 36 4.48 8.93 -12.75
N PRO A 37 3.18 9.34 -12.64
CA PRO A 37 2.52 9.38 -11.35
C PRO A 37 2.16 7.97 -10.88
N TYR A 38 2.00 7.84 -9.56
CA TYR A 38 1.65 6.56 -8.97
C TYR A 38 0.14 6.35 -8.98
N SER A 39 -0.43 6.32 -10.18
CA SER A 39 -1.86 6.14 -10.32
C SER A 39 -2.25 4.74 -9.85
N ASP A 40 -3.56 4.54 -9.73
CA ASP A 40 -4.08 3.26 -9.28
C ASP A 40 -3.31 2.13 -9.96
N GLN A 41 -2.90 2.39 -11.20
CA GLN A 41 -2.15 1.42 -11.96
C GLN A 41 -0.79 1.13 -11.29
N GLU A 42 -0.12 2.21 -10.93
CA GLU A 42 1.18 2.10 -10.29
C GLU A 42 1.04 1.40 -8.93
N ILE A 43 0.42 2.11 -7.99
CA ILE A 43 0.22 1.58 -6.66
C ILE A 43 -0.20 0.11 -6.76
N ALA A 44 -1.13 -0.14 -7.67
CA ALA A 44 -1.62 -1.49 -7.87
C ALA A 44 -0.44 -2.42 -8.22
N ASN A 45 0.41 -1.93 -9.10
CA ASN A 45 1.57 -2.68 -9.53
C ASN A 45 2.54 -2.81 -8.36
N ILE A 46 2.61 -1.76 -7.56
CA ILE A 46 3.49 -1.76 -6.41
C ILE A 46 3.14 -2.92 -5.49
N LEU A 47 1.85 -3.10 -5.27
CA LEU A 47 1.36 -4.16 -4.42
C LEU A 47 1.97 -5.49 -4.88
N LYS A 48 2.16 -5.60 -6.19
CA LYS A 48 2.73 -6.80 -6.77
C LYS A 48 4.08 -7.07 -6.13
N GLU A 49 4.72 -6.00 -5.69
CA GLU A 49 6.03 -6.11 -5.06
C GLU A 49 6.08 -7.33 -4.14
N LYS A 50 4.92 -7.65 -3.58
CA LYS A 50 4.81 -8.79 -2.69
C LYS A 50 3.34 -9.12 -2.46
N GLY A 51 2.54 -8.06 -2.35
CA GLY A 51 1.12 -8.22 -2.13
C GLY A 51 0.65 -7.41 -0.92
N PHE A 52 0.29 -6.17 -1.18
CA PHE A 52 -0.17 -5.29 -0.11
C PHE A 52 -1.67 -5.44 0.12
N LYS A 53 -2.15 -6.64 -0.13
CA LYS A 53 -3.56 -6.94 0.04
C LYS A 53 -4.39 -5.89 -0.70
N VAL A 54 -4.01 -5.65 -1.94
CA VAL A 54 -4.71 -4.67 -2.77
C VAL A 54 -5.21 -5.35 -4.05
N ALA A 55 -5.42 -4.54 -5.08
CA ALA A 55 -5.89 -5.06 -6.35
C ALA A 55 -6.50 -3.90 -7.16
N ARG A 56 -6.40 -4.03 -8.47
CA ARG A 56 -6.93 -3.01 -9.37
C ARG A 56 -8.27 -2.50 -8.85
N ARG A 57 -9.15 -3.44 -8.54
CA ARG A 57 -10.47 -3.09 -8.03
C ARG A 57 -10.34 -2.34 -6.70
N THR A 58 -9.38 -2.78 -5.91
CA THR A 58 -9.16 -2.16 -4.61
C THR A 58 -8.53 -0.77 -4.79
N VAL A 59 -7.45 -0.73 -5.54
CA VAL A 59 -6.75 0.52 -5.80
C VAL A 59 -7.75 1.54 -6.35
N ALA A 60 -8.65 1.04 -7.18
CA ALA A 60 -9.66 1.90 -7.79
C ALA A 60 -10.45 2.61 -6.69
N LYS A 61 -10.81 1.85 -5.67
CA LYS A 61 -11.56 2.39 -4.56
C LYS A 61 -10.70 3.43 -3.83
N TYR A 62 -9.46 3.06 -3.61
CA TYR A 62 -8.52 3.95 -2.93
C TYR A 62 -8.22 5.19 -3.77
N ARG A 63 -8.07 4.95 -5.07
CA ARG A 63 -7.77 6.03 -5.99
C ARG A 63 -8.64 7.25 -5.67
N GLU A 64 -9.91 6.98 -5.39
CA GLU A 64 -10.85 8.04 -5.06
C GLU A 64 -10.55 8.62 -3.68
N MET A 65 -10.06 7.75 -2.81
CA MET A 65 -9.73 8.16 -1.46
C MET A 65 -8.53 9.11 -1.45
N LEU A 66 -7.67 8.93 -2.44
CA LEU A 66 -6.48 9.76 -2.57
C LEU A 66 -6.09 9.87 -4.04
N GLY A 67 -5.94 8.71 -4.67
CA GLY A 67 -5.57 8.67 -6.08
C GLY A 67 -4.12 8.21 -6.25
N THR A 1 17.69 -12.19 42.63
CA THR A 1 16.26 -12.20 42.91
C THR A 1 15.52 -11.21 41.99
N TYR A 2 15.62 -11.49 40.70
CA TYR A 2 14.97 -10.64 39.71
C TYR A 2 15.01 -11.28 38.32
N SER A 3 14.04 -10.90 37.50
CA SER A 3 13.94 -11.45 36.15
C SER A 3 13.54 -10.34 35.18
N LEU A 4 13.48 -10.71 33.91
CA LEU A 4 13.12 -9.76 32.87
C LEU A 4 12.62 -10.53 31.64
N ARG A 5 12.23 -9.76 30.63
CA ARG A 5 11.74 -10.35 29.39
C ARG A 5 11.67 -9.29 28.29
N THR A 6 11.18 -9.73 27.13
CA THR A 6 11.05 -8.83 26.00
C THR A 6 9.84 -9.21 25.16
N PHE A 7 9.67 -8.49 24.06
CA PHE A 7 8.55 -8.74 23.17
C PHE A 7 8.89 -8.34 21.73
N PHE A 8 8.99 -9.33 20.87
CA PHE A 8 9.31 -9.10 19.48
C PHE A 8 9.40 -10.42 18.70
N VAL A 9 9.13 -10.32 17.41
CA VAL A 9 9.17 -11.49 16.55
C VAL A 9 9.69 -11.09 15.17
N ARG A 10 8.75 -11.02 14.22
CA ARG A 10 9.09 -10.64 12.87
C ARG A 10 7.86 -10.73 11.97
N GLU A 11 7.22 -9.59 11.78
CA GLU A 11 6.03 -9.52 10.94
C GLU A 11 5.90 -8.14 10.31
N SER A 12 5.16 -8.09 9.21
CA SER A 12 4.95 -6.84 8.50
C SER A 12 3.50 -6.74 8.03
N ALA A 13 3.34 -6.17 6.84
CA ALA A 13 2.01 -6.01 6.27
C ALA A 13 1.34 -7.38 6.15
N GLU A 14 1.15 -7.81 4.91
CA GLU A 14 0.52 -9.09 4.64
C GLU A 14 -0.46 -9.44 5.77
N GLY A 15 -1.56 -8.70 5.79
CA GLY A 15 -2.59 -8.92 6.81
C GLY A 15 -2.97 -7.61 7.50
N LEU A 16 -2.26 -6.56 7.13
CA LEU A 16 -2.51 -5.24 7.69
C LEU A 16 -3.99 -4.90 7.52
N THR A 17 -4.37 -3.78 8.12
CA THR A 17 -5.75 -3.33 8.05
C THR A 17 -5.96 -2.48 6.79
N GLN A 18 -7.23 -2.42 6.37
CA GLN A 18 -7.58 -1.66 5.18
C GLN A 18 -7.20 -0.19 5.37
N GLY A 19 -7.28 0.26 6.61
CA GLY A 19 -6.96 1.64 6.94
C GLY A 19 -5.45 1.88 6.83
N GLU A 20 -4.69 0.89 7.26
CA GLU A 20 -3.24 0.99 7.21
C GLU A 20 -2.75 1.01 5.76
N LEU A 21 -3.43 0.23 4.93
CA LEU A 21 -3.08 0.15 3.52
C LEU A 21 -3.33 1.51 2.87
N MET A 22 -4.43 2.14 3.27
CA MET A 22 -4.78 3.44 2.73
C MET A 22 -3.61 4.42 2.82
N LYS A 23 -3.12 4.58 4.04
CA LYS A 23 -2.00 5.48 4.28
C LYS A 23 -0.77 4.98 3.51
N LEU A 24 -0.71 3.67 3.35
CA LEU A 24 0.40 3.06 2.64
C LEU A 24 0.35 3.47 1.17
N ILE A 25 -0.86 3.44 0.61
CA ILE A 25 -1.06 3.81 -0.77
C ILE A 25 -0.76 5.30 -0.95
N LYS A 26 -1.27 6.09 -0.02
CA LYS A 26 -1.08 7.53 -0.05
C LYS A 26 0.42 7.84 0.10
N GLU A 27 1.05 7.09 1.00
CA GLU A 27 2.47 7.27 1.26
C GLU A 27 3.28 6.98 -0.01
N ILE A 28 2.77 6.03 -0.79
CA ILE A 28 3.43 5.64 -2.03
C ILE A 28 3.36 6.80 -3.02
N VAL A 29 2.19 7.43 -3.07
CA VAL A 29 1.99 8.56 -3.97
C VAL A 29 2.31 9.86 -3.24
N GLU A 30 3.08 9.73 -2.16
CA GLU A 30 3.46 10.87 -1.36
C GLU A 30 4.41 11.77 -2.16
N ASN A 31 5.16 11.15 -3.05
CA ASN A 31 6.11 11.87 -3.87
C ASN A 31 6.11 11.28 -5.28
N GLU A 32 4.94 11.29 -5.89
CA GLU A 32 4.80 10.76 -7.23
C GLU A 32 5.67 11.54 -8.21
N ASP A 33 5.34 11.40 -9.50
CA ASP A 33 6.09 12.09 -10.54
C ASP A 33 5.24 12.16 -11.81
N LYS A 34 5.62 13.08 -12.68
CA LYS A 34 4.90 13.26 -13.93
C LYS A 34 5.29 12.15 -14.91
N ARG A 35 6.53 11.70 -14.77
CA ARG A 35 7.04 10.64 -15.62
C ARG A 35 6.47 9.28 -15.20
N LYS A 36 6.62 8.99 -13.91
CA LYS A 36 6.14 7.73 -13.37
C LYS A 36 5.32 8.01 -12.11
N PRO A 37 4.06 8.48 -12.34
CA PRO A 37 3.16 8.78 -11.23
C PRO A 37 2.62 7.51 -10.60
N TYR A 38 2.18 7.65 -9.35
CA TYR A 38 1.64 6.52 -8.61
C TYR A 38 0.15 6.35 -8.90
N SER A 39 -0.18 6.36 -10.18
CA SER A 39 -1.56 6.21 -10.60
C SER A 39 -2.06 4.80 -10.25
N ASP A 40 -3.36 4.63 -10.38
CA ASP A 40 -3.98 3.35 -10.08
C ASP A 40 -3.17 2.23 -10.75
N GLN A 41 -2.62 2.56 -11.91
CA GLN A 41 -1.82 1.60 -12.66
C GLN A 41 -0.54 1.26 -11.89
N GLU A 42 -0.02 2.27 -11.21
CA GLU A 42 1.20 2.11 -10.44
C GLU A 42 0.89 1.44 -9.10
N ILE A 43 0.26 2.21 -8.23
CA ILE A 43 -0.10 1.71 -6.91
C ILE A 43 -0.55 0.26 -7.02
N ALA A 44 -1.47 0.03 -7.95
CA ALA A 44 -2.01 -1.30 -8.17
C ALA A 44 -0.86 -2.24 -8.54
N ASN A 45 -0.01 -1.77 -9.44
CA ASN A 45 1.13 -2.57 -9.88
C ASN A 45 2.11 -2.71 -8.72
N ILE A 46 2.04 -1.78 -7.79
CA ILE A 46 2.91 -1.80 -6.62
C ILE A 46 2.61 -3.04 -5.79
N LEU A 47 1.32 -3.35 -5.69
CA LEU A 47 0.89 -4.50 -4.91
C LEU A 47 1.59 -5.76 -5.45
N LYS A 48 1.77 -5.78 -6.75
CA LYS A 48 2.43 -6.91 -7.39
C LYS A 48 3.81 -7.11 -6.78
N GLU A 49 4.30 -6.06 -6.14
CA GLU A 49 5.61 -6.10 -5.50
C GLU A 49 5.62 -7.17 -4.40
N LYS A 50 4.46 -7.75 -4.16
CA LYS A 50 4.32 -8.77 -3.14
C LYS A 50 4.56 -8.15 -1.77
N GLY A 51 3.96 -6.98 -1.57
CA GLY A 51 4.09 -6.28 -0.30
C GLY A 51 2.71 -5.92 0.27
N PHE A 52 1.68 -6.28 -0.48
CA PHE A 52 0.33 -6.00 -0.06
C PHE A 52 -0.67 -6.83 -0.87
N LYS A 53 -1.92 -6.81 -0.42
CA LYS A 53 -2.98 -7.55 -1.09
C LYS A 53 -4.00 -6.56 -1.67
N VAL A 54 -3.51 -5.73 -2.59
CA VAL A 54 -4.35 -4.74 -3.23
C VAL A 54 -4.83 -5.29 -4.57
N ALA A 55 -5.48 -4.42 -5.33
CA ALA A 55 -6.00 -4.80 -6.64
C ALA A 55 -6.69 -3.59 -7.28
N ARG A 56 -6.73 -3.61 -8.60
CA ARG A 56 -7.36 -2.54 -9.35
C ARG A 56 -8.61 -2.05 -8.63
N ARG A 57 -9.41 -3.01 -8.17
CA ARG A 57 -10.64 -2.69 -7.46
C ARG A 57 -10.33 -1.90 -6.19
N THR A 58 -9.51 -2.50 -5.35
CA THR A 58 -9.13 -1.86 -4.10
C THR A 58 -8.42 -0.54 -4.37
N VAL A 59 -7.61 -0.54 -5.42
CA VAL A 59 -6.87 0.65 -5.80
C VAL A 59 -7.85 1.73 -6.24
N ALA A 60 -8.87 1.31 -6.95
CA ALA A 60 -9.89 2.24 -7.43
C ALA A 60 -10.60 2.87 -6.24
N LYS A 61 -10.91 2.03 -5.27
CA LYS A 61 -11.60 2.48 -4.06
C LYS A 61 -10.70 3.49 -3.33
N TYR A 62 -9.44 3.12 -3.19
CA TYR A 62 -8.48 3.98 -2.52
C TYR A 62 -8.20 5.24 -3.33
N ARG A 63 -8.11 5.06 -4.64
CA ARG A 63 -7.85 6.18 -5.53
C ARG A 63 -8.82 7.32 -5.24
N GLU A 64 -10.07 6.96 -5.02
CA GLU A 64 -11.11 7.94 -4.74
C GLU A 64 -10.89 8.55 -3.35
N MET A 65 -10.49 7.69 -2.42
CA MET A 65 -10.25 8.13 -1.05
C MET A 65 -9.01 9.04 -0.98
N LEU A 66 -8.16 8.90 -1.99
CA LEU A 66 -6.95 9.70 -2.05
C LEU A 66 -6.54 9.89 -3.52
N GLY A 67 -7.38 10.58 -4.25
CA GLY A 67 -7.13 10.83 -5.66
C GLY A 67 -8.39 11.34 -6.37
N THR A 1 21.26 -12.63 39.69
CA THR A 1 22.34 -13.33 39.02
C THR A 1 21.84 -13.98 37.74
N TYR A 2 21.43 -13.13 36.80
CA TYR A 2 20.92 -13.60 35.53
C TYR A 2 20.80 -12.45 34.52
N SER A 3 20.50 -12.82 33.29
CA SER A 3 20.35 -11.83 32.23
C SER A 3 19.04 -12.04 31.49
N LEU A 4 18.85 -11.27 30.43
CA LEU A 4 17.64 -11.36 29.64
C LEU A 4 17.99 -11.18 28.16
N ARG A 5 17.30 -11.96 27.32
CA ARG A 5 17.53 -11.90 25.89
C ARG A 5 16.63 -10.83 25.25
N THR A 6 16.68 -10.78 23.93
CA THR A 6 15.88 -9.82 23.19
C THR A 6 15.41 -10.44 21.87
N PHE A 7 14.83 -9.58 21.04
CA PHE A 7 14.34 -10.02 19.74
C PHE A 7 14.87 -9.13 18.62
N PHE A 8 14.36 -9.38 17.42
CA PHE A 8 14.78 -8.61 16.26
C PHE A 8 13.78 -7.49 15.96
N VAL A 9 12.52 -7.85 15.93
CA VAL A 9 11.46 -6.89 15.66
C VAL A 9 11.72 -6.22 14.31
N ARG A 10 11.20 -6.85 13.26
CA ARG A 10 11.37 -6.33 11.92
C ARG A 10 10.22 -6.81 11.01
N GLU A 11 10.16 -8.12 10.82
CA GLU A 11 9.12 -8.70 10.00
C GLU A 11 8.78 -7.77 8.84
N SER A 12 7.53 -7.85 8.41
CA SER A 12 7.06 -7.01 7.32
C SER A 12 5.61 -6.59 7.56
N ALA A 13 4.92 -6.27 6.47
CA ALA A 13 3.53 -5.86 6.55
C ALA A 13 2.73 -6.94 7.26
N GLU A 14 1.97 -7.69 6.47
CA GLU A 14 1.14 -8.75 7.00
C GLU A 14 0.17 -8.20 8.05
N GLY A 15 -1.06 -8.69 7.99
CA GLY A 15 -2.09 -8.26 8.91
C GLY A 15 -2.34 -6.75 8.79
N LEU A 16 -1.77 -6.17 7.75
CA LEU A 16 -1.93 -4.74 7.50
C LEU A 16 -3.37 -4.34 7.79
N THR A 17 -3.52 -3.11 8.25
CA THR A 17 -4.83 -2.58 8.58
C THR A 17 -5.43 -1.85 7.37
N GLN A 18 -6.75 -1.77 7.36
CA GLN A 18 -7.45 -1.11 6.27
C GLN A 18 -7.04 0.37 6.20
N GLY A 19 -6.79 0.94 7.38
CA GLY A 19 -6.39 2.33 7.46
C GLY A 19 -4.94 2.52 7.00
N GLU A 20 -4.10 1.58 7.41
CA GLU A 20 -2.70 1.63 7.06
C GLU A 20 -2.52 1.50 5.54
N LEU A 21 -3.28 0.58 4.97
CA LEU A 21 -3.22 0.35 3.54
C LEU A 21 -3.47 1.67 2.80
N MET A 22 -4.45 2.41 3.30
CA MET A 22 -4.80 3.69 2.71
C MET A 22 -3.59 4.62 2.67
N LYS A 23 -3.07 4.92 3.85
CA LYS A 23 -1.92 5.79 3.97
C LYS A 23 -0.74 5.18 3.20
N LEU A 24 -0.78 3.87 3.08
CA LEU A 24 0.28 3.15 2.39
C LEU A 24 0.25 3.52 0.91
N ILE A 25 -0.96 3.53 0.35
CA ILE A 25 -1.13 3.88 -1.05
C ILE A 25 -0.81 5.36 -1.25
N LYS A 26 -1.33 6.18 -0.35
CA LYS A 26 -1.11 7.61 -0.41
C LYS A 26 0.38 7.90 -0.24
N GLU A 27 1.00 7.14 0.65
CA GLU A 27 2.41 7.31 0.93
C GLU A 27 3.22 7.16 -0.36
N ILE A 28 2.78 6.24 -1.20
CA ILE A 28 3.45 6.01 -2.47
C ILE A 28 3.27 7.22 -3.39
N VAL A 29 2.14 7.90 -3.20
CA VAL A 29 1.84 9.07 -3.99
C VAL A 29 2.38 10.31 -3.27
N GLU A 30 3.04 10.07 -2.15
CA GLU A 30 3.62 11.16 -1.38
C GLU A 30 4.81 11.77 -2.12
N ASN A 31 5.46 10.94 -2.92
CA ASN A 31 6.61 11.37 -3.69
C ASN A 31 6.53 10.81 -5.11
N GLU A 32 5.37 11.04 -5.73
CA GLU A 32 5.16 10.56 -7.08
C GLU A 32 6.15 11.21 -8.04
N ASP A 33 5.77 11.23 -9.32
CA ASP A 33 6.62 11.81 -10.34
C ASP A 33 5.79 12.10 -11.58
N LYS A 34 6.31 12.97 -12.43
CA LYS A 34 5.62 13.33 -13.65
C LYS A 34 5.63 12.14 -14.61
N ARG A 35 6.81 11.83 -15.12
CA ARG A 35 6.96 10.71 -16.04
C ARG A 35 6.72 9.38 -15.31
N LYS A 36 6.65 9.48 -13.98
CA LYS A 36 6.43 8.30 -13.16
C LYS A 36 5.40 8.63 -12.08
N PRO A 37 4.11 8.62 -12.49
CA PRO A 37 3.03 8.92 -11.55
C PRO A 37 2.77 7.74 -10.62
N TYR A 38 1.58 7.73 -10.05
CA TYR A 38 1.20 6.66 -9.13
C TYR A 38 -0.33 6.47 -9.13
N SER A 39 -0.86 6.18 -10.30
CA SER A 39 -2.29 5.97 -10.44
C SER A 39 -2.68 4.61 -9.86
N ASP A 40 -3.94 4.25 -10.05
CA ASP A 40 -4.45 2.99 -9.56
C ASP A 40 -3.66 1.84 -10.19
N GLN A 41 -3.31 2.05 -11.45
CA GLN A 41 -2.55 1.05 -12.19
C GLN A 41 -1.17 0.85 -11.57
N GLU A 42 -0.48 1.96 -11.37
CA GLU A 42 0.85 1.93 -10.78
C GLU A 42 0.79 1.38 -9.36
N ILE A 43 0.18 2.16 -8.47
CA ILE A 43 0.05 1.75 -7.08
C ILE A 43 -0.33 0.28 -7.02
N ALA A 44 -1.30 -0.09 -7.85
CA ALA A 44 -1.76 -1.47 -7.90
C ALA A 44 -0.58 -2.39 -8.21
N ASN A 45 0.23 -1.96 -9.16
CA ASN A 45 1.40 -2.73 -9.57
C ASN A 45 2.42 -2.73 -8.43
N ILE A 46 2.49 -1.60 -7.74
CA ILE A 46 3.42 -1.45 -6.63
C ILE A 46 3.20 -2.60 -5.64
N LEU A 47 1.93 -2.87 -5.35
CA LEU A 47 1.58 -3.93 -4.43
C LEU A 47 2.32 -5.21 -4.82
N LYS A 48 2.39 -5.44 -6.12
CA LYS A 48 3.06 -6.62 -6.64
C LYS A 48 4.51 -6.63 -6.15
N GLU A 49 5.02 -5.43 -5.87
CA GLU A 49 6.38 -5.29 -5.40
C GLU A 49 6.53 -5.97 -4.03
N LYS A 50 5.40 -6.34 -3.45
CA LYS A 50 5.41 -6.98 -2.15
C LYS A 50 4.45 -8.18 -2.18
N GLY A 51 3.28 -7.95 -2.77
CA GLY A 51 2.28 -9.00 -2.87
C GLY A 51 1.16 -8.77 -1.86
N PHE A 52 0.93 -7.51 -1.54
CA PHE A 52 -0.11 -7.15 -0.59
C PHE A 52 -1.46 -7.69 -1.04
N LYS A 53 -2.49 -7.29 -0.31
CA LYS A 53 -3.85 -7.73 -0.61
C LYS A 53 -4.60 -6.59 -1.30
N VAL A 54 -3.96 -6.04 -2.33
CA VAL A 54 -4.57 -4.95 -3.08
C VAL A 54 -4.92 -5.43 -4.48
N ALA A 55 -5.57 -4.56 -5.23
CA ALA A 55 -5.98 -4.88 -6.59
C ALA A 55 -6.70 -3.68 -7.20
N ARG A 56 -6.66 -3.63 -8.53
CA ARG A 56 -7.30 -2.54 -9.25
C ARG A 56 -8.57 -2.09 -8.51
N ARG A 57 -9.35 -3.08 -8.09
CA ARG A 57 -10.59 -2.79 -7.38
C ARG A 57 -10.29 -2.03 -6.09
N THR A 58 -9.43 -2.62 -5.28
CA THR A 58 -9.05 -2.01 -4.01
C THR A 58 -8.42 -0.63 -4.25
N VAL A 59 -7.56 -0.58 -5.26
CA VAL A 59 -6.89 0.66 -5.60
C VAL A 59 -7.92 1.69 -6.08
N ALA A 60 -8.80 1.23 -6.95
CA ALA A 60 -9.84 2.09 -7.49
C ALA A 60 -10.63 2.71 -6.33
N LYS A 61 -10.93 1.88 -5.35
CA LYS A 61 -11.67 2.34 -4.19
C LYS A 61 -10.85 3.38 -3.43
N TYR A 62 -9.57 3.07 -3.26
CA TYR A 62 -8.66 3.97 -2.57
C TYR A 62 -8.45 5.26 -3.36
N ARG A 63 -8.35 5.10 -4.67
CA ARG A 63 -8.14 6.24 -5.55
C ARG A 63 -9.06 7.39 -5.15
N GLU A 64 -10.29 7.03 -4.81
CA GLU A 64 -11.27 8.01 -4.41
C GLU A 64 -10.91 8.61 -3.05
N MET A 65 -10.38 7.74 -2.19
CA MET A 65 -9.99 8.16 -0.85
C MET A 65 -8.79 9.12 -0.90
N LEU A 66 -7.89 8.83 -1.83
CA LEU A 66 -6.70 9.65 -1.99
C LEU A 66 -7.04 10.86 -2.88
N GLY A 67 -7.40 10.57 -4.12
CA GLY A 67 -7.75 11.62 -5.06
C GLY A 67 -9.26 11.86 -5.07
N THR A 1 18.68 -4.88 39.58
CA THR A 1 19.96 -4.79 40.26
C THR A 1 20.99 -4.08 39.39
N TYR A 2 21.03 -4.50 38.13
CA TYR A 2 21.96 -3.91 37.18
C TYR A 2 21.29 -2.80 36.37
N SER A 3 22.05 -2.25 35.42
CA SER A 3 21.54 -1.18 34.59
C SER A 3 21.60 -1.61 33.11
N LEU A 4 21.47 -0.63 32.24
CA LEU A 4 21.50 -0.88 30.81
C LEU A 4 20.34 -1.79 30.43
N ARG A 5 19.46 -1.26 29.59
CA ARG A 5 18.30 -2.01 29.15
C ARG A 5 17.62 -1.29 27.99
N THR A 6 17.52 -1.99 26.87
CA THR A 6 16.89 -1.42 25.69
C THR A 6 16.26 -2.54 24.84
N PHE A 7 15.40 -2.12 23.92
CA PHE A 7 14.73 -3.06 23.04
C PHE A 7 13.90 -2.33 21.98
N PHE A 8 13.84 -2.94 20.80
CA PHE A 8 13.09 -2.36 19.70
C PHE A 8 13.09 -3.28 18.49
N VAL A 9 11.94 -3.37 17.85
CA VAL A 9 11.79 -4.22 16.67
C VAL A 9 12.10 -3.40 15.42
N ARG A 10 11.05 -3.05 14.70
CA ARG A 10 11.19 -2.27 13.48
C ARG A 10 9.81 -1.86 12.96
N GLU A 11 9.00 -2.86 12.67
CA GLU A 11 7.65 -2.61 12.17
C GLU A 11 7.68 -2.48 10.64
N SER A 12 6.62 -2.97 10.02
CA SER A 12 6.51 -2.91 8.57
C SER A 12 5.16 -3.49 8.13
N ALA A 13 4.82 -3.23 6.88
CA ALA A 13 3.57 -3.72 6.32
C ALA A 13 3.52 -5.23 6.44
N GLU A 14 3.80 -5.89 5.32
CA GLU A 14 3.78 -7.35 5.28
C GLU A 14 2.73 -7.89 6.25
N GLY A 15 1.47 -7.61 5.93
CA GLY A 15 0.37 -8.06 6.76
C GLY A 15 -0.38 -6.88 7.36
N LEU A 16 0.00 -5.68 6.93
CA LEU A 16 -0.63 -4.47 7.41
C LEU A 16 -2.15 -4.63 7.35
N THR A 17 -2.84 -3.62 7.85
CA THR A 17 -4.29 -3.63 7.86
C THR A 17 -4.83 -3.06 6.54
N GLN A 18 -6.06 -3.45 6.23
CA GLN A 18 -6.70 -2.98 5.01
C GLN A 18 -6.83 -1.45 5.03
N GLY A 19 -7.04 -0.93 6.22
CA GLY A 19 -7.19 0.51 6.39
C GLY A 19 -5.84 1.21 6.25
N GLU A 20 -4.80 0.54 6.74
CA GLU A 20 -3.46 1.09 6.67
C GLU A 20 -3.00 1.20 5.21
N LEU A 21 -3.51 0.29 4.40
CA LEU A 21 -3.16 0.28 2.99
C LEU A 21 -3.35 1.68 2.41
N MET A 22 -4.44 2.31 2.83
CA MET A 22 -4.75 3.65 2.36
C MET A 22 -3.57 4.60 2.56
N LYS A 23 -3.13 4.69 3.80
CA LYS A 23 -2.01 5.55 4.15
C LYS A 23 -0.75 5.02 3.47
N LEU A 24 -0.68 3.71 3.35
CA LEU A 24 0.46 3.07 2.72
C LEU A 24 0.50 3.44 1.23
N ILE A 25 -0.68 3.49 0.64
CA ILE A 25 -0.80 3.83 -0.77
C ILE A 25 -0.41 5.29 -0.97
N LYS A 26 -0.90 6.13 -0.08
CA LYS A 26 -0.60 7.55 -0.15
C LYS A 26 0.89 7.77 0.06
N GLU A 27 1.51 6.82 0.74
CA GLU A 27 2.94 6.89 1.01
C GLU A 27 3.73 6.83 -0.30
N ILE A 28 3.24 6.00 -1.21
CA ILE A 28 3.90 5.84 -2.50
C ILE A 28 3.76 7.14 -3.30
N VAL A 29 2.65 7.83 -3.07
CA VAL A 29 2.39 9.08 -3.76
C VAL A 29 3.06 10.23 -2.99
N GLU A 30 4.02 9.86 -2.15
CA GLU A 30 4.75 10.83 -1.37
C GLU A 30 5.66 11.66 -2.27
N ASN A 31 6.09 11.05 -3.36
CA ASN A 31 6.96 11.71 -4.31
C ASN A 31 6.75 11.12 -5.70
N GLU A 32 5.50 11.19 -6.15
CA GLU A 32 5.14 10.66 -7.45
C GLU A 32 5.90 11.41 -8.55
N ASP A 33 5.40 11.29 -9.77
CA ASP A 33 6.02 11.95 -10.91
C ASP A 33 4.98 12.11 -12.03
N LYS A 34 5.21 13.10 -12.87
CA LYS A 34 4.31 13.37 -13.97
C LYS A 34 4.57 12.36 -15.10
N ARG A 35 5.83 12.00 -15.24
CA ARG A 35 6.23 11.04 -16.26
C ARG A 35 5.99 9.62 -15.76
N LYS A 36 5.67 9.51 -14.48
CA LYS A 36 5.42 8.21 -13.88
C LYS A 36 4.76 8.41 -12.52
N PRO A 37 3.48 8.86 -12.55
CA PRO A 37 2.72 9.10 -11.33
C PRO A 37 2.27 7.78 -10.70
N TYR A 38 2.09 7.82 -9.40
CA TYR A 38 1.66 6.64 -8.66
C TYR A 38 0.14 6.52 -8.67
N SER A 39 -0.41 6.34 -9.87
CA SER A 39 -1.85 6.21 -10.03
C SER A 39 -2.30 4.83 -9.56
N ASP A 40 -3.61 4.68 -9.43
CA ASP A 40 -4.19 3.42 -8.99
C ASP A 40 -3.54 2.27 -9.77
N GLN A 41 -3.10 2.60 -10.98
CA GLN A 41 -2.45 1.60 -11.83
C GLN A 41 -1.12 1.16 -11.21
N GLU A 42 -0.24 2.14 -11.01
CA GLU A 42 1.06 1.88 -10.43
C GLU A 42 0.91 1.21 -9.06
N ILE A 43 0.49 2.01 -8.10
CA ILE A 43 0.29 1.52 -6.74
C ILE A 43 -0.18 0.07 -6.80
N ALA A 44 -1.06 -0.20 -7.75
CA ALA A 44 -1.60 -1.54 -7.92
C ALA A 44 -0.45 -2.52 -8.17
N ASN A 45 0.32 -2.24 -9.20
CA ASN A 45 1.45 -3.08 -9.56
C ASN A 45 2.55 -2.92 -8.51
N ILE A 46 2.35 -1.94 -7.64
CA ILE A 46 3.31 -1.67 -6.58
C ILE A 46 3.07 -2.63 -5.42
N LEU A 47 1.81 -2.75 -5.05
CA LEU A 47 1.44 -3.64 -3.96
C LEU A 47 1.92 -5.06 -4.26
N LYS A 48 1.92 -5.38 -5.54
CA LYS A 48 2.35 -6.70 -5.99
C LYS A 48 3.77 -6.96 -5.47
N GLU A 49 4.58 -5.91 -5.49
CA GLU A 49 5.95 -6.01 -5.04
C GLU A 49 5.99 -6.34 -3.54
N LYS A 50 5.00 -5.83 -2.82
CA LYS A 50 4.90 -6.06 -1.40
C LYS A 50 4.23 -7.41 -1.14
N GLY A 51 3.05 -7.57 -1.72
CA GLY A 51 2.30 -8.80 -1.57
C GLY A 51 0.89 -8.53 -1.03
N PHE A 52 0.62 -7.25 -0.81
CA PHE A 52 -0.67 -6.84 -0.30
C PHE A 52 -1.80 -7.27 -1.24
N LYS A 53 -2.88 -7.75 -0.64
CA LYS A 53 -4.02 -8.20 -1.41
C LYS A 53 -4.78 -6.98 -1.95
N VAL A 54 -4.30 -6.48 -3.07
CA VAL A 54 -4.93 -5.32 -3.70
C VAL A 54 -5.25 -5.64 -5.16
N ALA A 55 -5.44 -4.59 -5.94
CA ALA A 55 -5.77 -4.76 -7.35
C ALA A 55 -6.42 -3.47 -7.87
N ARG A 56 -6.19 -3.22 -9.15
CA ARG A 56 -6.74 -2.03 -9.78
C ARG A 56 -8.09 -1.68 -9.17
N ARG A 57 -8.91 -2.72 -8.97
CA ARG A 57 -10.23 -2.53 -8.40
C ARG A 57 -10.11 -1.93 -6.99
N THR A 58 -9.38 -2.63 -6.14
CA THR A 58 -9.18 -2.19 -4.78
C THR A 58 -8.51 -0.82 -4.75
N VAL A 59 -7.48 -0.69 -5.57
CA VAL A 59 -6.74 0.56 -5.66
C VAL A 59 -7.68 1.69 -6.07
N ALA A 60 -8.53 1.38 -7.04
CA ALA A 60 -9.50 2.35 -7.53
C ALA A 60 -10.26 2.93 -6.34
N LYS A 61 -10.63 2.06 -5.42
CA LYS A 61 -11.36 2.48 -4.23
C LYS A 61 -10.49 3.43 -3.41
N TYR A 62 -9.23 3.05 -3.26
CA TYR A 62 -8.29 3.85 -2.50
C TYR A 62 -8.03 5.19 -3.19
N ARG A 63 -7.96 5.14 -4.51
CA ARG A 63 -7.72 6.34 -5.29
C ARG A 63 -8.83 7.36 -5.07
N GLU A 64 -10.05 6.84 -5.01
CA GLU A 64 -11.21 7.70 -4.79
C GLU A 64 -11.22 8.22 -3.36
N MET A 65 -10.84 7.36 -2.44
CA MET A 65 -10.80 7.73 -1.04
C MET A 65 -9.72 8.77 -0.77
N LEU A 66 -8.60 8.59 -1.46
CA LEU A 66 -7.47 9.51 -1.31
C LEU A 66 -7.69 10.73 -2.20
N GLY A 67 -7.60 10.50 -3.50
CA GLY A 67 -7.79 11.57 -4.46
C GLY A 67 -9.27 11.89 -4.65
N THR A 1 14.65 -18.15 35.87
CA THR A 1 14.69 -17.30 37.05
C THR A 1 14.35 -15.85 36.67
N TYR A 2 15.10 -15.33 35.71
CA TYR A 2 14.89 -13.97 35.26
C TYR A 2 15.47 -13.76 33.85
N SER A 3 14.58 -13.74 32.88
CA SER A 3 14.99 -13.55 31.50
C SER A 3 14.09 -12.52 30.82
N LEU A 4 14.45 -12.18 29.59
CA LEU A 4 13.70 -11.21 28.82
C LEU A 4 13.33 -11.81 27.47
N ARG A 5 12.65 -11.01 26.66
CA ARG A 5 12.23 -11.44 25.35
C ARG A 5 12.08 -10.24 24.41
N THR A 6 11.88 -10.54 23.13
CA THR A 6 11.71 -9.50 22.13
C THR A 6 10.67 -9.92 21.10
N PHE A 7 10.52 -9.08 20.08
CA PHE A 7 9.57 -9.34 19.03
C PHE A 7 9.82 -8.44 17.81
N PHE A 8 8.95 -8.58 16.82
CA PHE A 8 9.08 -7.79 15.61
C PHE A 8 7.85 -6.89 15.42
N VAL A 9 8.12 -5.60 15.32
CA VAL A 9 7.05 -4.63 15.14
C VAL A 9 7.55 -3.50 14.23
N ARG A 10 7.63 -3.80 12.94
CA ARG A 10 8.08 -2.82 11.97
C ARG A 10 7.51 -3.15 10.59
N GLU A 11 6.26 -2.76 10.39
CA GLU A 11 5.58 -3.01 9.13
C GLU A 11 5.29 -4.50 8.96
N SER A 12 4.04 -4.81 8.65
CA SER A 12 3.63 -6.18 8.45
C SER A 12 2.22 -6.22 7.84
N ALA A 13 2.18 -6.20 6.52
CA ALA A 13 0.92 -6.23 5.81
C ALA A 13 0.24 -7.59 6.04
N GLU A 14 0.07 -8.32 4.96
CA GLU A 14 -0.56 -9.63 5.03
C GLU A 14 -1.62 -9.66 6.12
N GLY A 15 -2.58 -8.76 5.99
CA GLY A 15 -3.66 -8.66 6.96
C GLY A 15 -3.90 -7.21 7.37
N LEU A 16 -3.04 -6.34 6.88
CA LEU A 16 -3.15 -4.92 7.19
C LEU A 16 -4.61 -4.49 7.11
N THR A 17 -4.90 -3.36 7.72
CA THR A 17 -6.26 -2.83 7.72
C THR A 17 -6.50 -1.99 6.47
N GLN A 18 -7.77 -1.86 6.12
CA GLN A 18 -8.15 -1.08 4.95
C GLN A 18 -7.65 0.35 5.08
N GLY A 19 -7.65 0.84 6.32
CA GLY A 19 -7.20 2.18 6.59
C GLY A 19 -5.68 2.30 6.47
N GLU A 20 -5.01 1.21 6.82
CA GLU A 20 -3.56 1.17 6.76
C GLU A 20 -3.10 1.21 5.29
N LEU A 21 -3.81 0.47 4.46
CA LEU A 21 -3.48 0.40 3.05
C LEU A 21 -3.55 1.81 2.45
N MET A 22 -4.55 2.56 2.89
CA MET A 22 -4.73 3.92 2.41
C MET A 22 -3.45 4.74 2.58
N LYS A 23 -2.99 4.81 3.82
CA LYS A 23 -1.79 5.55 4.13
C LYS A 23 -0.60 4.95 3.37
N LEU A 24 -0.64 3.63 3.24
CA LEU A 24 0.41 2.92 2.53
C LEU A 24 0.38 3.30 1.06
N ILE A 25 -0.83 3.36 0.52
CA ILE A 25 -1.01 3.72 -0.88
C ILE A 25 -0.59 5.18 -1.09
N LYS A 26 -1.06 6.03 -0.19
CA LYS A 26 -0.76 7.44 -0.26
C LYS A 26 0.75 7.64 -0.10
N GLU A 27 1.37 6.68 0.57
CA GLU A 27 2.81 6.74 0.80
C GLU A 27 3.55 6.74 -0.53
N ILE A 28 3.06 5.92 -1.46
CA ILE A 28 3.67 5.83 -2.77
C ILE A 28 3.47 7.14 -3.53
N VAL A 29 2.27 7.67 -3.40
CA VAL A 29 1.93 8.92 -4.06
C VAL A 29 2.50 10.10 -3.26
N GLU A 30 2.97 9.78 -2.06
CA GLU A 30 3.54 10.78 -1.18
C GLU A 30 4.45 11.72 -1.98
N ASN A 31 5.04 11.17 -3.02
CA ASN A 31 5.94 11.94 -3.87
C ASN A 31 6.05 11.26 -5.23
N GLU A 32 4.92 11.14 -5.91
CA GLU A 32 4.89 10.51 -7.21
C GLU A 32 5.77 11.28 -8.19
N ASP A 33 6.19 10.59 -9.24
CA ASP A 33 7.04 11.19 -10.26
C ASP A 33 6.16 11.89 -11.29
N LYS A 34 6.79 12.80 -12.03
CA LYS A 34 6.07 13.55 -13.05
C LYS A 34 5.62 12.60 -14.16
N ARG A 35 6.60 12.11 -14.92
CA ARG A 35 6.31 11.20 -16.01
C ARG A 35 5.98 9.81 -15.45
N LYS A 36 6.20 9.66 -14.16
CA LYS A 36 5.93 8.39 -13.50
C LYS A 36 5.11 8.63 -12.24
N PRO A 37 3.76 8.74 -12.43
CA PRO A 37 2.86 8.98 -11.32
C PRO A 37 2.68 7.71 -10.48
N TYR A 38 1.55 7.66 -9.78
CA TYR A 38 1.24 6.52 -8.94
C TYR A 38 -0.27 6.34 -8.79
N SER A 39 -0.92 6.15 -9.94
CA SER A 39 -2.36 5.96 -9.95
C SER A 39 -2.72 4.56 -9.46
N ASP A 40 -4.00 4.35 -9.23
CA ASP A 40 -4.48 3.06 -8.76
C ASP A 40 -3.81 1.95 -9.57
N GLN A 41 -3.56 2.25 -10.83
CA GLN A 41 -2.92 1.29 -11.71
C GLN A 41 -1.49 1.00 -11.24
N GLU A 42 -0.72 2.07 -11.08
CA GLU A 42 0.66 1.95 -10.64
C GLU A 42 0.71 1.31 -9.25
N ILE A 43 0.19 2.04 -8.28
CA ILE A 43 0.17 1.57 -6.90
C ILE A 43 -0.23 0.09 -6.89
N ALA A 44 -1.30 -0.21 -7.61
CA ALA A 44 -1.79 -1.56 -7.69
C ALA A 44 -0.68 -2.48 -8.20
N ASN A 45 0.04 -2.00 -9.19
CA ASN A 45 1.13 -2.76 -9.78
C ASN A 45 2.25 -2.92 -8.74
N ILE A 46 2.45 -1.85 -7.98
CA ILE A 46 3.47 -1.86 -6.95
C ILE A 46 3.16 -2.95 -5.93
N LEU A 47 1.93 -2.92 -5.44
CA LEU A 47 1.48 -3.89 -4.45
C LEU A 47 1.66 -5.30 -5.02
N LYS A 48 1.54 -5.39 -6.34
CA LYS A 48 1.67 -6.66 -7.02
C LYS A 48 3.05 -7.27 -6.67
N GLU A 49 3.93 -6.41 -6.20
CA GLU A 49 5.27 -6.85 -5.84
C GLU A 49 5.21 -7.82 -4.67
N LYS A 50 4.00 -8.20 -4.32
CA LYS A 50 3.78 -9.13 -3.22
C LYS A 50 4.11 -8.42 -1.90
N GLY A 51 3.57 -7.23 -1.75
CA GLY A 51 3.79 -6.45 -0.54
C GLY A 51 2.53 -6.38 0.31
N PHE A 52 1.71 -5.38 0.02
CA PHE A 52 0.47 -5.20 0.76
C PHE A 52 -0.60 -6.20 0.29
N LYS A 53 -0.64 -6.39 -1.02
CA LYS A 53 -1.60 -7.31 -1.61
C LYS A 53 -2.94 -6.59 -1.82
N VAL A 54 -3.03 -5.91 -2.96
CA VAL A 54 -4.23 -5.17 -3.30
C VAL A 54 -4.74 -5.63 -4.67
N ALA A 55 -5.34 -4.69 -5.38
CA ALA A 55 -5.87 -4.98 -6.70
C ALA A 55 -6.46 -3.70 -7.31
N ARG A 56 -6.16 -3.49 -8.57
CA ARG A 56 -6.65 -2.32 -9.28
C ARG A 56 -8.03 -1.93 -8.75
N ARG A 57 -8.83 -2.95 -8.50
CA ARG A 57 -10.18 -2.73 -8.00
C ARG A 57 -10.14 -2.00 -6.66
N THR A 58 -9.49 -2.63 -5.70
CA THR A 58 -9.37 -2.05 -4.37
C THR A 58 -8.63 -0.71 -4.44
N VAL A 59 -7.59 -0.68 -5.25
CA VAL A 59 -6.80 0.52 -5.42
C VAL A 59 -7.67 1.62 -6.03
N ALA A 60 -8.49 1.22 -6.98
CA ALA A 60 -9.38 2.15 -7.65
C ALA A 60 -10.25 2.85 -6.60
N LYS A 61 -10.72 2.07 -5.65
CA LYS A 61 -11.57 2.59 -4.58
C LYS A 61 -10.76 3.60 -3.75
N TYR A 62 -9.53 3.22 -3.46
CA TYR A 62 -8.65 4.07 -2.68
C TYR A 62 -8.33 5.36 -3.42
N ARG A 63 -8.12 5.23 -4.72
CA ARG A 63 -7.81 6.37 -5.56
C ARG A 63 -8.83 7.48 -5.34
N GLU A 64 -10.10 7.07 -5.26
CA GLU A 64 -11.18 8.01 -5.05
C GLU A 64 -11.13 8.58 -3.64
N MET A 65 -10.79 7.71 -2.70
CA MET A 65 -10.71 8.11 -1.30
C MET A 65 -9.55 9.08 -1.09
N LEU A 66 -8.49 8.88 -1.86
CA LEU A 66 -7.31 9.73 -1.76
C LEU A 66 -7.58 11.05 -2.50
N GLY A 67 -7.73 10.93 -3.82
CA GLY A 67 -7.98 12.10 -4.64
C GLY A 67 -8.95 11.77 -5.76
N THR A 1 21.77 15.39 15.83
CA THR A 1 20.80 14.59 15.10
C THR A 1 20.54 15.20 13.72
N TYR A 2 21.28 16.25 13.42
CA TYR A 2 21.13 16.94 12.15
C TYR A 2 21.87 16.18 11.04
N SER A 3 21.10 15.47 10.23
CA SER A 3 21.67 14.71 9.13
C SER A 3 20.89 14.98 7.85
N LEU A 4 21.44 14.49 6.74
CA LEU A 4 20.82 14.68 5.45
C LEU A 4 20.06 13.41 5.06
N ARG A 5 19.36 13.49 3.94
CA ARG A 5 18.59 12.36 3.45
C ARG A 5 17.88 12.73 2.15
N THR A 6 18.31 12.09 1.08
CA THR A 6 17.73 12.35 -0.23
C THR A 6 17.67 11.04 -1.04
N PHE A 7 17.83 9.94 -0.34
CA PHE A 7 17.79 8.63 -0.98
C PHE A 7 17.79 7.51 0.06
N PHE A 8 16.68 7.40 0.76
CA PHE A 8 16.53 6.38 1.80
C PHE A 8 15.13 6.38 2.38
N VAL A 9 14.16 6.20 1.49
CA VAL A 9 12.76 6.18 1.90
C VAL A 9 11.99 5.17 1.04
N ARG A 10 12.38 3.91 1.18
CA ARG A 10 11.74 2.85 0.42
C ARG A 10 10.44 2.41 1.11
N GLU A 11 10.59 1.98 2.35
CA GLU A 11 9.44 1.53 3.12
C GLU A 11 8.62 0.51 2.33
N SER A 12 8.97 -0.75 2.52
CA SER A 12 8.28 -1.82 1.83
C SER A 12 7.04 -2.25 2.62
N ALA A 13 6.80 -1.54 3.72
CA ALA A 13 5.66 -1.83 4.57
C ALA A 13 5.59 -3.33 4.82
N GLU A 14 4.48 -3.75 5.42
CA GLU A 14 4.28 -5.16 5.72
C GLU A 14 2.78 -5.46 5.86
N GLY A 15 2.50 -6.56 6.52
CA GLY A 15 1.12 -6.98 6.73
C GLY A 15 0.38 -6.00 7.66
N LEU A 16 0.34 -4.75 7.23
CA LEU A 16 -0.31 -3.72 8.02
C LEU A 16 -1.84 -3.94 7.98
N THR A 17 -2.56 -2.96 8.47
CA THR A 17 -4.01 -3.03 8.48
C THR A 17 -4.59 -2.53 7.17
N GLN A 18 -5.80 -3.00 6.88
CA GLN A 18 -6.48 -2.61 5.65
C GLN A 18 -6.70 -1.10 5.62
N GLY A 19 -6.95 -0.55 6.81
CA GLY A 19 -7.20 0.88 6.93
C GLY A 19 -5.90 1.67 6.72
N GLU A 20 -4.82 1.12 7.26
CA GLU A 20 -3.52 1.76 7.15
C GLU A 20 -3.05 1.74 5.69
N LEU A 21 -3.51 0.74 4.96
CA LEU A 21 -3.15 0.60 3.56
C LEU A 21 -3.50 1.89 2.82
N MET A 22 -4.64 2.44 3.17
CA MET A 22 -5.11 3.68 2.55
C MET A 22 -4.03 4.76 2.62
N LYS A 23 -3.69 5.15 3.84
CA LYS A 23 -2.68 6.17 4.05
C LYS A 23 -1.35 5.70 3.47
N LEU A 24 -1.19 4.38 3.44
CA LEU A 24 0.02 3.78 2.92
C LEU A 24 0.12 4.05 1.41
N ILE A 25 -1.01 3.89 0.75
CA ILE A 25 -1.07 4.12 -0.69
C ILE A 25 -0.71 5.57 -0.99
N LYS A 26 -1.27 6.47 -0.19
CA LYS A 26 -1.02 7.88 -0.36
C LYS A 26 0.47 8.16 -0.10
N GLU A 27 1.03 7.40 0.81
CA GLU A 27 2.44 7.55 1.16
C GLU A 27 3.31 7.37 -0.09
N ILE A 28 2.90 6.42 -0.93
CA ILE A 28 3.64 6.14 -2.14
C ILE A 28 3.51 7.33 -3.10
N VAL A 29 2.31 7.90 -3.12
CA VAL A 29 2.05 9.04 -3.98
C VAL A 29 2.59 10.32 -3.32
N GLU A 30 3.23 10.12 -2.17
CA GLU A 30 3.80 11.23 -1.43
C GLU A 30 4.86 11.95 -2.28
N ASN A 31 5.48 11.19 -3.17
CA ASN A 31 6.50 11.73 -4.03
C ASN A 31 6.54 10.94 -5.34
N GLU A 32 5.38 10.87 -5.98
CA GLU A 32 5.27 10.13 -7.24
C GLU A 32 6.15 10.77 -8.30
N ASP A 33 6.25 10.09 -9.44
CA ASP A 33 7.06 10.57 -10.53
C ASP A 33 6.24 11.57 -11.37
N LYS A 34 6.96 12.31 -12.21
CA LYS A 34 6.32 13.30 -13.06
C LYS A 34 5.64 12.59 -14.23
N ARG A 35 6.46 11.99 -15.07
CA ARG A 35 5.95 11.28 -16.23
C ARG A 35 5.58 9.84 -15.86
N LYS A 36 5.42 9.62 -14.56
CA LYS A 36 5.05 8.31 -14.06
C LYS A 36 4.54 8.44 -12.62
N PRO A 37 3.29 8.95 -12.49
CA PRO A 37 2.69 9.12 -11.19
C PRO A 37 2.25 7.78 -10.60
N TYR A 38 2.08 7.78 -9.29
CA TYR A 38 1.67 6.56 -8.59
C TYR A 38 0.14 6.45 -8.57
N SER A 39 -0.42 6.35 -9.77
CA SER A 39 -1.86 6.22 -9.90
C SER A 39 -2.31 4.81 -9.52
N ASP A 40 -3.62 4.65 -9.40
CA ASP A 40 -4.17 3.35 -9.05
C ASP A 40 -3.37 2.24 -9.73
N GLN A 41 -2.91 2.55 -10.94
CA GLN A 41 -2.13 1.60 -11.70
C GLN A 41 -0.81 1.29 -10.99
N GLU A 42 0.05 2.30 -10.95
CA GLU A 42 1.34 2.16 -10.30
C GLU A 42 1.18 1.42 -8.96
N ILE A 43 0.57 2.10 -8.01
CA ILE A 43 0.35 1.51 -6.70
C ILE A 43 -0.09 0.06 -6.85
N ALA A 44 -1.08 -0.13 -7.73
CA ALA A 44 -1.61 -1.46 -7.98
C ALA A 44 -0.47 -2.37 -8.45
N ASN A 45 0.40 -1.81 -9.27
CA ASN A 45 1.53 -2.55 -9.80
C ASN A 45 2.50 -2.88 -8.66
N ILE A 46 2.46 -2.04 -7.64
CA ILE A 46 3.33 -2.23 -6.48
C ILE A 46 2.95 -3.53 -5.78
N LEU A 47 1.66 -3.75 -5.66
CA LEU A 47 1.16 -4.95 -5.00
C LEU A 47 1.72 -6.19 -5.71
N LYS A 48 1.85 -6.06 -7.03
CA LYS A 48 2.36 -7.16 -7.84
C LYS A 48 3.75 -7.55 -7.32
N GLU A 49 4.41 -6.58 -6.70
CA GLU A 49 5.74 -6.80 -6.16
C GLU A 49 5.68 -7.85 -5.04
N LYS A 50 4.50 -8.40 -4.83
CA LYS A 50 4.29 -9.40 -3.80
C LYS A 50 4.42 -8.75 -2.43
N GLY A 51 3.75 -7.62 -2.28
CA GLY A 51 3.79 -6.89 -1.02
C GLY A 51 2.45 -7.01 -0.28
N PHE A 52 1.58 -6.04 -0.55
CA PHE A 52 0.27 -6.03 0.07
C PHE A 52 -0.73 -6.86 -0.72
N LYS A 53 -1.97 -6.84 -0.27
CA LYS A 53 -3.03 -7.58 -0.93
C LYS A 53 -4.06 -6.60 -1.49
N VAL A 54 -3.59 -5.77 -2.40
CA VAL A 54 -4.46 -4.78 -3.04
C VAL A 54 -5.00 -5.36 -4.34
N ALA A 55 -5.28 -4.46 -5.28
CA ALA A 55 -5.80 -4.87 -6.57
C ALA A 55 -6.46 -3.66 -7.24
N ARG A 56 -6.29 -3.60 -8.56
CA ARG A 56 -6.86 -2.50 -9.33
C ARG A 56 -8.18 -2.05 -8.72
N ARG A 57 -9.02 -3.02 -8.40
CA ARG A 57 -10.32 -2.73 -7.81
C ARG A 57 -10.14 -2.02 -6.47
N THR A 58 -9.34 -2.64 -5.61
CA THR A 58 -9.08 -2.08 -4.30
C THR A 58 -8.44 -0.70 -4.42
N VAL A 59 -7.43 -0.63 -5.28
CA VAL A 59 -6.71 0.61 -5.51
C VAL A 59 -7.70 1.68 -6.00
N ALA A 60 -8.56 1.26 -6.91
CA ALA A 60 -9.55 2.17 -7.47
C ALA A 60 -10.37 2.78 -6.34
N LYS A 61 -10.71 1.94 -5.37
CA LYS A 61 -11.48 2.39 -4.23
C LYS A 61 -10.68 3.43 -3.45
N TYR A 62 -9.41 3.12 -3.26
CA TYR A 62 -8.53 4.02 -2.53
C TYR A 62 -8.30 5.32 -3.30
N ARG A 63 -8.16 5.18 -4.61
CA ARG A 63 -7.94 6.33 -5.47
C ARG A 63 -9.07 7.34 -5.28
N GLU A 64 -10.28 6.82 -5.19
CA GLU A 64 -11.45 7.67 -5.01
C GLU A 64 -11.44 8.30 -3.62
N MET A 65 -11.03 7.50 -2.65
CA MET A 65 -10.96 7.98 -1.27
C MET A 65 -9.88 9.05 -1.10
N LEU A 66 -8.78 8.85 -1.83
CA LEU A 66 -7.67 9.79 -1.77
C LEU A 66 -8.01 11.02 -2.59
N GLY A 67 -8.06 10.83 -3.91
CA GLY A 67 -8.36 11.92 -4.81
C GLY A 67 -7.14 12.83 -5.01
N THR A 1 -4.72 17.56 30.50
CA THR A 1 -6.17 17.49 30.66
C THR A 1 -6.68 16.10 30.28
N TYR A 2 -6.33 15.69 29.07
CA TYR A 2 -6.76 14.39 28.57
C TYR A 2 -5.57 13.43 28.48
N SER A 3 -5.88 12.19 28.14
CA SER A 3 -4.86 11.17 28.02
C SER A 3 -5.11 10.30 26.79
N LEU A 4 -4.38 10.61 25.72
CA LEU A 4 -4.53 9.87 24.48
C LEU A 4 -3.34 10.19 23.56
N ARG A 5 -2.71 9.14 23.07
CA ARG A 5 -1.56 9.29 22.19
C ARG A 5 -0.90 7.94 21.94
N THR A 6 -1.51 7.16 21.07
CA THR A 6 -0.99 5.85 20.73
C THR A 6 -1.48 5.41 19.35
N PHE A 7 -0.53 5.06 18.50
CA PHE A 7 -0.84 4.63 17.16
C PHE A 7 0.44 4.37 16.35
N PHE A 8 0.67 3.09 16.09
CA PHE A 8 1.86 2.69 15.34
C PHE A 8 1.86 1.18 15.10
N VAL A 9 2.85 0.74 14.33
CA VAL A 9 2.99 -0.68 14.02
C VAL A 9 4.47 -1.03 13.94
N ARG A 10 4.94 -1.25 12.72
CA ARG A 10 6.33 -1.61 12.50
C ARG A 10 6.60 -1.73 10.99
N GLU A 11 6.04 -2.77 10.40
CA GLU A 11 6.21 -3.00 8.98
C GLU A 11 5.40 -4.22 8.54
N SER A 12 5.70 -4.68 7.34
CA SER A 12 5.01 -5.84 6.79
C SER A 12 3.50 -5.57 6.71
N ALA A 13 2.85 -6.26 5.79
CA ALA A 13 1.42 -6.09 5.61
C ALA A 13 0.71 -7.35 6.12
N GLU A 14 -0.10 -7.94 5.25
CA GLU A 14 -0.84 -9.13 5.61
C GLU A 14 -1.20 -9.11 7.10
N GLY A 15 -2.24 -8.35 7.41
CA GLY A 15 -2.70 -8.24 8.79
C GLY A 15 -2.92 -6.77 9.17
N LEU A 16 -2.56 -5.89 8.24
CA LEU A 16 -2.71 -4.46 8.47
C LEU A 16 -4.20 -4.08 8.33
N THR A 17 -4.55 -2.95 8.91
CA THR A 17 -5.91 -2.46 8.85
C THR A 17 -6.18 -1.77 7.52
N GLN A 18 -7.45 -1.73 7.16
CA GLN A 18 -7.85 -1.08 5.92
C GLN A 18 -7.35 0.35 5.87
N GLY A 19 -7.30 0.97 7.04
CA GLY A 19 -6.84 2.34 7.15
C GLY A 19 -5.33 2.44 6.91
N GLU A 20 -4.62 1.47 7.46
CA GLU A 20 -3.17 1.44 7.31
C GLU A 20 -2.78 1.35 5.84
N LEU A 21 -3.55 0.56 5.10
CA LEU A 21 -3.31 0.38 3.69
C LEU A 21 -3.38 1.75 2.98
N MET A 22 -4.36 2.54 3.41
CA MET A 22 -4.56 3.86 2.84
C MET A 22 -3.25 4.66 2.87
N LYS A 23 -2.70 4.80 4.07
CA LYS A 23 -1.47 5.54 4.25
C LYS A 23 -0.36 4.89 3.42
N LEU A 24 -0.48 3.58 3.27
CA LEU A 24 0.50 2.82 2.51
C LEU A 24 0.43 3.23 1.04
N ILE A 25 -0.79 3.31 0.54
CA ILE A 25 -1.02 3.69 -0.85
C ILE A 25 -0.66 5.16 -1.03
N LYS A 26 -1.13 5.98 -0.11
CA LYS A 26 -0.87 7.41 -0.16
C LYS A 26 0.64 7.65 0.02
N GLU A 27 1.26 6.74 0.77
CA GLU A 27 2.68 6.84 1.03
C GLU A 27 3.47 6.62 -0.26
N ILE A 28 2.94 5.76 -1.11
CA ILE A 28 3.58 5.45 -2.38
C ILE A 28 3.53 6.68 -3.28
N VAL A 29 2.37 7.33 -3.28
CA VAL A 29 2.18 8.52 -4.09
C VAL A 29 2.55 9.76 -3.28
N GLU A 30 3.19 9.50 -2.13
CA GLU A 30 3.60 10.59 -1.26
C GLU A 30 4.49 11.58 -2.01
N ASN A 31 5.18 11.06 -3.01
CA ASN A 31 6.07 11.89 -3.81
C ASN A 31 6.07 11.37 -5.26
N GLU A 32 4.88 11.33 -5.83
CA GLU A 32 4.73 10.86 -7.20
C GLU A 32 5.64 11.67 -8.14
N ASP A 33 5.32 11.60 -9.42
CA ASP A 33 6.09 12.31 -10.43
C ASP A 33 5.25 12.48 -11.69
N LYS A 34 5.76 13.31 -12.60
CA LYS A 34 5.05 13.56 -13.85
C LYS A 34 5.19 12.34 -14.76
N ARG A 35 6.43 12.04 -15.10
CA ARG A 35 6.71 10.90 -15.97
C ARG A 35 6.66 9.60 -15.17
N LYS A 36 6.34 9.73 -13.89
CA LYS A 36 6.25 8.58 -13.02
C LYS A 36 5.20 8.85 -11.94
N PRO A 37 3.91 8.76 -12.36
CA PRO A 37 2.80 8.98 -11.44
C PRO A 37 2.62 7.79 -10.50
N TYR A 38 1.42 7.70 -9.93
CA TYR A 38 1.10 6.62 -9.02
C TYR A 38 -0.40 6.34 -9.01
N SER A 39 -0.95 6.23 -10.21
CA SER A 39 -2.38 5.95 -10.36
C SER A 39 -2.70 4.55 -9.84
N ASP A 40 -3.99 4.28 -9.71
CA ASP A 40 -4.44 2.99 -9.22
C ASP A 40 -3.66 1.88 -9.93
N GLN A 41 -3.33 2.15 -11.19
CA GLN A 41 -2.58 1.18 -11.98
C GLN A 41 -1.20 0.96 -11.39
N GLU A 42 -0.46 2.06 -11.25
CA GLU A 42 0.88 1.99 -10.69
C GLU A 42 0.84 1.44 -9.27
N ILE A 43 0.25 2.22 -8.38
CA ILE A 43 0.13 1.82 -6.99
C ILE A 43 -0.21 0.33 -6.92
N ALA A 44 -1.22 -0.05 -7.69
CA ALA A 44 -1.66 -1.44 -7.72
C ALA A 44 -0.48 -2.32 -8.13
N ASN A 45 0.23 -1.87 -9.15
CA ASN A 45 1.37 -2.62 -9.66
C ASN A 45 2.43 -2.72 -8.55
N ILE A 46 2.51 -1.67 -7.76
CA ILE A 46 3.47 -1.63 -6.67
C ILE A 46 3.14 -2.73 -5.66
N LEU A 47 1.88 -2.75 -5.25
CA LEU A 47 1.42 -3.74 -4.29
C LEU A 47 1.69 -5.15 -4.85
N LYS A 48 1.59 -5.25 -6.16
CA LYS A 48 1.81 -6.52 -6.82
C LYS A 48 3.22 -7.04 -6.47
N GLU A 49 4.05 -6.11 -6.00
CA GLU A 49 5.40 -6.46 -5.62
C GLU A 49 5.40 -7.43 -4.43
N LYS A 50 4.21 -7.90 -4.11
CA LYS A 50 4.05 -8.83 -3.00
C LYS A 50 4.30 -8.10 -1.68
N GLY A 51 3.69 -6.92 -1.57
CA GLY A 51 3.83 -6.11 -0.38
C GLY A 51 2.48 -5.90 0.32
N PHE A 52 1.43 -6.16 -0.45
CA PHE A 52 0.08 -6.00 0.08
C PHE A 52 -0.94 -6.71 -0.82
N LYS A 53 -2.09 -7.01 -0.23
CA LYS A 53 -3.16 -7.67 -0.95
C LYS A 53 -4.13 -6.64 -1.50
N VAL A 54 -3.83 -6.15 -2.69
CA VAL A 54 -4.67 -5.15 -3.33
C VAL A 54 -4.99 -5.59 -4.76
N ALA A 55 -5.72 -4.73 -5.46
CA ALA A 55 -6.09 -5.02 -6.84
C ALA A 55 -6.69 -3.76 -7.47
N ARG A 56 -6.44 -3.62 -8.77
CA ARG A 56 -6.94 -2.48 -9.50
C ARG A 56 -8.27 -2.01 -8.91
N ARG A 57 -9.12 -2.98 -8.64
CA ARG A 57 -10.44 -2.69 -8.07
C ARG A 57 -10.29 -1.97 -6.72
N THR A 58 -9.58 -2.63 -5.83
CA THR A 58 -9.35 -2.08 -4.50
C THR A 58 -8.62 -0.74 -4.60
N VAL A 59 -7.59 -0.72 -5.45
CA VAL A 59 -6.81 0.48 -5.64
C VAL A 59 -7.70 1.59 -6.19
N ALA A 60 -8.54 1.22 -7.13
CA ALA A 60 -9.46 2.16 -7.74
C ALA A 60 -10.32 2.82 -6.65
N LYS A 61 -10.75 1.98 -5.71
CA LYS A 61 -11.58 2.45 -4.61
C LYS A 61 -10.79 3.48 -3.79
N TYR A 62 -9.54 3.13 -3.51
CA TYR A 62 -8.67 4.00 -2.73
C TYR A 62 -8.34 5.27 -3.51
N ARG A 63 -8.06 5.09 -4.80
CA ARG A 63 -7.73 6.21 -5.67
C ARG A 63 -8.65 7.40 -5.35
N GLU A 64 -9.92 7.10 -5.14
CA GLU A 64 -10.89 8.12 -4.83
C GLU A 64 -10.61 8.74 -3.47
N MET A 65 -10.25 7.88 -2.53
CA MET A 65 -9.95 8.33 -1.18
C MET A 65 -8.64 9.13 -1.15
N LEU A 66 -7.68 8.66 -1.93
CA LEU A 66 -6.39 9.31 -2.01
C LEU A 66 -5.72 8.98 -3.34
N GLY A 67 -5.85 9.91 -4.28
CA GLY A 67 -5.27 9.73 -5.60
C GLY A 67 -3.81 10.16 -5.62
N THR A 1 34.83 8.16 21.13
CA THR A 1 33.91 9.03 20.42
C THR A 1 32.56 8.35 20.24
N TYR A 2 31.55 9.16 19.93
CA TYR A 2 30.21 8.65 19.72
C TYR A 2 30.16 7.70 18.52
N SER A 3 28.97 7.16 18.29
CA SER A 3 28.78 6.25 17.16
C SER A 3 27.39 5.60 17.25
N LEU A 4 27.04 4.91 16.19
CA LEU A 4 25.74 4.24 16.13
C LEU A 4 24.64 5.29 15.91
N ARG A 5 23.84 5.04 14.88
CA ARG A 5 22.75 5.95 14.56
C ARG A 5 21.82 5.31 13.52
N THR A 6 20.53 5.40 13.81
CA THR A 6 19.54 4.83 12.92
C THR A 6 19.74 3.31 12.77
N PHE A 7 18.66 2.63 12.43
CA PHE A 7 18.70 1.19 12.26
C PHE A 7 17.33 0.64 11.85
N PHE A 8 17.36 -0.53 11.25
CA PHE A 8 16.14 -1.18 10.82
C PHE A 8 15.39 -0.30 9.80
N VAL A 9 14.67 -0.97 8.91
CA VAL A 9 13.91 -0.26 7.90
C VAL A 9 12.49 0.01 8.42
N ARG A 10 12.35 -0.11 9.73
CA ARG A 10 11.06 0.12 10.37
C ARG A 10 9.99 -0.72 9.69
N GLU A 11 10.13 -2.03 9.82
CA GLU A 11 9.18 -2.95 9.22
C GLU A 11 8.67 -2.40 7.89
N SER A 12 7.52 -1.74 7.96
CA SER A 12 6.91 -1.16 6.78
C SER A 12 6.04 -2.20 6.07
N ALA A 13 4.79 -1.84 5.85
CA ALA A 13 3.86 -2.72 5.19
C ALA A 13 4.09 -4.16 5.68
N GLU A 14 4.26 -5.05 4.71
CA GLU A 14 4.50 -6.45 5.03
C GLU A 14 3.48 -6.94 6.07
N GLY A 15 2.47 -7.64 5.58
CA GLY A 15 1.43 -8.17 6.45
C GLY A 15 0.49 -7.05 6.93
N LEU A 16 0.75 -5.85 6.41
CA LEU A 16 -0.06 -4.69 6.77
C LEU A 16 -1.54 -5.05 6.66
N THR A 17 -2.36 -4.23 7.28
CA THR A 17 -3.80 -4.45 7.25
C THR A 17 -4.41 -3.79 6.01
N GLN A 18 -5.60 -4.26 5.66
CA GLN A 18 -6.30 -3.72 4.50
C GLN A 18 -6.50 -2.22 4.64
N GLY A 19 -6.71 -1.80 5.88
CA GLY A 19 -6.93 -0.39 6.17
C GLY A 19 -5.62 0.39 6.05
N GLU A 20 -4.55 -0.21 6.55
CA GLU A 20 -3.25 0.42 6.50
C GLU A 20 -2.85 0.72 5.04
N LEU A 21 -3.34 -0.12 4.14
CA LEU A 21 -3.05 0.05 2.73
C LEU A 21 -3.30 1.50 2.33
N MET A 22 -4.38 2.06 2.87
CA MET A 22 -4.75 3.42 2.58
C MET A 22 -3.55 4.36 2.77
N LYS A 23 -3.01 4.33 3.98
CA LYS A 23 -1.87 5.17 4.32
C LYS A 23 -0.66 4.71 3.52
N LEU A 24 -0.63 3.41 3.23
CA LEU A 24 0.46 2.84 2.47
C LEU A 24 0.42 3.36 1.04
N ILE A 25 -0.79 3.46 0.51
CA ILE A 25 -0.99 3.95 -0.84
C ILE A 25 -0.60 5.42 -0.91
N LYS A 26 -1.07 6.18 0.08
CA LYS A 26 -0.79 7.60 0.16
C LYS A 26 0.72 7.81 0.31
N GLU A 27 1.32 6.93 1.09
CA GLU A 27 2.75 7.00 1.33
C GLU A 27 3.52 6.91 0.00
N ILE A 28 3.01 6.08 -0.89
CA ILE A 28 3.63 5.88 -2.18
C ILE A 28 3.49 7.17 -3.01
N VAL A 29 2.32 7.79 -2.87
CA VAL A 29 2.05 9.02 -3.59
C VAL A 29 2.73 10.19 -2.87
N GLU A 30 3.48 9.85 -1.84
CA GLU A 30 4.19 10.85 -1.07
C GLU A 30 5.14 11.64 -1.96
N ASN A 31 5.61 10.98 -3.01
CA ASN A 31 6.52 11.61 -3.95
C ASN A 31 6.37 10.95 -5.32
N GLU A 32 5.17 11.06 -5.87
CA GLU A 32 4.89 10.47 -7.17
C GLU A 32 5.76 11.11 -8.25
N ASP A 33 5.30 11.01 -9.48
CA ASP A 33 6.04 11.56 -10.61
C ASP A 33 5.08 11.79 -11.77
N LYS A 34 5.41 12.78 -12.60
CA LYS A 34 4.59 13.11 -13.75
C LYS A 34 4.85 12.09 -14.85
N ARG A 35 6.13 11.82 -15.08
CA ARG A 35 6.53 10.88 -16.10
C ARG A 35 6.27 9.44 -15.63
N LYS A 36 5.89 9.32 -14.37
CA LYS A 36 5.61 8.02 -13.78
C LYS A 36 4.89 8.21 -12.45
N PRO A 37 3.62 8.69 -12.55
CA PRO A 37 2.81 8.92 -11.36
C PRO A 37 2.30 7.59 -10.79
N TYR A 38 1.97 7.64 -9.50
CA TYR A 38 1.47 6.46 -8.82
C TYR A 38 -0.04 6.31 -9.01
N SER A 39 -0.43 6.09 -10.26
CA SER A 39 -1.83 5.92 -10.59
C SER A 39 -2.35 4.59 -10.04
N ASP A 40 -3.61 4.31 -10.35
CA ASP A 40 -4.23 3.07 -9.90
C ASP A 40 -3.44 1.87 -10.44
N GLN A 41 -3.00 2.02 -11.67
CA GLN A 41 -2.24 0.96 -12.32
C GLN A 41 -0.89 0.77 -11.61
N GLU A 42 -0.23 1.89 -11.36
CA GLU A 42 1.07 1.86 -10.70
C GLU A 42 0.92 1.33 -9.27
N ILE A 43 0.30 2.14 -8.42
CA ILE A 43 0.09 1.76 -7.04
C ILE A 43 -0.32 0.29 -6.98
N ALA A 44 -1.26 -0.07 -7.84
CA ALA A 44 -1.75 -1.43 -7.89
C ALA A 44 -0.58 -2.38 -8.16
N ASN A 45 0.24 -1.99 -9.12
CA ASN A 45 1.40 -2.80 -9.48
C ASN A 45 2.42 -2.75 -8.34
N ILE A 46 2.37 -1.67 -7.59
CA ILE A 46 3.28 -1.50 -6.46
C ILE A 46 3.02 -2.60 -5.43
N LEU A 47 1.75 -2.84 -5.18
CA LEU A 47 1.36 -3.86 -4.22
C LEU A 47 2.14 -5.15 -4.50
N LYS A 48 2.34 -5.41 -5.78
CA LYS A 48 3.06 -6.61 -6.19
C LYS A 48 4.46 -6.59 -5.55
N GLU A 49 4.98 -5.38 -5.38
CA GLU A 49 6.29 -5.22 -4.79
C GLU A 49 6.53 -6.26 -3.71
N LYS A 50 5.45 -6.58 -2.99
CA LYS A 50 5.51 -7.56 -1.92
C LYS A 50 4.13 -8.16 -1.69
N GLY A 51 3.30 -8.06 -2.72
CA GLY A 51 1.95 -8.58 -2.64
C GLY A 51 1.19 -7.97 -1.46
N PHE A 52 0.96 -6.67 -1.54
CA PHE A 52 0.26 -5.96 -0.49
C PHE A 52 -1.25 -6.08 -0.67
N LYS A 53 -1.66 -7.21 -1.23
CA LYS A 53 -3.07 -7.46 -1.46
C LYS A 53 -3.61 -6.43 -2.46
N VAL A 54 -4.55 -5.63 -1.98
CA VAL A 54 -5.16 -4.60 -2.83
C VAL A 54 -5.63 -5.23 -4.13
N ALA A 55 -5.81 -4.38 -5.13
CA ALA A 55 -6.26 -4.84 -6.44
C ALA A 55 -6.85 -3.66 -7.21
N ARG A 56 -6.68 -3.72 -8.53
CA ARG A 56 -7.20 -2.66 -9.38
C ARG A 56 -8.48 -2.08 -8.80
N ARG A 57 -9.38 -2.96 -8.40
CA ARG A 57 -10.64 -2.55 -7.82
C ARG A 57 -10.40 -1.75 -6.54
N THR A 58 -9.65 -2.35 -5.63
CA THR A 58 -9.34 -1.70 -4.36
C THR A 58 -8.59 -0.40 -4.60
N VAL A 59 -7.62 -0.47 -5.51
CA VAL A 59 -6.82 0.70 -5.83
C VAL A 59 -7.73 1.80 -6.36
N ALA A 60 -8.66 1.40 -7.21
CA ALA A 60 -9.59 2.35 -7.79
C ALA A 60 -10.39 3.03 -6.68
N LYS A 61 -10.83 2.22 -5.73
CA LYS A 61 -11.59 2.72 -4.60
C LYS A 61 -10.72 3.67 -3.78
N TYR A 62 -9.48 3.26 -3.58
CA TYR A 62 -8.54 4.05 -2.82
C TYR A 62 -8.26 5.39 -3.50
N ARG A 63 -8.12 5.32 -4.82
CA ARG A 63 -7.86 6.51 -5.61
C ARG A 63 -8.84 7.62 -5.23
N GLU A 64 -10.09 7.23 -5.06
CA GLU A 64 -11.13 8.18 -4.70
C GLU A 64 -10.95 8.64 -3.25
N MET A 65 -10.60 7.69 -2.41
CA MET A 65 -10.38 7.98 -0.99
C MET A 65 -9.15 8.87 -0.79
N LEU A 66 -8.12 8.58 -1.58
CA LEU A 66 -6.88 9.34 -1.51
C LEU A 66 -7.16 10.80 -1.86
N GLY A 67 -7.61 11.00 -3.09
CA GLY A 67 -7.92 12.33 -3.57
C GLY A 67 -7.69 12.45 -5.08
#